data_7LYV
#
_entry.id   7LYV
#
_cell.length_a   95.389
_cell.length_b   105.240
_cell.length_c   102.730
_cell.angle_alpha   90.000
_cell.angle_beta   91.370
_cell.angle_gamma   90.000
#
_symmetry.space_group_name_H-M   'P 1 2 1'
#
loop_
_entity.id
_entity.type
_entity.pdbx_description
1 polymer '1-103 Fab Heavy Chain'
2 polymer '1-103 Fab Light Chain'
3 water water
#
loop_
_entity_poly.entity_id
_entity_poly.type
_entity_poly.pdbx_seq_one_letter_code
_entity_poly.pdbx_strand_id
1 'polypeptide(L)'
;(PCA)LQLQESGPGLVKPSETLSLTCSVSGDAISGSNYYWGWIRQPPGKGLQWIGSIYHTGSTFYNPSFSSRVTLSVDTS
KNQFSLKLISVNAADTAVYYCARRIRGYSGTYDWGQGTLVTVSSASTKGPSVFPLAPSSKSTSGGTAALGCLVKDYFPEP
VTVSWNSGALTSGVHTFPAVLQSSGLYSLSSVVTVPSSSLGTQTYICNVNHKPSNTKVDKKVEPKSCDKGLEVLFQ
;
H,C,A,E
2 'polypeptide(L)'
;DIQLTQSPSFLSASVGDRVTITCRASQDISSYVAWYQQKPGNAPKLLISSASTLPSGVPSRFSGSRSGTDFTLTISSLQP
EDFATYYCQQLNNFGPGTTVDIKRTVAAPSVFIFPPSDEQLKSGTASVVCLLNNFYPREAKVQWKVDNALQSGNSQESVT
EQDSKDSTYSLSSTLTLSKADYEKHKVYACEVTHQGLSSPVTKSFNRGEC
;
L,D,B,F
#
# COMPACT_ATOMS: atom_id res chain seq x y z
N PCA A 1 3.65 20.37 32.89
CA PCA A 1 3.04 19.06 33.09
CB PCA A 1 4.06 17.95 32.96
CG PCA A 1 5.39 18.61 33.27
CD PCA A 1 5.07 20.07 33.03
OE PCA A 1 5.96 20.92 32.95
C PCA A 1 2.42 19.05 34.48
O PCA A 1 3.13 19.11 35.47
N LEU A 2 1.10 18.98 34.55
CA LEU A 2 0.45 18.89 35.85
C LEU A 2 0.93 17.66 36.62
N GLN A 3 1.38 17.86 37.86
CA GLN A 3 1.66 16.72 38.72
C GLN A 3 1.11 16.99 40.11
N LEU A 4 0.42 15.99 40.65
CA LEU A 4 -0.17 16.05 41.97
C LEU A 4 0.60 15.03 42.80
N GLN A 5 1.29 15.48 43.83
CA GLN A 5 2.20 14.59 44.55
C GLN A 5 1.83 14.49 46.02
N GLU A 6 1.41 13.30 46.44
CA GLU A 6 1.04 13.05 47.82
C GLU A 6 2.28 12.87 48.67
N SER A 7 2.24 13.39 49.90
CA SER A 7 3.29 13.09 50.87
C SER A 7 2.66 12.96 52.25
N GLY A 8 3.38 12.25 53.12
CA GLY A 8 2.92 12.04 54.48
C GLY A 8 3.22 10.63 54.95
N PRO A 9 3.02 10.37 56.25
CA PRO A 9 3.32 9.04 56.80
C PRO A 9 2.51 7.94 56.14
N GLY A 10 3.14 6.77 56.02
CA GLY A 10 2.47 5.58 55.52
C GLY A 10 1.93 4.68 56.61
N LEU A 11 2.05 5.07 57.87
CA LEU A 11 1.58 4.26 58.99
C LEU A 11 1.04 5.21 60.05
N VAL A 12 -0.18 4.95 60.52
CA VAL A 12 -0.85 5.77 61.51
C VAL A 12 -1.44 4.86 62.58
N LYS A 13 -1.18 5.20 63.84
CA LYS A 13 -1.74 4.41 64.92
C LYS A 13 -3.24 4.59 65.05
N PRO A 14 -3.96 3.54 65.42
CA PRO A 14 -5.39 3.67 65.69
C PRO A 14 -5.63 4.74 66.75
N SER A 15 -6.68 5.54 66.54
CA SER A 15 -7.12 6.69 67.31
C SER A 15 -6.31 7.93 67.01
N GLU A 16 -5.19 7.84 66.28
CA GLU A 16 -4.45 9.03 65.93
C GLU A 16 -4.99 9.65 64.66
N THR A 17 -4.32 10.70 64.19
CA THR A 17 -4.77 11.51 63.08
C THR A 17 -3.92 11.21 61.85
N LEU A 18 -4.59 10.98 60.72
CA LEU A 18 -3.93 10.79 59.44
C LEU A 18 -3.78 12.14 58.75
N SER A 19 -2.56 12.49 58.38
CA SER A 19 -2.29 13.74 57.67
C SER A 19 -1.52 13.49 56.39
N LEU A 20 -1.99 14.07 55.29
CA LEU A 20 -1.30 14.02 54.01
C LEU A 20 -1.30 15.41 53.39
N THR A 21 -0.29 15.65 52.54
CA THR A 21 -0.22 16.87 51.74
C THR A 21 -0.05 16.53 50.27
N CYS A 22 -0.66 17.36 49.43
CA CYS A 22 -0.54 17.28 47.98
C CYS A 22 0.24 18.51 47.50
N SER A 23 1.36 18.27 46.79
CA SER A 23 2.12 19.35 46.21
C SER A 23 1.80 19.42 44.72
N VAL A 24 1.28 20.57 44.29
CA VAL A 24 0.82 20.76 42.92
C VAL A 24 1.92 21.46 42.12
N SER A 25 2.27 20.88 40.98
CA SER A 25 3.20 21.48 40.02
C SER A 25 2.55 21.42 38.65
N GLY A 26 2.91 22.37 37.81
CA GLY A 26 2.34 22.47 36.48
C GLY A 26 1.08 23.28 36.41
N ASP A 27 0.56 23.73 37.55
CA ASP A 27 -0.62 24.58 37.58
C ASP A 27 -0.64 25.27 38.93
N ALA A 28 -1.44 26.32 39.01
CA ALA A 28 -1.61 27.09 40.24
C ALA A 28 -2.96 26.82 40.88
N ILE A 29 -2.94 26.61 42.20
CA ILE A 29 -4.20 26.49 42.93
C ILE A 29 -4.87 27.87 43.01
N SER A 30 -4.10 28.88 43.37
CA SER A 30 -4.62 30.24 43.55
C SER A 30 -5.29 30.76 42.28
N GLY A 31 -6.54 31.22 42.40
CA GLY A 31 -7.27 31.74 41.27
C GLY A 31 -7.84 30.71 40.31
N SER A 32 -7.65 29.42 40.57
CA SER A 32 -8.18 28.38 39.69
C SER A 32 -9.65 28.05 39.98
N ASN A 33 -10.29 27.46 38.95
CA ASN A 33 -11.68 27.02 38.99
C ASN A 33 -11.81 25.53 39.21
N TYR A 34 -10.90 24.95 39.96
CA TYR A 34 -10.90 23.52 40.17
C TYR A 34 -11.32 23.26 41.61
N TYR A 35 -11.89 22.08 41.83
CA TYR A 35 -11.96 21.52 43.18
C TYR A 35 -10.74 20.64 43.40
N TRP A 36 -10.02 20.91 44.48
CA TRP A 36 -8.80 20.17 44.82
C TRP A 36 -9.17 19.18 45.91
N GLY A 37 -9.01 17.88 45.63
CA GLY A 37 -9.66 16.88 46.47
C GLY A 37 -8.80 15.68 46.80
N TRP A 38 -9.37 14.85 47.67
CA TRP A 38 -8.82 13.58 48.10
C TRP A 38 -9.87 12.50 47.89
N ILE A 39 -9.42 11.38 47.35
CA ILE A 39 -10.21 10.20 47.05
C ILE A 39 -9.41 9.02 47.56
N ARG A 40 -10.07 8.05 48.19
CA ARG A 40 -9.32 6.90 48.67
C ARG A 40 -9.86 5.60 48.09
N GLN A 41 -9.03 4.57 48.19
CA GLN A 41 -9.34 3.24 47.66
C GLN A 41 -8.85 2.22 48.68
N PRO A 42 -9.74 1.73 49.55
CA PRO A 42 -9.34 0.68 50.51
C PRO A 42 -8.97 -0.59 49.77
N PRO A 43 -8.19 -1.48 50.39
CA PRO A 43 -7.78 -2.72 49.71
C PRO A 43 -8.99 -3.48 49.20
N GLY A 44 -8.92 -3.90 47.94
CA GLY A 44 -9.99 -4.67 47.32
C GLY A 44 -11.29 -3.93 47.09
N LYS A 45 -11.30 -2.60 47.15
CA LYS A 45 -12.55 -1.87 47.04
C LYS A 45 -12.44 -0.81 45.93
N GLY A 46 -13.53 -0.09 45.71
CA GLY A 46 -13.60 0.94 44.68
C GLY A 46 -13.15 2.28 45.22
N LEU A 47 -13.55 3.34 44.53
CA LEU A 47 -13.09 4.70 44.80
C LEU A 47 -14.10 5.42 45.67
N GLN A 48 -13.61 6.10 46.72
CA GLN A 48 -14.48 6.82 47.64
C GLN A 48 -13.99 8.26 47.71
N TRP A 49 -14.80 9.19 47.23
CA TRP A 49 -14.46 10.61 47.37
C TRP A 49 -14.57 11.03 48.83
N ILE A 50 -13.57 11.76 49.31
CA ILE A 50 -13.50 12.16 50.72
C ILE A 50 -13.96 13.61 50.91
N GLY A 51 -13.41 14.52 50.13
CA GLY A 51 -13.74 15.92 50.25
C GLY A 51 -12.92 16.72 49.26
N SER A 52 -13.30 17.98 49.11
CA SER A 52 -12.66 18.86 48.15
C SER A 52 -12.57 20.27 48.72
N ILE A 53 -11.69 21.07 48.14
CA ILE A 53 -11.47 22.45 48.58
C ILE A 53 -11.31 23.34 47.35
N TYR A 54 -11.88 24.53 47.43
CA TYR A 54 -11.70 25.58 46.44
C TYR A 54 -10.55 26.49 46.88
N HIS A 55 -9.99 27.24 45.92
CA HIS A 55 -8.81 28.03 46.25
C HIS A 55 -9.14 29.09 47.31
N THR A 56 -10.40 29.51 47.40
CA THR A 56 -10.83 30.42 48.45
C THR A 56 -10.73 29.83 49.84
N GLY A 57 -10.58 28.50 49.96
CA GLY A 57 -10.65 27.82 51.23
C GLY A 57 -11.98 27.14 51.52
N SER A 58 -13.00 27.38 50.69
CA SER A 58 -14.30 26.72 50.85
C SER A 58 -14.17 25.21 50.67
N THR A 59 -14.85 24.43 51.53
CA THR A 59 -14.68 22.98 51.54
C THR A 59 -16.03 22.28 51.42
N PHE A 60 -15.96 21.05 50.92
CA PHE A 60 -17.12 20.17 50.76
C PHE A 60 -16.69 18.76 51.15
N TYR A 61 -17.50 18.07 51.95
CA TYR A 61 -17.08 16.82 52.56
C TYR A 61 -18.10 15.73 52.32
N ASN A 62 -17.62 14.49 52.25
CA ASN A 62 -18.48 13.32 52.21
C ASN A 62 -19.08 13.10 53.60
N PRO A 63 -20.41 13.15 53.76
CA PRO A 63 -21.02 12.94 55.09
C PRO A 63 -20.68 11.60 55.72
N SER A 64 -20.19 10.66 54.92
CA SER A 64 -19.75 9.36 55.41
C SER A 64 -18.65 9.47 56.45
N PHE A 65 -17.84 10.51 56.34
CA PHE A 65 -16.75 10.68 57.25
C PHE A 65 -17.12 11.32 58.59
N SER A 66 -18.39 11.65 58.79
CA SER A 66 -18.90 12.17 60.06
C SER A 66 -18.13 13.34 60.66
N SER A 67 -17.73 14.27 59.80
CA SER A 67 -17.02 15.46 60.14
C SER A 67 -15.60 15.21 60.62
N ARG A 68 -15.11 13.99 60.45
CA ARG A 68 -13.75 13.60 60.81
C ARG A 68 -12.69 14.18 59.88
N VAL A 69 -13.08 14.62 58.69
CA VAL A 69 -12.17 15.13 57.66
C VAL A 69 -12.09 16.65 57.68
N THR A 70 -10.85 17.17 57.62
CA THR A 70 -10.61 18.58 57.40
C THR A 70 -9.69 18.70 56.19
N LEU A 71 -10.08 19.56 55.25
CA LEU A 71 -9.19 19.94 54.18
C LEU A 71 -8.73 21.37 54.42
N SER A 72 -7.50 21.67 54.02
CA SER A 72 -7.00 23.04 54.04
C SER A 72 -6.18 23.25 52.78
N VAL A 73 -5.95 24.50 52.45
CA VAL A 73 -5.18 24.86 51.27
C VAL A 73 -4.17 25.93 51.65
N ASP A 74 -2.96 25.82 51.10
CA ASP A 74 -1.92 26.83 51.27
C ASP A 74 -1.61 27.36 49.88
N THR A 75 -2.28 28.44 49.50
CA THR A 75 -2.07 28.99 48.16
C THR A 75 -0.69 29.60 48.00
N SER A 76 0.01 29.94 49.09
CA SER A 76 1.38 30.42 48.96
C SER A 76 2.31 29.30 48.55
N LYS A 77 2.18 28.13 49.18
CA LYS A 77 3.02 26.99 48.85
C LYS A 77 2.47 26.16 47.70
N ASN A 78 1.27 26.49 47.18
CA ASN A 78 0.64 25.71 46.11
C ASN A 78 0.45 24.25 46.54
N GLN A 79 -0.08 24.07 47.74
CA GLN A 79 -0.35 22.75 48.30
C GLN A 79 -1.73 22.76 48.93
N PHE A 80 -2.30 21.56 49.11
CA PHE A 80 -3.50 21.41 49.92
C PHE A 80 -3.37 20.11 50.70
N SER A 81 -4.14 19.99 51.77
CA SER A 81 -3.86 18.96 52.76
C SER A 81 -5.13 18.25 53.19
N LEU A 82 -4.94 17.04 53.69
CA LEU A 82 -5.97 16.21 54.28
C LEU A 82 -5.61 15.93 55.73
N LYS A 83 -6.61 16.04 56.60
CA LYS A 83 -6.47 15.62 57.99
C LYS A 83 -7.66 14.73 58.31
N LEU A 84 -7.40 13.51 58.78
CA LEU A 84 -8.46 12.57 59.13
C LEU A 84 -8.22 12.11 60.57
N ILE A 85 -9.11 12.49 61.47
CA ILE A 85 -8.90 12.21 62.88
C ILE A 85 -9.53 10.86 63.24
N SER A 86 -9.14 10.36 64.41
CA SER A 86 -9.70 9.14 65.01
C SER A 86 -9.80 7.98 64.02
N VAL A 87 -8.66 7.67 63.37
CA VAL A 87 -8.66 6.62 62.35
C VAL A 87 -8.73 5.26 63.01
N ASN A 88 -9.24 4.28 62.25
CA ASN A 88 -9.18 2.87 62.61
C ASN A 88 -8.83 2.08 61.34
N ALA A 89 -8.89 0.75 61.46
CA ALA A 89 -8.44 -0.12 60.37
C ALA A 89 -9.25 0.11 59.09
N ALA A 90 -10.49 0.56 59.20
CA ALA A 90 -11.29 0.84 58.01
C ALA A 90 -10.75 2.01 57.22
N ASP A 91 -9.83 2.79 57.78
CA ASP A 91 -9.20 3.91 57.09
C ASP A 91 -7.91 3.54 56.38
N THR A 92 -7.46 2.29 56.49
CA THR A 92 -6.35 1.81 55.67
C THR A 92 -6.78 1.83 54.20
N ALA A 93 -5.99 2.47 53.35
CA ALA A 93 -6.38 2.69 51.96
C ALA A 93 -5.24 3.36 51.22
N VAL A 94 -5.32 3.28 49.89
CA VAL A 94 -4.53 4.19 49.07
C VAL A 94 -5.25 5.52 48.99
N TYR A 95 -4.56 6.60 49.33
CA TYR A 95 -5.13 7.94 49.25
C TYR A 95 -4.55 8.65 48.04
N TYR A 96 -5.42 9.17 47.16
CA TYR A 96 -4.99 9.95 46.01
C TYR A 96 -5.38 11.40 46.23
N CYS A 97 -4.47 12.33 45.96
CA CYS A 97 -4.99 13.66 45.75
C CYS A 97 -5.37 13.80 44.27
N ALA A 98 -6.29 14.71 44.01
CA ALA A 98 -6.91 14.82 42.69
C ALA A 98 -7.46 16.23 42.51
N ARG A 99 -7.87 16.53 41.29
CA ARG A 99 -8.49 17.81 40.99
C ARG A 99 -9.57 17.59 39.96
N ARG A 100 -10.60 18.44 40.02
CA ARG A 100 -11.67 18.37 39.04
C ARG A 100 -12.08 19.79 38.70
N ILE A 101 -12.24 20.10 37.41
CA ILE A 101 -12.69 21.44 37.07
C ILE A 101 -14.16 21.59 37.43
N ARG A 102 -14.55 22.80 37.81
CA ARG A 102 -15.94 23.07 38.17
C ARG A 102 -16.87 22.87 36.99
N GLY A 103 -18.11 22.51 37.28
CA GLY A 103 -19.13 22.33 36.28
C GLY A 103 -19.56 20.88 36.15
N TYR A 104 -20.68 20.69 35.44
CA TYR A 104 -21.24 19.35 35.28
C TYR A 104 -20.33 18.40 34.49
N SER A 105 -19.48 18.90 33.61
CA SER A 105 -18.68 18.02 32.77
C SER A 105 -17.26 17.81 33.29
N GLY A 106 -16.93 18.32 34.48
CA GLY A 106 -15.55 18.24 34.95
C GLY A 106 -15.08 16.82 35.20
N THR A 107 -13.84 16.54 34.78
CA THR A 107 -13.19 15.23 34.97
C THR A 107 -12.05 15.38 35.97
N TYR A 108 -11.53 14.24 36.44
CA TYR A 108 -10.48 14.23 37.45
C TYR A 108 -9.09 14.00 36.86
N ASP A 109 -8.13 14.80 37.35
CA ASP A 109 -6.71 14.54 37.22
C ASP A 109 -6.29 13.88 38.52
N TRP A 110 -5.39 12.91 38.46
CA TRP A 110 -5.05 12.14 39.65
C TRP A 110 -3.56 12.22 39.98
N GLY A 111 -3.27 12.16 41.27
CA GLY A 111 -1.93 11.83 41.73
C GLY A 111 -1.68 10.33 41.63
N GLN A 112 -0.47 9.93 42.04
CA GLN A 112 -0.13 8.51 41.94
C GLN A 112 -0.62 7.69 43.11
N GLY A 113 -1.05 8.33 44.19
CA GLY A 113 -1.58 7.61 45.33
C GLY A 113 -0.50 7.21 46.32
N THR A 114 -0.89 7.16 47.59
CA THR A 114 0.03 6.74 48.65
C THR A 114 -0.71 5.87 49.66
N LEU A 115 -0.12 4.73 49.98
CA LEU A 115 -0.74 3.79 50.91
C LEU A 115 -0.57 4.31 52.32
N VAL A 116 -1.65 4.29 53.09
CA VAL A 116 -1.61 4.57 54.53
C VAL A 116 -2.20 3.37 55.24
N THR A 117 -1.41 2.77 56.15
CA THR A 117 -1.85 1.63 56.93
C THR A 117 -2.14 2.11 58.35
N VAL A 118 -3.33 1.79 58.84
CA VAL A 118 -3.68 2.07 60.22
C VAL A 118 -3.41 0.81 61.04
N SER A 119 -2.41 0.88 61.91
CA SER A 119 -2.04 -0.28 62.72
C SER A 119 -1.21 0.19 63.90
N SER A 120 -1.29 -0.56 65.00
CA SER A 120 -0.42 -0.32 66.14
C SER A 120 0.93 -1.01 66.00
N ALA A 121 1.11 -1.85 64.99
CA ALA A 121 2.36 -2.56 64.82
C ALA A 121 3.49 -1.60 64.43
N SER A 122 4.71 -1.94 64.82
CA SER A 122 5.87 -1.09 64.57
C SER A 122 6.49 -1.37 63.21
N THR A 123 7.16 -0.35 62.68
CA THR A 123 7.89 -0.48 61.42
C THR A 123 9.02 -1.49 61.55
N LYS A 124 9.25 -2.26 60.49
CA LYS A 124 10.35 -3.22 60.48
C LYS A 124 10.85 -3.35 59.05
N GLY A 125 12.16 -3.24 58.86
CA GLY A 125 12.76 -3.40 57.55
C GLY A 125 12.91 -4.84 57.16
N PRO A 126 12.93 -5.10 55.85
CA PRO A 126 12.98 -6.47 55.36
C PRO A 126 14.39 -7.04 55.31
N SER A 127 14.46 -8.36 55.35
CA SER A 127 15.65 -9.09 54.95
C SER A 127 15.47 -9.51 53.50
N VAL A 128 16.55 -9.49 52.72
CA VAL A 128 16.49 -9.80 51.30
C VAL A 128 17.40 -10.99 51.05
N PHE A 129 16.81 -12.07 50.54
CA PHE A 129 17.53 -13.29 50.27
C PHE A 129 17.46 -13.61 48.78
N PRO A 130 18.53 -14.16 48.23
CA PRO A 130 18.49 -14.52 46.80
C PRO A 130 17.66 -15.77 46.56
N LEU A 131 16.98 -15.78 45.42
CA LEU A 131 16.42 -17.00 44.85
C LEU A 131 17.36 -17.36 43.70
N ALA A 132 18.35 -18.20 44.01
CA ALA A 132 19.48 -18.36 43.11
C ALA A 132 19.09 -19.19 41.89
N PRO A 133 19.50 -18.78 40.69
CA PRO A 133 19.30 -19.64 39.53
C PRO A 133 20.20 -20.86 39.62
N SER A 134 19.69 -21.97 39.14
CA SER A 134 20.43 -23.23 39.17
C SER A 134 19.82 -24.14 38.12
N SER A 135 20.37 -25.34 37.99
CA SER A 135 19.77 -26.32 37.11
C SER A 135 18.33 -26.60 37.51
N LYS A 136 17.98 -26.36 38.78
CA LYS A 136 16.66 -26.65 39.28
C LYS A 136 15.68 -25.53 38.94
N SER A 137 16.15 -24.46 38.31
CA SER A 137 15.37 -23.31 37.86
C SER A 137 15.74 -22.91 36.44
N THR A 138 16.00 -23.90 35.57
CA THR A 138 16.28 -23.65 34.15
C THR A 138 15.35 -24.51 33.33
N SER A 139 14.58 -23.87 32.45
CA SER A 139 13.70 -24.57 31.52
C SER A 139 14.12 -24.22 30.10
N GLY A 140 14.69 -25.19 29.39
CA GLY A 140 15.21 -24.88 28.07
C GLY A 140 16.40 -23.97 28.20
N GLY A 141 16.42 -22.93 27.38
CA GLY A 141 17.48 -21.94 27.42
C GLY A 141 17.14 -20.78 28.34
N THR A 142 16.17 -20.98 29.24
CA THR A 142 15.64 -19.95 30.13
C THR A 142 15.95 -20.30 31.58
N ALA A 143 16.47 -19.34 32.34
CA ALA A 143 16.70 -19.51 33.78
C ALA A 143 15.85 -18.52 34.55
N ALA A 144 15.27 -18.98 35.66
CA ALA A 144 14.54 -18.11 36.59
C ALA A 144 15.39 -17.82 37.82
N LEU A 145 15.35 -16.57 38.27
CA LEU A 145 16.06 -16.14 39.47
C LEU A 145 15.21 -15.08 40.15
N GLY A 146 15.58 -14.71 41.37
CA GLY A 146 14.79 -13.72 42.07
C GLY A 146 15.33 -13.37 43.43
N CYS A 147 14.50 -12.63 44.17
CA CYS A 147 14.80 -12.13 45.49
C CYS A 147 13.61 -12.36 46.41
N LEU A 148 13.88 -12.82 47.63
CA LEU A 148 12.87 -13.03 48.64
C LEU A 148 12.97 -11.88 49.63
N VAL A 149 11.93 -11.06 49.72
CA VAL A 149 11.91 -9.87 50.57
C VAL A 149 11.01 -10.19 51.76
N LYS A 150 11.62 -10.54 52.90
CA LYS A 150 10.91 -11.20 53.98
C LYS A 150 10.84 -10.34 55.23
N ASP A 151 9.67 -10.34 55.88
CA ASP A 151 9.47 -9.87 57.25
C ASP A 151 9.59 -8.36 57.38
N TYR A 152 8.71 -7.61 56.71
CA TYR A 152 8.72 -6.15 56.81
C TYR A 152 7.33 -5.66 57.20
N PHE A 153 7.29 -4.42 57.71
CA PHE A 153 6.02 -3.78 58.00
C PHE A 153 6.27 -2.28 58.02
N PRO A 154 5.34 -1.47 57.49
CA PRO A 154 4.14 -1.89 56.75
C PRO A 154 4.43 -1.98 55.26
N GLU A 155 3.42 -2.19 54.44
CA GLU A 155 3.63 -2.03 53.01
C GLU A 155 3.88 -0.56 52.67
N PRO A 156 4.49 -0.27 51.51
CA PRO A 156 4.96 -1.23 50.50
C PRO A 156 6.47 -1.35 50.44
N VAL A 157 6.94 -2.37 49.74
CA VAL A 157 8.31 -2.38 49.23
C VAL A 157 8.23 -2.21 47.72
N THR A 158 9.30 -1.69 47.14
CA THR A 158 9.45 -1.65 45.70
C THR A 158 10.67 -2.46 45.30
N VAL A 159 10.55 -3.22 44.21
CA VAL A 159 11.64 -4.03 43.70
C VAL A 159 11.86 -3.69 42.24
N SER A 160 13.09 -3.34 41.89
CA SER A 160 13.52 -3.21 40.51
C SER A 160 14.64 -4.20 40.26
N TRP A 161 14.91 -4.49 39.00
CA TRP A 161 16.03 -5.35 38.63
C TRP A 161 17.00 -4.57 37.75
N ASN A 162 18.28 -4.58 38.15
CA ASN A 162 19.35 -3.89 37.43
C ASN A 162 18.99 -2.43 37.17
N SER A 163 18.53 -1.75 38.23
CA SER A 163 18.18 -0.33 38.21
C SER A 163 17.15 0.00 37.14
N GLY A 164 16.28 -0.94 36.81
CA GLY A 164 15.22 -0.70 35.86
C GLY A 164 15.52 -1.15 34.45
N ALA A 165 16.75 -1.56 34.16
CA ALA A 165 17.09 -2.03 32.82
C ALA A 165 16.44 -3.36 32.50
N LEU A 166 16.11 -4.16 33.52
CA LEU A 166 15.51 -5.46 33.34
C LEU A 166 14.05 -5.37 33.77
N THR A 167 13.14 -5.42 32.79
CA THR A 167 11.71 -5.30 33.06
C THR A 167 10.97 -6.46 32.41
N SER A 168 11.48 -6.93 31.27
CA SER A 168 10.84 -8.04 30.58
C SER A 168 10.90 -9.30 31.42
N GLY A 169 9.73 -9.88 31.67
CA GLY A 169 9.66 -11.12 32.43
C GLY A 169 9.77 -10.96 33.93
N VAL A 170 9.83 -9.73 34.45
CA VAL A 170 9.83 -9.54 35.89
C VAL A 170 8.42 -9.79 36.44
N HIS A 171 8.35 -10.60 37.50
CA HIS A 171 7.10 -10.79 38.25
C HIS A 171 7.39 -10.50 39.72
N THR A 172 6.82 -9.42 40.22
CA THR A 172 6.91 -9.07 41.63
C THR A 172 5.56 -9.39 42.24
N PHE A 173 5.53 -10.40 43.10
CA PHE A 173 4.27 -10.92 43.61
C PHE A 173 3.66 -9.98 44.64
N PRO A 174 2.33 -9.92 44.72
CA PRO A 174 1.68 -9.21 45.83
C PRO A 174 2.18 -9.76 47.17
N ALA A 175 2.38 -8.85 48.11
CA ALA A 175 2.82 -9.26 49.43
C ALA A 175 1.76 -10.13 50.09
N VAL A 176 2.22 -11.02 50.97
CA VAL A 176 1.34 -11.87 51.76
C VAL A 176 1.61 -11.52 53.21
N LEU A 177 0.55 -11.37 54.00
CA LEU A 177 0.71 -11.16 55.44
C LEU A 177 0.94 -12.52 56.11
N GLN A 178 2.02 -12.62 56.88
CA GLN A 178 2.30 -13.87 57.57
C GLN A 178 1.62 -13.89 58.94
N SER A 179 1.55 -15.08 59.53
CA SER A 179 0.98 -15.22 60.87
C SER A 179 1.65 -14.30 61.87
N SER A 180 2.94 -14.00 61.67
CA SER A 180 3.70 -13.14 62.56
C SER A 180 3.23 -11.70 62.54
N GLY A 181 2.38 -11.32 61.59
CA GLY A 181 2.02 -9.94 61.40
C GLY A 181 2.94 -9.16 60.50
N LEU A 182 3.90 -9.84 59.85
CA LEU A 182 4.83 -9.20 58.93
C LEU A 182 4.55 -9.64 57.51
N TYR A 183 4.90 -8.79 56.55
CA TYR A 183 4.71 -9.08 55.14
C TYR A 183 5.92 -9.80 54.56
N SER A 184 5.69 -10.50 53.46
CA SER A 184 6.72 -11.17 52.70
C SER A 184 6.29 -11.22 51.23
N LEU A 185 7.26 -11.07 50.34
CA LEU A 185 7.01 -11.28 48.91
C LEU A 185 8.30 -11.72 48.23
N SER A 186 8.14 -12.28 47.05
CA SER A 186 9.26 -12.57 46.16
C SER A 186 9.11 -11.79 44.87
N SER A 187 10.23 -11.37 44.29
CA SER A 187 10.26 -10.89 42.92
C SER A 187 11.14 -11.81 42.11
N VAL A 188 10.64 -12.27 40.96
CA VAL A 188 11.35 -13.21 40.10
C VAL A 188 11.44 -12.63 38.69
N VAL A 189 12.41 -13.14 37.94
CA VAL A 189 12.62 -12.74 36.56
C VAL A 189 13.23 -13.91 35.81
N THR A 190 12.86 -14.05 34.53
CA THR A 190 13.43 -15.06 33.67
C THR A 190 14.40 -14.41 32.70
N VAL A 191 15.52 -15.09 32.47
CA VAL A 191 16.63 -14.55 31.67
C VAL A 191 17.21 -15.67 30.83
N PRO A 192 17.91 -15.34 29.75
CA PRO A 192 18.56 -16.40 28.96
C PRO A 192 19.59 -17.15 29.79
N SER A 193 19.56 -18.48 29.68
CA SER A 193 20.52 -19.32 30.40
C SER A 193 21.96 -18.91 30.09
N SER A 194 22.25 -18.65 28.81
CA SER A 194 23.61 -18.33 28.40
C SER A 194 24.11 -17.01 28.99
N SER A 195 23.22 -16.16 29.48
CA SER A 195 23.63 -14.85 29.99
C SER A 195 24.17 -14.91 31.41
N LEU A 196 23.93 -16.01 32.14
CA LEU A 196 24.22 -16.03 33.58
C LEU A 196 25.70 -15.82 33.87
N GLY A 197 26.58 -16.23 32.95
CA GLY A 197 28.01 -16.03 33.18
C GLY A 197 28.46 -14.60 33.01
N THR A 198 27.88 -13.89 32.04
CA THR A 198 28.36 -12.55 31.70
C THR A 198 27.60 -11.46 32.43
N GLN A 199 26.29 -11.60 32.57
CA GLN A 199 25.45 -10.56 33.14
C GLN A 199 25.32 -10.74 34.65
N THR A 200 25.51 -9.64 35.39
CA THR A 200 25.26 -9.63 36.82
C THR A 200 23.82 -9.18 37.04
N TYR A 201 23.09 -9.91 37.87
CA TYR A 201 21.68 -9.64 38.12
C TYR A 201 21.51 -9.18 39.56
N ILE A 202 20.98 -7.98 39.74
CA ILE A 202 20.86 -7.34 41.05
C ILE A 202 19.42 -6.92 41.23
N CYS A 203 18.82 -7.30 42.35
CA CYS A 203 17.49 -6.80 42.69
C CYS A 203 17.64 -5.62 43.64
N ASN A 204 17.02 -4.51 43.28
CA ASN A 204 17.07 -3.28 44.05
C ASN A 204 15.80 -3.21 44.90
N VAL A 205 15.95 -3.45 46.20
CA VAL A 205 14.81 -3.46 47.11
C VAL A 205 14.81 -2.17 47.92
N ASN A 206 13.64 -1.53 48.00
CA ASN A 206 13.43 -0.32 48.78
C ASN A 206 12.23 -0.49 49.69
N HIS A 207 12.43 -0.19 50.98
CA HIS A 207 11.34 -0.17 51.95
C HIS A 207 11.51 1.16 52.68
N LYS A 208 10.81 2.18 52.21
CA LYS A 208 11.01 3.54 52.71
C LYS A 208 10.67 3.71 54.19
N PRO A 209 9.60 3.11 54.73
CA PRO A 209 9.31 3.32 56.17
C PRO A 209 10.47 2.99 57.10
N SER A 210 11.34 2.05 56.73
CA SER A 210 12.50 1.70 57.54
C SER A 210 13.80 2.23 56.97
N ASN A 211 13.73 3.07 55.94
CA ASN A 211 14.91 3.59 55.25
C ASN A 211 15.84 2.45 54.83
N THR A 212 15.24 1.37 54.37
CA THR A 212 15.99 0.20 53.92
C THR A 212 16.19 0.27 52.42
N LYS A 213 17.45 0.26 51.98
CA LYS A 213 17.82 0.22 50.57
C LYS A 213 18.86 -0.89 50.37
N VAL A 214 18.47 -1.91 49.61
CA VAL A 214 19.28 -3.12 49.42
C VAL A 214 19.42 -3.37 47.93
N ASP A 215 20.66 -3.55 47.49
CA ASP A 215 20.99 -4.02 46.15
C ASP A 215 21.65 -5.38 46.34
N LYS A 216 20.92 -6.45 46.02
CA LYS A 216 21.39 -7.80 46.28
C LYS A 216 21.73 -8.44 44.94
N LYS A 217 23.00 -8.80 44.76
CA LYS A 217 23.42 -9.52 43.57
C LYS A 217 23.01 -10.99 43.71
N VAL A 218 22.37 -11.51 42.68
CA VAL A 218 21.88 -12.88 42.67
C VAL A 218 22.76 -13.70 41.74
N GLU A 219 23.58 -14.59 42.32
CA GLU A 219 24.55 -15.40 41.61
C GLU A 219 24.09 -16.86 41.58
N PRO A 220 24.41 -17.60 40.51
CA PRO A 220 24.06 -19.01 40.32
C PRO A 220 24.40 -19.92 41.49
N ASP B 1 -26.86 13.49 47.31
CA ASP B 1 -26.13 13.13 46.09
C ASP B 1 -26.72 11.89 45.43
N ILE B 2 -26.06 11.35 44.41
CA ILE B 2 -26.60 10.22 43.66
C ILE B 2 -25.70 9.01 43.85
N GLN B 3 -26.17 7.88 43.34
CA GLN B 3 -25.41 6.64 43.30
C GLN B 3 -25.28 6.22 41.84
N LEU B 4 -24.07 5.84 41.45
CA LEU B 4 -23.82 5.32 40.12
C LEU B 4 -23.61 3.82 40.25
N THR B 5 -24.24 3.04 39.37
CA THR B 5 -24.05 1.59 39.33
C THR B 5 -23.55 1.21 37.95
N GLN B 6 -22.86 0.08 37.88
CA GLN B 6 -22.28 -0.36 36.63
C GLN B 6 -22.66 -1.82 36.36
N SER B 7 -22.67 -2.18 35.07
CA SER B 7 -22.96 -3.56 34.69
C SER B 7 -22.21 -3.85 33.39
N PRO B 8 -21.63 -5.05 33.22
CA PRO B 8 -21.42 -6.04 34.29
C PRO B 8 -20.51 -5.50 35.39
N SER B 9 -20.49 -6.19 36.53
CA SER B 9 -19.54 -5.92 37.58
C SER B 9 -18.17 -6.52 37.26
N PHE B 10 -18.15 -7.68 36.61
CA PHE B 10 -16.93 -8.37 36.23
C PHE B 10 -17.22 -9.12 34.94
N LEU B 11 -16.23 -9.18 34.05
CA LEU B 11 -16.41 -9.97 32.84
C LEU B 11 -15.05 -10.41 32.31
N SER B 12 -15.04 -11.53 31.61
CA SER B 12 -13.86 -12.04 30.94
C SER B 12 -14.21 -12.21 29.48
N ALA B 13 -13.37 -11.65 28.61
CA ALA B 13 -13.61 -11.67 27.16
C ALA B 13 -12.28 -11.88 26.47
N SER B 14 -12.35 -12.39 25.24
CA SER B 14 -11.18 -12.73 24.45
C SER B 14 -10.63 -11.53 23.68
N VAL B 15 -9.34 -11.60 23.35
CA VAL B 15 -8.72 -10.53 22.57
C VAL B 15 -9.46 -10.39 21.26
N GLY B 16 -9.80 -9.14 20.91
CA GLY B 16 -10.56 -8.87 19.71
C GLY B 16 -12.06 -8.76 19.90
N ASP B 17 -12.59 -9.17 21.05
CA ASP B 17 -14.02 -9.06 21.32
C ASP B 17 -14.44 -7.61 21.48
N ARG B 18 -15.70 -7.34 21.16
CA ARG B 18 -16.35 -6.07 21.48
C ARG B 18 -16.95 -6.17 22.87
N VAL B 19 -16.64 -5.19 23.72
CA VAL B 19 -17.07 -5.22 25.12
C VAL B 19 -17.80 -3.92 25.41
N THR B 20 -18.97 -4.03 26.04
CA THR B 20 -19.76 -2.85 26.39
C THR B 20 -20.09 -2.89 27.88
N ILE B 21 -19.87 -1.76 28.54
CA ILE B 21 -20.05 -1.61 29.97
C ILE B 21 -21.04 -0.48 30.19
N THR B 22 -21.91 -0.63 31.19
CA THR B 22 -23.02 0.27 31.42
C THR B 22 -22.86 1.02 32.74
N CYS B 23 -23.24 2.30 32.73
CA CYS B 23 -23.25 3.14 33.92
C CYS B 23 -24.66 3.70 34.06
N ARG B 24 -25.24 3.54 35.26
CA ARG B 24 -26.61 3.96 35.55
C ARG B 24 -26.62 4.88 36.76
N ALA B 25 -27.26 6.04 36.63
CA ALA B 25 -27.36 7.01 37.71
C ALA B 25 -28.70 6.84 38.42
N SER B 26 -28.71 6.98 39.74
CA SER B 26 -29.97 6.80 40.46
C SER B 26 -30.94 7.95 40.18
N GLN B 27 -30.43 9.12 39.90
CA GLN B 27 -31.14 10.30 39.44
C GLN B 27 -30.39 10.94 38.30
N ASP B 28 -31.16 11.55 37.40
CA ASP B 28 -30.64 12.17 36.18
C ASP B 28 -30.23 13.61 36.51
N ILE B 29 -28.97 13.77 36.90
CA ILE B 29 -28.43 15.08 37.24
C ILE B 29 -27.68 15.70 36.07
N SER B 30 -27.09 14.87 35.20
CA SER B 30 -26.29 15.44 34.13
C SER B 30 -26.33 14.59 32.89
N SER B 31 -26.12 15.24 31.76
CA SER B 31 -25.98 14.60 30.46
C SER B 31 -24.54 14.18 30.17
N TYR B 32 -23.59 14.52 31.04
CA TYR B 32 -22.19 14.20 30.85
C TYR B 32 -21.74 13.07 31.78
N VAL B 33 -20.90 12.18 31.24
CA VAL B 33 -20.30 11.12 32.03
C VAL B 33 -18.85 10.99 31.56
N ALA B 34 -17.99 10.52 32.45
CA ALA B 34 -16.62 10.21 32.06
C ALA B 34 -16.29 8.81 32.57
N TRP B 35 -15.30 8.19 31.92
CA TRP B 35 -14.85 6.85 32.23
C TRP B 35 -13.37 6.86 32.54
N TYR B 36 -12.97 6.10 33.57
CA TYR B 36 -11.58 5.97 33.96
C TYR B 36 -11.16 4.51 33.86
N GLN B 37 -9.92 4.29 33.45
CA GLN B 37 -9.32 2.97 33.41
C GLN B 37 -8.27 2.90 34.50
N GLN B 38 -8.34 1.89 35.35
CA GLN B 38 -7.33 1.69 36.38
C GLN B 38 -6.66 0.34 36.16
N LYS B 39 -5.42 0.37 35.69
CA LYS B 39 -4.64 -0.83 35.56
C LYS B 39 -4.01 -1.19 36.91
N PRO B 40 -3.65 -2.46 37.09
CA PRO B 40 -3.10 -2.88 38.40
C PRO B 40 -1.93 -2.04 38.85
N GLY B 41 -1.94 -1.66 40.13
CA GLY B 41 -0.87 -0.88 40.71
C GLY B 41 -0.81 0.57 40.27
N ASN B 42 -1.82 1.06 39.55
CA ASN B 42 -1.82 2.43 39.05
C ASN B 42 -3.02 3.20 39.57
N ALA B 43 -2.88 4.52 39.57
CA ALA B 43 -4.03 5.37 39.76
C ALA B 43 -4.96 5.27 38.56
N PRO B 44 -6.26 5.53 38.75
CA PRO B 44 -7.17 5.59 37.59
C PRO B 44 -6.74 6.71 36.66
N LYS B 45 -7.04 6.53 35.38
CA LYS B 45 -6.70 7.51 34.35
C LYS B 45 -7.91 7.75 33.48
N LEU B 46 -8.16 9.01 33.15
CA LEU B 46 -9.29 9.35 32.30
C LEU B 46 -9.19 8.69 30.93
N LEU B 47 -10.25 8.00 30.51
CA LEU B 47 -10.30 7.36 29.21
C LEU B 47 -11.04 8.19 28.17
N ILE B 48 -12.27 8.58 28.49
CA ILE B 48 -13.15 9.27 27.55
C ILE B 48 -14.13 10.06 28.40
N SER B 49 -14.59 11.18 27.87
CA SER B 49 -15.64 11.98 28.48
C SER B 49 -16.66 12.28 27.40
N SER B 50 -17.95 12.17 27.73
CA SER B 50 -18.98 12.48 26.75
C SER B 50 -19.02 13.96 26.40
N ALA B 51 -18.28 14.80 27.12
CA ALA B 51 -18.23 16.23 26.86
C ALA B 51 -17.18 16.60 25.83
N SER B 52 -16.24 15.70 25.53
CA SER B 52 -15.22 15.96 24.52
C SER B 52 -15.57 15.27 23.22
N SER B 60 -8.93 4.97 19.33
CA SER B 60 -10.30 5.00 18.84
C SER B 60 -11.07 3.75 19.27
N ARG B 61 -10.41 2.85 20.02
CA ARG B 61 -11.09 1.63 20.42
C ARG B 61 -12.19 1.91 21.43
N PHE B 62 -12.13 3.06 22.10
CA PHE B 62 -13.03 3.36 23.20
C PHE B 62 -14.03 4.41 22.75
N SER B 63 -15.31 4.19 23.06
CA SER B 63 -16.34 5.14 22.66
C SER B 63 -17.52 5.05 23.62
N GLY B 64 -18.27 6.15 23.73
CA GLY B 64 -19.38 6.24 24.65
C GLY B 64 -20.70 6.52 23.95
N SER B 65 -21.79 6.08 24.58
CA SER B 65 -23.13 6.27 24.02
C SER B 65 -24.16 6.23 25.14
N ARG B 66 -25.43 6.30 24.75
CA ARG B 66 -26.58 6.23 25.65
C ARG B 66 -27.42 5.03 25.29
N SER B 67 -27.94 4.34 26.32
CA SER B 67 -28.92 3.27 26.12
C SER B 67 -30.03 3.47 27.15
N GLY B 68 -31.22 3.86 26.70
CA GLY B 68 -32.21 4.30 27.68
C GLY B 68 -31.64 5.47 28.44
N THR B 69 -31.71 5.40 29.78
CA THR B 69 -31.05 6.41 30.59
C THR B 69 -29.63 6.03 30.97
N ASP B 70 -29.19 4.82 30.65
CA ASP B 70 -27.84 4.40 30.98
C ASP B 70 -26.82 5.01 30.02
N PHE B 71 -25.59 5.12 30.50
CA PHE B 71 -24.43 5.48 29.70
C PHE B 71 -23.62 4.21 29.42
N THR B 72 -23.07 4.12 28.22
CA THR B 72 -22.33 2.93 27.81
C THR B 72 -20.90 3.32 27.44
N LEU B 73 -19.97 2.43 27.75
CA LEU B 73 -18.58 2.49 27.27
C LEU B 73 -18.34 1.24 26.44
N THR B 74 -17.90 1.41 25.19
CA THR B 74 -17.63 0.28 24.31
C THR B 74 -16.14 0.21 23.97
N ILE B 75 -15.56 -0.97 24.14
CA ILE B 75 -14.22 -1.26 23.64
C ILE B 75 -14.42 -2.06 22.36
N SER B 76 -14.04 -1.48 21.21
CA SER B 76 -14.40 -2.09 19.93
C SER B 76 -13.67 -3.40 19.67
N SER B 77 -12.44 -3.54 20.17
CA SER B 77 -11.66 -4.75 19.97
C SER B 77 -10.73 -4.88 21.17
N LEU B 78 -11.11 -5.75 22.11
CA LEU B 78 -10.39 -5.86 23.39
C LEU B 78 -8.94 -6.25 23.15
N GLN B 79 -8.02 -5.55 23.81
CA GLN B 79 -6.61 -5.86 23.70
C GLN B 79 -6.10 -6.36 25.05
N PRO B 80 -4.99 -7.12 25.07
CA PRO B 80 -4.48 -7.63 26.35
C PRO B 80 -4.19 -6.53 27.35
N GLU B 81 -3.74 -5.36 26.88
CA GLU B 81 -3.43 -4.27 27.80
C GLU B 81 -4.67 -3.60 28.37
N ASP B 82 -5.87 -3.97 27.92
CA ASP B 82 -7.11 -3.43 28.48
C ASP B 82 -7.52 -4.11 29.78
N PHE B 83 -6.78 -5.12 30.23
CA PHE B 83 -7.04 -5.71 31.54
C PHE B 83 -6.97 -4.60 32.61
N ALA B 84 -8.10 -4.32 33.26
CA ALA B 84 -8.17 -3.15 34.12
C ALA B 84 -9.55 -3.13 34.78
N THR B 85 -9.72 -2.23 35.73
CA THR B 85 -11.04 -1.90 36.24
C THR B 85 -11.44 -0.54 35.71
N TYR B 86 -12.67 -0.45 35.22
CA TYR B 86 -13.20 0.75 34.57
C TYR B 86 -14.25 1.36 35.48
N TYR B 87 -14.16 2.67 35.72
CA TYR B 87 -15.09 3.38 36.57
C TYR B 87 -15.78 4.51 35.81
N CYS B 88 -17.09 4.66 36.01
CA CYS B 88 -17.77 5.83 35.48
C CYS B 88 -17.82 6.93 36.55
N GLN B 89 -18.04 8.17 36.10
CA GLN B 89 -18.01 9.32 36.99
C GLN B 89 -18.90 10.45 36.52
N GLN B 90 -19.64 11.04 37.47
CA GLN B 90 -20.44 12.24 37.26
C GLN B 90 -20.22 13.11 38.48
N LEU B 91 -19.69 14.32 38.29
CA LEU B 91 -19.32 15.21 39.41
C LEU B 91 -18.41 14.43 40.37
N ASN B 92 -18.68 14.44 41.68
CA ASN B 92 -17.86 13.76 42.68
C ASN B 92 -18.38 12.37 43.00
N ASN B 93 -19.02 11.71 42.03
CA ASN B 93 -19.62 10.39 42.21
C ASN B 93 -18.90 9.40 41.30
N PHE B 94 -18.54 8.24 41.84
CA PHE B 94 -17.97 7.17 41.03
C PHE B 94 -18.86 5.94 41.08
N GLY B 95 -18.92 5.21 39.98
CA GLY B 95 -19.49 3.89 40.00
C GLY B 95 -18.58 2.92 40.72
N PRO B 96 -19.07 1.69 41.00
CA PRO B 96 -18.27 0.75 41.79
C PRO B 96 -17.16 0.07 41.02
N GLY B 97 -17.09 0.27 39.72
CA GLY B 97 -16.05 -0.33 38.91
C GLY B 97 -16.54 -1.59 38.19
N THR B 98 -15.98 -1.81 37.01
CA THR B 98 -16.21 -3.03 36.24
C THR B 98 -14.85 -3.59 35.89
N THR B 99 -14.54 -4.78 36.40
CA THR B 99 -13.27 -5.41 36.11
C THR B 99 -13.37 -6.24 34.84
N VAL B 100 -12.42 -6.05 33.93
CA VAL B 100 -12.37 -6.76 32.66
C VAL B 100 -11.13 -7.64 32.66
N ASP B 101 -11.33 -8.96 32.65
CA ASP B 101 -10.28 -9.97 32.53
C ASP B 101 -10.22 -10.45 31.09
N ILE B 102 -9.07 -10.99 30.71
CA ILE B 102 -8.85 -11.48 29.35
C ILE B 102 -8.90 -12.99 29.34
N LYS B 103 -9.75 -13.54 28.48
CA LYS B 103 -9.74 -14.97 28.27
C LYS B 103 -8.81 -15.26 27.11
N ARG B 104 -7.93 -16.25 27.28
CA ARG B 104 -6.90 -16.60 26.31
C ARG B 104 -6.84 -18.12 26.25
N THR B 105 -6.04 -18.64 25.33
CA THR B 105 -5.86 -20.08 25.24
C THR B 105 -5.09 -20.61 26.45
N VAL B 106 -5.31 -21.90 26.74
CA VAL B 106 -4.64 -22.54 27.87
C VAL B 106 -3.13 -22.46 27.67
N ALA B 107 -2.40 -22.15 28.74
CA ALA B 107 -0.94 -22.17 28.72
C ALA B 107 -0.43 -22.90 29.95
N ALA B 108 0.42 -23.91 29.75
CA ALA B 108 0.96 -24.65 30.88
C ALA B 108 2.01 -23.82 31.63
N PRO B 109 2.09 -23.94 32.95
CA PRO B 109 3.15 -23.25 33.68
C PRO B 109 4.51 -23.86 33.41
N SER B 110 5.54 -23.02 33.48
CA SER B 110 6.91 -23.48 33.66
C SER B 110 7.20 -23.45 35.16
N VAL B 111 7.76 -24.54 35.68
CA VAL B 111 7.89 -24.72 37.11
C VAL B 111 9.36 -24.66 37.50
N PHE B 112 9.67 -23.83 38.49
CA PHE B 112 11.01 -23.63 39.01
C PHE B 112 10.95 -23.76 40.52
N ILE B 113 12.03 -24.29 41.11
CA ILE B 113 12.09 -24.46 42.56
C ILE B 113 13.40 -23.88 43.08
N PHE B 114 13.34 -23.27 44.26
CA PHE B 114 14.45 -22.53 44.85
C PHE B 114 14.65 -22.99 46.29
N PRO B 115 15.75 -23.64 46.64
CA PRO B 115 16.02 -23.96 48.05
C PRO B 115 16.27 -22.69 48.85
N PRO B 116 16.25 -22.77 50.18
CA PRO B 116 16.57 -21.57 50.97
C PRO B 116 18.03 -21.20 50.84
N SER B 117 18.31 -19.91 50.99
CA SER B 117 19.66 -19.40 50.93
C SER B 117 20.42 -19.73 52.20
N ASP B 118 21.75 -19.78 52.09
CA ASP B 118 22.59 -19.97 53.26
C ASP B 118 22.41 -18.86 54.28
N GLU B 119 22.27 -17.60 53.83
CA GLU B 119 22.02 -16.50 54.76
C GLU B 119 20.75 -16.71 55.56
N GLN B 120 19.65 -17.09 54.90
CA GLN B 120 18.41 -17.29 55.63
C GLN B 120 18.54 -18.46 56.60
N LEU B 121 19.27 -19.49 56.20
CA LEU B 121 19.46 -20.63 57.09
C LEU B 121 20.19 -20.22 58.35
N LYS B 122 21.15 -19.30 58.22
CA LYS B 122 21.84 -18.74 59.38
C LYS B 122 20.86 -18.05 60.31
N SER B 123 19.70 -17.66 59.78
CA SER B 123 18.70 -16.90 60.52
C SER B 123 17.78 -17.77 61.36
N GLY B 124 17.74 -19.07 61.11
CA GLY B 124 16.85 -19.97 61.82
C GLY B 124 15.53 -20.29 61.15
N THR B 125 15.30 -19.81 59.94
CA THR B 125 14.07 -20.05 59.21
C THR B 125 14.47 -20.48 57.79
N ALA B 126 13.64 -21.30 57.18
CA ALA B 126 13.87 -21.77 55.82
C ALA B 126 12.64 -21.54 54.97
N SER B 127 12.79 -20.78 53.90
CA SER B 127 11.76 -20.60 52.87
C SER B 127 12.19 -21.35 51.62
N VAL B 128 11.33 -22.23 51.15
CA VAL B 128 11.47 -22.92 49.86
C VAL B 128 10.41 -22.35 48.94
N VAL B 129 10.83 -21.90 47.75
CA VAL B 129 9.94 -21.21 46.83
C VAL B 129 9.77 -22.03 45.56
N CYS B 130 8.51 -22.28 45.20
CA CYS B 130 8.18 -22.90 43.93
C CYS B 130 7.46 -21.88 43.07
N LEU B 131 7.95 -21.69 41.84
CA LEU B 131 7.43 -20.71 40.90
C LEU B 131 6.72 -21.41 39.75
N LEU B 132 5.46 -21.02 39.52
CA LEU B 132 4.69 -21.38 38.32
C LEU B 132 4.64 -20.14 37.43
N ASN B 133 5.27 -20.20 36.26
CA ASN B 133 5.45 -19.01 35.45
C ASN B 133 4.59 -19.05 34.18
N ASN B 134 3.86 -17.96 33.94
CA ASN B 134 3.21 -17.67 32.66
C ASN B 134 2.23 -18.77 32.24
N PHE B 135 1.20 -18.97 33.05
CA PHE B 135 0.20 -19.97 32.77
C PHE B 135 -1.21 -19.36 32.67
N TYR B 136 -2.14 -20.17 32.16
CA TYR B 136 -3.54 -19.81 32.00
C TYR B 136 -4.35 -21.08 31.79
N PRO B 137 -5.50 -21.25 32.47
CA PRO B 137 -6.20 -20.29 33.33
C PRO B 137 -5.59 -20.20 34.72
N ARG B 138 -6.20 -19.39 35.58
CA ARG B 138 -5.63 -19.11 36.90
C ARG B 138 -5.62 -20.34 37.80
N GLU B 139 -6.56 -21.27 37.60
CA GLU B 139 -6.64 -22.43 38.49
C GLU B 139 -5.43 -23.36 38.35
N ALA B 140 -4.81 -23.68 39.47
CA ALA B 140 -3.64 -24.54 39.49
C ALA B 140 -3.55 -25.18 40.86
N LYS B 141 -3.00 -26.39 40.91
CA LYS B 141 -2.82 -27.08 42.18
C LYS B 141 -1.34 -27.31 42.42
N VAL B 142 -0.83 -26.79 43.53
CA VAL B 142 0.57 -26.94 43.93
C VAL B 142 0.56 -27.75 45.23
N GLN B 143 1.27 -28.88 45.24
CA GLN B 143 1.35 -29.71 46.42
C GLN B 143 2.81 -29.87 46.80
N TRP B 144 3.13 -29.58 48.07
CA TRP B 144 4.47 -29.78 48.56
C TRP B 144 4.59 -31.18 49.13
N LYS B 145 5.59 -31.92 48.67
CA LYS B 145 5.93 -33.19 49.26
C LYS B 145 7.39 -33.18 49.71
N VAL B 146 7.60 -33.60 50.95
CA VAL B 146 8.91 -33.57 51.59
C VAL B 146 9.23 -34.99 52.04
N ASP B 147 10.29 -35.57 51.47
CA ASP B 147 10.58 -37.00 51.56
C ASP B 147 9.34 -37.84 51.27
N ASN B 148 8.65 -37.46 50.20
CA ASN B 148 7.46 -38.12 49.65
C ASN B 148 6.25 -38.04 50.57
N ALA B 149 6.31 -37.28 51.66
CA ALA B 149 5.15 -37.01 52.50
C ALA B 149 4.53 -35.68 52.08
N LEU B 150 3.20 -35.67 51.94
CA LEU B 150 2.50 -34.46 51.56
C LEU B 150 2.43 -33.47 52.72
N GLN B 151 2.67 -32.20 52.42
CA GLN B 151 2.71 -31.15 53.42
C GLN B 151 1.42 -30.35 53.44
N SER B 152 1.09 -29.79 54.60
CA SER B 152 -0.09 -28.97 54.76
C SER B 152 0.11 -27.91 55.83
N GLY B 153 -0.52 -26.75 55.63
CA GLY B 153 -0.51 -25.71 56.65
C GLY B 153 0.76 -24.91 56.81
N ASN B 154 1.78 -25.14 56.00
CA ASN B 154 3.02 -24.38 56.09
C ASN B 154 3.38 -23.64 54.80
N SER B 155 2.46 -23.55 53.85
CA SER B 155 2.72 -22.89 52.59
C SER B 155 1.73 -21.76 52.37
N GLN B 156 2.16 -20.74 51.63
CA GLN B 156 1.32 -19.62 51.26
C GLN B 156 1.52 -19.36 49.77
N GLU B 157 0.44 -19.03 49.07
CA GLU B 157 0.47 -18.77 47.64
C GLU B 157 0.23 -17.30 47.36
N SER B 158 0.89 -16.81 46.31
CA SER B 158 0.66 -15.49 45.78
C SER B 158 0.59 -15.58 44.26
N VAL B 159 -0.35 -14.84 43.68
CA VAL B 159 -0.60 -14.84 42.25
C VAL B 159 -0.44 -13.42 41.73
N THR B 160 0.25 -13.28 40.60
CA THR B 160 0.32 -12.00 39.92
C THR B 160 -1.04 -11.68 39.29
N GLU B 161 -1.25 -10.39 39.03
CA GLU B 161 -2.36 -10.01 38.19
C GLU B 161 -2.08 -10.45 36.76
N GLN B 162 -3.14 -10.56 35.96
CA GLN B 162 -2.98 -10.99 34.57
C GLN B 162 -1.99 -10.09 33.84
N ASP B 163 -1.08 -10.70 33.11
CA ASP B 163 -0.03 -9.93 32.43
C ASP B 163 -0.62 -9.09 31.30
N SER B 164 -0.17 -7.84 31.22
CA SER B 164 -0.75 -6.89 30.28
C SER B 164 -0.39 -7.19 28.84
N LYS B 165 0.60 -8.06 28.61
CA LYS B 165 1.06 -8.39 27.27
C LYS B 165 0.65 -9.78 26.80
N ASP B 166 0.75 -10.82 27.64
CA ASP B 166 0.39 -12.18 27.23
C ASP B 166 -0.79 -12.76 28.00
N SER B 167 -1.37 -12.01 28.93
CA SER B 167 -2.59 -12.38 29.64
C SER B 167 -2.43 -13.63 30.49
N THR B 168 -1.20 -13.98 30.87
CA THR B 168 -0.97 -15.13 31.73
C THR B 168 -0.87 -14.71 33.19
N TYR B 169 -0.90 -15.73 34.07
CA TYR B 169 -0.64 -15.58 35.50
C TYR B 169 0.70 -16.21 35.84
N SER B 170 1.30 -15.73 36.92
CA SER B 170 2.38 -16.45 37.58
C SER B 170 2.01 -16.60 39.05
N LEU B 171 2.61 -17.60 39.68
CA LEU B 171 2.19 -18.08 40.98
C LEU B 171 3.42 -18.49 41.75
N SER B 172 3.54 -18.01 42.99
CA SER B 172 4.57 -18.48 43.88
C SER B 172 3.89 -19.24 45.00
N SER B 173 4.46 -20.39 45.35
CA SER B 173 4.06 -21.11 46.55
C SER B 173 5.29 -21.22 47.43
N THR B 174 5.22 -20.66 48.63
CA THR B 174 6.36 -20.54 49.51
C THR B 174 6.15 -21.42 50.75
N LEU B 175 7.03 -22.40 50.90
CA LEU B 175 7.01 -23.30 52.05
C LEU B 175 7.95 -22.73 53.10
N THR B 176 7.42 -22.46 54.28
CA THR B 176 8.21 -21.82 55.34
C THR B 176 8.31 -22.76 56.53
N LEU B 177 9.54 -23.11 56.90
CA LEU B 177 9.81 -24.00 58.01
C LEU B 177 10.86 -23.37 58.92
N SER B 178 10.89 -23.83 60.17
CA SER B 178 12.07 -23.58 61.00
C SER B 178 13.26 -24.23 60.32
N LYS B 179 14.46 -23.71 60.61
CA LYS B 179 15.66 -24.39 60.16
C LYS B 179 15.69 -25.83 60.64
N ALA B 180 15.25 -26.07 61.88
CA ALA B 180 15.25 -27.43 62.42
C ALA B 180 14.34 -28.33 61.61
N ASP B 181 13.13 -27.86 61.28
CA ASP B 181 12.22 -28.69 60.52
C ASP B 181 12.71 -28.88 59.08
N TYR B 182 13.37 -27.86 58.52
CA TYR B 182 13.99 -28.03 57.21
C TYR B 182 15.09 -29.07 57.25
N GLU B 183 15.93 -29.04 58.30
CA GLU B 183 17.04 -29.97 58.43
C GLU B 183 16.59 -31.41 58.62
N LYS B 184 15.33 -31.65 59.02
CA LYS B 184 14.90 -33.03 59.22
C LYS B 184 14.98 -33.83 57.92
N HIS B 185 14.41 -33.29 56.84
CA HIS B 185 14.16 -34.04 55.63
C HIS B 185 15.17 -33.71 54.54
N LYS B 186 15.15 -34.55 53.50
CA LYS B 186 16.12 -34.51 52.41
C LYS B 186 15.54 -33.97 51.11
N VAL B 187 14.49 -34.59 50.57
CA VAL B 187 13.98 -34.24 49.25
C VAL B 187 12.81 -33.27 49.43
N TYR B 188 12.91 -32.12 48.79
CA TYR B 188 11.85 -31.13 48.79
C TYR B 188 11.32 -31.04 47.37
N ALA B 189 10.02 -31.30 47.20
CA ALA B 189 9.41 -31.41 45.89
C ALA B 189 8.14 -30.57 45.82
N CYS B 190 7.99 -29.87 44.69
CA CYS B 190 6.81 -29.12 44.33
C CYS B 190 6.13 -29.84 43.17
N GLU B 191 4.89 -30.28 43.37
CA GLU B 191 4.16 -31.03 42.37
C GLU B 191 2.97 -30.18 41.90
N VAL B 192 2.90 -29.94 40.59
CA VAL B 192 1.99 -28.97 40.00
C VAL B 192 1.00 -29.68 39.09
N THR B 193 -0.29 -29.44 39.31
CA THR B 193 -1.36 -29.89 38.43
C THR B 193 -2.04 -28.69 37.81
N HIS B 194 -2.25 -28.74 36.50
CA HIS B 194 -2.80 -27.63 35.74
C HIS B 194 -3.38 -28.17 34.44
N GLN B 195 -4.41 -27.49 33.93
CA GLN B 195 -5.10 -27.93 32.72
C GLN B 195 -4.16 -28.04 31.52
N GLY B 196 -3.12 -27.23 31.47
CA GLY B 196 -2.18 -27.26 30.35
C GLY B 196 -1.21 -28.42 30.37
N LEU B 197 -1.20 -29.22 31.44
CA LEU B 197 -0.27 -30.33 31.60
C LEU B 197 -0.99 -31.67 31.49
N SER B 198 -0.39 -32.61 30.77
CA SER B 198 -0.95 -33.97 30.68
C SER B 198 -0.98 -34.64 32.04
N SER B 199 0.13 -34.56 32.76
CA SER B 199 0.35 -35.19 34.05
C SER B 199 0.99 -34.15 34.97
N PRO B 200 0.89 -34.35 36.28
CA PRO B 200 1.55 -33.42 37.20
C PRO B 200 3.05 -33.32 36.97
N VAL B 201 3.58 -32.10 37.07
CA VAL B 201 5.00 -31.83 36.94
C VAL B 201 5.57 -31.65 38.34
N THR B 202 6.67 -32.34 38.63
CA THR B 202 7.33 -32.24 39.93
C THR B 202 8.73 -31.67 39.73
N LYS B 203 9.04 -30.62 40.47
CA LYS B 203 10.41 -30.12 40.58
C LYS B 203 10.88 -30.36 42.00
N SER B 204 12.13 -30.82 42.13
CA SER B 204 12.62 -31.28 43.42
C SER B 204 14.09 -30.95 43.56
N PHE B 205 14.56 -30.96 44.80
CA PHE B 205 15.98 -30.83 45.10
C PHE B 205 16.24 -31.57 46.41
N ASN B 206 17.50 -31.90 46.64
CA ASN B 206 17.95 -32.52 47.87
C ASN B 206 18.62 -31.47 48.74
N ARG B 207 18.26 -31.43 50.03
CA ARG B 207 18.87 -30.45 50.92
C ARG B 207 20.40 -30.51 50.87
N GLY B 208 20.96 -31.69 50.69
CA GLY B 208 22.40 -31.83 50.51
C GLY B 208 22.98 -30.96 49.41
N PCA C 1 -29.91 18.71 -17.33
CA PCA C 1 -29.15 17.76 -16.53
CB PCA C 1 -28.03 17.12 -17.33
CG PCA C 1 -27.69 18.17 -18.37
CD PCA C 1 -28.97 18.97 -18.44
OE PCA C 1 -29.21 19.74 -19.38
C PCA C 1 -28.58 18.55 -15.37
O PCA C 1 -28.13 19.67 -15.58
N LEU C 2 -28.61 17.99 -14.16
CA LEU C 2 -28.17 18.79 -13.02
C LEU C 2 -26.72 19.21 -13.16
N GLN C 3 -26.47 20.49 -12.94
CA GLN C 3 -25.13 21.06 -12.91
C GLN C 3 -25.01 21.90 -11.64
N LEU C 4 -23.97 21.65 -10.86
CA LEU C 4 -23.69 22.39 -9.63
C LEU C 4 -22.33 23.02 -9.82
N GLN C 5 -22.27 24.35 -9.80
CA GLN C 5 -21.03 25.06 -10.11
C GLN C 5 -20.59 25.98 -8.97
N GLU C 6 -19.45 25.66 -8.37
CA GLU C 6 -18.86 26.48 -7.33
C GLU C 6 -18.20 27.71 -7.96
N SER C 7 -18.25 28.83 -7.22
CA SER C 7 -17.52 30.03 -7.61
C SER C 7 -17.12 30.79 -6.37
N GLY C 8 -16.05 31.58 -6.50
CA GLY C 8 -15.51 32.33 -5.40
C GLY C 8 -13.99 32.31 -5.43
N PRO C 9 -13.35 33.15 -4.63
CA PRO C 9 -11.88 33.23 -4.66
C PRO C 9 -11.23 31.91 -4.30
N GLY C 10 -10.06 31.68 -4.89
CA GLY C 10 -9.21 30.55 -4.59
C GLY C 10 -8.13 30.81 -3.58
N LEU C 11 -8.05 32.03 -3.05
CA LEU C 11 -7.04 32.39 -2.05
C LEU C 11 -7.72 33.24 -0.99
N VAL C 12 -7.53 32.86 0.28
CA VAL C 12 -8.10 33.58 1.43
C VAL C 12 -7.00 33.77 2.47
N LYS C 13 -6.88 34.99 3.00
CA LYS C 13 -5.89 35.24 4.04
C LYS C 13 -6.31 34.61 5.37
N PRO C 14 -5.35 34.14 6.16
CA PRO C 14 -5.67 33.63 7.50
C PRO C 14 -6.41 34.67 8.34
N SER C 15 -7.43 34.20 9.06
CA SER C 15 -8.32 34.94 9.94
C SER C 15 -9.39 35.69 9.16
N GLU C 16 -9.32 35.73 7.83
CA GLU C 16 -10.37 36.39 7.06
C GLU C 16 -11.44 35.36 6.70
N THR C 17 -12.38 35.76 5.86
CA THR C 17 -13.60 34.99 5.64
C THR C 17 -13.58 34.33 4.27
N LEU C 18 -13.84 33.03 4.25
CA LEU C 18 -14.02 32.26 3.02
C LEU C 18 -15.49 32.30 2.60
N SER C 19 -15.74 32.72 1.37
CA SER C 19 -17.08 32.73 0.83
C SER C 19 -17.10 32.02 -0.52
N LEU C 20 -18.11 31.18 -0.73
CA LEU C 20 -18.31 30.47 -1.98
C LEU C 20 -19.78 30.45 -2.32
N THR C 21 -20.07 30.39 -3.63
CA THR C 21 -21.42 30.26 -4.14
C THR C 21 -21.55 29.08 -5.08
N CYS C 22 -22.70 28.42 -5.01
CA CYS C 22 -23.07 27.34 -5.90
C CYS C 22 -24.21 27.80 -6.80
N SER C 23 -23.99 27.82 -8.11
CA SER C 23 -25.05 28.14 -9.06
C SER C 23 -25.61 26.83 -9.58
N VAL C 24 -26.93 26.67 -9.47
CA VAL C 24 -27.61 25.42 -9.81
C VAL C 24 -28.29 25.56 -11.16
N SER C 25 -28.06 24.59 -12.02
CA SER C 25 -28.67 24.48 -13.35
C SER C 25 -29.22 23.08 -13.50
N GLY C 26 -30.33 22.95 -14.23
CA GLY C 26 -30.95 21.66 -14.44
C GLY C 26 -31.98 21.25 -13.42
N ASP C 27 -32.12 22.03 -12.34
CA ASP C 27 -33.12 21.80 -11.31
C ASP C 27 -33.30 23.09 -10.53
N ALA C 28 -34.39 23.15 -9.78
CA ALA C 28 -34.71 24.33 -9.00
C ALA C 28 -34.57 24.04 -7.51
N ILE C 29 -33.94 24.98 -6.80
CA ILE C 29 -33.84 24.89 -5.35
C ILE C 29 -35.23 25.11 -4.75
N SER C 30 -35.93 26.15 -5.22
CA SER C 30 -37.10 26.66 -4.54
C SER C 30 -38.17 25.59 -4.31
N GLY C 31 -38.53 24.84 -5.33
CA GLY C 31 -39.56 23.91 -4.92
C GLY C 31 -39.12 22.62 -4.25
N SER C 32 -37.82 22.41 -4.06
CA SER C 32 -37.24 21.08 -3.99
C SER C 32 -37.26 20.46 -2.59
N ASN C 33 -37.31 19.13 -2.54
CA ASN C 33 -37.13 18.40 -1.29
C ASN C 33 -35.68 17.95 -1.09
N TYR C 34 -34.70 18.77 -1.42
CA TYR C 34 -33.31 18.37 -1.34
C TYR C 34 -32.65 19.16 -0.23
N TYR C 35 -31.58 18.58 0.30
CA TYR C 35 -30.64 19.32 1.11
C TYR C 35 -29.53 19.78 0.18
N TRP C 36 -29.30 21.09 0.15
CA TRP C 36 -28.25 21.70 -0.65
C TRP C 36 -27.09 22.00 0.28
N GLY C 37 -25.92 21.45 0.00
CA GLY C 37 -24.86 21.42 1.00
C GLY C 37 -23.48 21.66 0.44
N TRP C 38 -22.55 21.75 1.39
CA TRP C 38 -21.13 21.87 1.09
C TRP C 38 -20.36 20.75 1.79
N ILE C 39 -19.43 20.14 1.04
CA ILE C 39 -18.56 19.10 1.53
C ILE C 39 -17.15 19.49 1.10
N ARG C 40 -16.18 19.31 1.98
CA ARG C 40 -14.82 19.65 1.60
C ARG C 40 -13.90 18.46 1.77
N GLN C 41 -12.73 18.56 1.14
CA GLN C 41 -11.74 17.50 1.11
C GLN C 41 -10.37 18.17 1.23
N PRO C 42 -9.80 18.22 2.43
CA PRO C 42 -8.46 18.81 2.60
C PRO C 42 -7.43 17.94 1.90
N PRO C 43 -6.23 18.47 1.65
CA PRO C 43 -5.24 17.72 0.86
C PRO C 43 -4.93 16.37 1.47
N GLY C 44 -5.01 15.32 0.65
CA GLY C 44 -4.68 13.98 1.09
C GLY C 44 -5.55 13.44 2.19
N LYS C 45 -6.78 13.92 2.31
CA LYS C 45 -7.71 13.48 3.34
C LYS C 45 -9.03 13.09 2.68
N GLY C 46 -10.00 12.72 3.51
CA GLY C 46 -11.30 12.28 3.06
C GLY C 46 -12.31 13.40 2.93
N LEU C 47 -13.57 13.01 2.93
CA LEU C 47 -14.68 13.92 2.70
C LEU C 47 -15.29 14.36 4.03
N GLN C 48 -15.47 15.66 4.20
CA GLN C 48 -15.99 16.24 5.43
C GLN C 48 -17.25 17.02 5.08
N TRP C 49 -18.40 16.53 5.53
CA TRP C 49 -19.63 17.28 5.34
C TRP C 49 -19.61 18.52 6.22
N ILE C 50 -19.88 19.69 5.64
CA ILE C 50 -19.83 20.96 6.38
C ILE C 50 -21.21 21.39 6.88
N GLY C 51 -22.18 21.45 5.98
CA GLY C 51 -23.52 21.89 6.35
C GLY C 51 -24.40 21.85 5.12
N SER C 52 -25.70 21.98 5.36
CA SER C 52 -26.64 21.99 4.24
C SER C 52 -27.78 22.92 4.57
N ILE C 53 -28.55 23.25 3.54
CA ILE C 53 -29.64 24.21 3.64
C ILE C 53 -30.81 23.68 2.83
N TYR C 54 -32.01 23.89 3.35
CA TYR C 54 -33.26 23.53 2.72
C TYR C 54 -33.81 24.77 2.02
N HIS C 55 -34.69 24.55 1.04
CA HIS C 55 -35.15 25.68 0.23
C HIS C 55 -35.88 26.72 1.06
N THR C 56 -36.44 26.33 2.21
CA THR C 56 -37.07 27.26 3.14
C THR C 56 -36.07 28.18 3.83
N GLY C 57 -34.77 27.85 3.79
CA GLY C 57 -33.76 28.57 4.53
C GLY C 57 -33.27 27.86 5.78
N SER C 58 -33.94 26.79 6.20
CA SER C 58 -33.51 26.02 7.36
C SER C 58 -32.15 25.38 7.10
N THR C 59 -31.27 25.45 8.10
CA THR C 59 -29.89 24.98 7.96
C THR C 59 -29.55 23.93 9.02
N PHE C 60 -28.58 23.08 8.68
CA PHE C 60 -28.04 22.05 9.56
C PHE C 60 -26.54 22.04 9.35
N TYR C 61 -25.77 22.03 10.42
CA TYR C 61 -24.33 22.21 10.32
C TYR C 61 -23.59 21.09 11.03
N ASN C 62 -22.35 20.88 10.60
CA ASN C 62 -21.46 19.95 11.26
C ASN C 62 -20.99 20.63 12.53
N PRO C 63 -21.18 20.02 13.71
CA PRO C 63 -20.72 20.65 14.96
C PRO C 63 -19.24 21.00 14.99
N SER C 64 -18.39 20.30 14.23
CA SER C 64 -16.98 20.68 14.23
C SER C 64 -16.75 22.06 13.62
N PHE C 65 -17.66 22.54 12.76
CA PHE C 65 -17.52 23.80 12.05
C PHE C 65 -18.51 24.87 12.46
N SER C 66 -19.55 24.52 13.21
CA SER C 66 -20.74 25.38 13.30
C SER C 66 -20.42 26.75 13.87
N SER C 67 -19.45 26.87 14.77
CA SER C 67 -19.09 28.19 15.29
C SER C 67 -18.52 29.13 14.23
N ARG C 68 -18.18 28.63 13.03
CA ARG C 68 -17.61 29.46 11.98
C ARG C 68 -18.39 29.45 10.68
N VAL C 69 -19.41 28.60 10.54
CA VAL C 69 -20.06 28.35 9.25
C VAL C 69 -21.45 28.97 9.23
N THR C 70 -21.81 29.55 8.08
CA THR C 70 -23.17 29.92 7.75
C THR C 70 -23.45 29.53 6.31
N LEU C 71 -24.63 28.96 6.07
CA LEU C 71 -25.13 28.84 4.72
C LEU C 71 -26.33 29.77 4.54
N SER C 72 -26.53 30.21 3.30
CA SER C 72 -27.75 30.90 2.93
C SER C 72 -28.16 30.43 1.54
N VAL C 73 -29.43 30.63 1.22
CA VAL C 73 -29.96 30.28 -0.09
C VAL C 73 -30.59 31.53 -0.71
N ASP C 74 -30.46 31.66 -2.03
CA ASP C 74 -31.13 32.69 -2.82
C ASP C 74 -31.95 31.98 -3.89
N THR C 75 -33.21 31.72 -3.58
CA THR C 75 -34.08 31.02 -4.51
C THR C 75 -34.42 31.86 -5.75
N SER C 76 -34.22 33.17 -5.71
CA SER C 76 -34.38 33.99 -6.92
C SER C 76 -33.33 33.64 -7.96
N LYS C 77 -32.05 33.67 -7.56
CA LYS C 77 -30.96 33.38 -8.48
C LYS C 77 -30.68 31.89 -8.61
N ASN C 78 -31.40 31.04 -7.88
CA ASN C 78 -31.17 29.60 -7.89
C ASN C 78 -29.73 29.27 -7.48
N GLN C 79 -29.28 29.87 -6.38
CA GLN C 79 -27.94 29.64 -5.85
C GLN C 79 -28.01 29.53 -4.34
N PHE C 80 -27.00 28.88 -3.77
CA PHE C 80 -26.83 28.83 -2.34
C PHE C 80 -25.34 29.01 -2.03
N SER C 81 -25.06 29.42 -0.80
CA SER C 81 -23.74 29.98 -0.54
C SER C 81 -23.20 29.47 0.79
N LEU C 82 -21.88 29.50 0.89
CA LEU C 82 -21.14 29.10 2.07
C LEU C 82 -20.30 30.28 2.55
N LYS C 83 -20.31 30.49 3.87
CA LYS C 83 -19.47 31.49 4.50
C LYS C 83 -18.77 30.81 5.66
N LEU C 84 -17.44 30.89 5.68
CA LEU C 84 -16.63 30.25 6.71
C LEU C 84 -15.65 31.30 7.21
N ILE C 85 -15.78 31.70 8.48
CA ILE C 85 -15.02 32.83 9.02
C ILE C 85 -13.77 32.34 9.73
N SER C 86 -12.84 33.29 9.95
CA SER C 86 -11.66 33.06 10.79
C SER C 86 -10.85 31.85 10.33
N VAL C 87 -10.57 31.79 9.03
CA VAL C 87 -9.94 30.60 8.48
C VAL C 87 -8.47 30.55 8.86
N ASN C 88 -7.91 29.34 8.87
CA ASN C 88 -6.49 29.13 9.02
C ASN C 88 -6.08 28.05 8.03
N ALA C 89 -4.82 27.61 8.12
CA ALA C 89 -4.24 26.71 7.12
C ALA C 89 -4.98 25.38 7.04
N ALA C 90 -5.65 24.96 8.13
CA ALA C 90 -6.38 23.70 8.11
C ALA C 90 -7.66 23.78 7.28
N ASP C 91 -8.05 24.96 6.82
CA ASP C 91 -9.21 25.12 5.96
C ASP C 91 -8.87 25.07 4.49
N THR C 92 -7.58 24.98 4.15
CA THR C 92 -7.20 24.74 2.76
C THR C 92 -7.74 23.38 2.33
N ALA C 93 -8.50 23.36 1.23
CA ALA C 93 -9.21 22.16 0.81
C ALA C 93 -9.89 22.44 -0.52
N VAL C 94 -10.30 21.35 -1.18
CA VAL C 94 -11.27 21.45 -2.26
C VAL C 94 -12.65 21.50 -1.64
N TYR C 95 -13.43 22.53 -2.00
CA TYR C 95 -14.81 22.66 -1.54
C TYR C 95 -15.74 22.28 -2.69
N TYR C 96 -16.66 21.35 -2.40
CA TYR C 96 -17.66 20.90 -3.35
C TYR C 96 -19.02 21.42 -2.95
N CYS C 97 -19.80 21.95 -3.91
CA CYS C 97 -21.20 22.03 -3.55
C CYS C 97 -21.88 20.73 -3.98
N ALA C 98 -22.99 20.42 -3.32
CA ALA C 98 -23.61 19.12 -3.49
C ALA C 98 -25.07 19.19 -3.09
N ARG C 99 -25.80 18.16 -3.45
CA ARG C 99 -27.18 18.06 -3.02
C ARG C 99 -27.52 16.61 -2.73
N ARG C 100 -28.43 16.41 -1.79
CA ARG C 100 -28.89 15.08 -1.40
C ARG C 100 -30.39 15.14 -1.26
N ILE C 101 -31.10 14.16 -1.82
CA ILE C 101 -32.54 14.15 -1.61
C ILE C 101 -32.82 13.80 -0.15
N ARG C 102 -33.87 14.40 0.38
CA ARG C 102 -34.31 14.12 1.74
C ARG C 102 -34.70 12.66 1.87
N GLY C 103 -34.42 12.09 3.04
CA GLY C 103 -34.85 10.74 3.33
C GLY C 103 -33.68 9.79 3.56
N TYR C 104 -34.07 8.57 3.95
CA TYR C 104 -33.17 7.52 4.40
C TYR C 104 -32.15 7.17 3.32
N SER C 105 -32.61 7.15 2.07
CA SER C 105 -31.88 6.63 0.94
C SER C 105 -31.26 7.71 0.07
N GLY C 106 -31.32 8.97 0.49
CA GLY C 106 -30.85 10.04 -0.37
C GLY C 106 -29.35 9.94 -0.61
N THR C 107 -28.96 10.13 -1.87
CA THR C 107 -27.58 10.10 -2.31
C THR C 107 -27.19 11.50 -2.78
N TYR C 108 -25.89 11.72 -2.94
CA TYR C 108 -25.38 13.03 -3.33
C TYR C 108 -25.07 13.15 -4.81
N ASP C 109 -25.47 14.29 -5.36
CA ASP C 109 -24.99 14.80 -6.63
C ASP C 109 -23.91 15.81 -6.26
N TRP C 110 -22.85 15.89 -7.08
CA TRP C 110 -21.72 16.73 -6.71
C TRP C 110 -21.40 17.78 -7.78
N GLY C 111 -20.87 18.90 -7.30
CA GLY C 111 -20.19 19.85 -8.14
C GLY C 111 -18.81 19.34 -8.48
N GLN C 112 -18.09 20.13 -9.27
CA GLN C 112 -16.77 19.70 -9.69
C GLN C 112 -15.71 20.03 -8.65
N GLY C 113 -16.03 20.87 -7.68
CA GLY C 113 -15.09 21.21 -6.64
C GLY C 113 -14.25 22.41 -7.01
N THR C 114 -13.91 23.21 -6.00
CA THR C 114 -13.03 24.34 -6.21
C THR C 114 -12.01 24.41 -5.08
N LEU C 115 -10.75 24.60 -5.45
CA LEU C 115 -9.69 24.66 -4.45
C LEU C 115 -9.68 26.04 -3.80
N VAL C 116 -9.60 26.07 -2.48
CA VAL C 116 -9.37 27.31 -1.74
C VAL C 116 -8.13 27.11 -0.89
N THR C 117 -7.16 28.01 -1.04
CA THR C 117 -5.94 28.00 -0.27
C THR C 117 -5.99 29.13 0.75
N VAL C 118 -5.68 28.82 2.01
CA VAL C 118 -5.57 29.84 3.05
C VAL C 118 -4.09 30.15 3.25
N SER C 119 -3.71 31.38 2.93
CA SER C 119 -2.30 31.76 2.98
C SER C 119 -2.21 33.28 3.01
N SER C 120 -1.17 33.78 3.69
CA SER C 120 -0.85 35.20 3.65
C SER C 120 -0.10 35.60 2.39
N ALA C 121 0.45 34.64 1.65
CA ALA C 121 1.26 34.97 0.49
C ALA C 121 0.40 35.58 -0.61
N SER C 122 1.06 36.32 -1.50
CA SER C 122 0.38 37.01 -2.59
C SER C 122 0.28 36.14 -3.83
N THR C 123 -0.75 36.40 -4.64
CA THR C 123 -0.89 35.70 -5.90
C THR C 123 0.25 36.10 -6.83
N LYS C 124 0.80 35.11 -7.54
CA LYS C 124 1.87 35.36 -8.49
C LYS C 124 1.62 34.52 -9.73
N GLY C 125 1.72 35.16 -10.91
CA GLY C 125 1.53 34.49 -12.16
C GLY C 125 2.74 33.69 -12.58
N PRO C 126 2.52 32.61 -13.33
CA PRO C 126 3.62 31.73 -13.70
C PRO C 126 4.40 32.25 -14.89
N SER C 127 5.66 31.84 -14.95
CA SER C 127 6.41 31.88 -16.21
C SER C 127 6.19 30.56 -16.91
N VAL C 128 6.12 30.59 -18.25
CA VAL C 128 5.89 29.37 -19.04
C VAL C 128 7.05 29.20 -20.00
N PHE C 129 7.80 28.11 -19.82
CA PHE C 129 8.95 27.88 -20.68
C PHE C 129 8.77 26.60 -21.48
N PRO C 130 9.30 26.55 -22.70
CA PRO C 130 9.17 25.33 -23.51
C PRO C 130 10.13 24.25 -23.04
N LEU C 131 9.65 23.01 -23.11
CA LEU C 131 10.47 21.82 -23.01
C LEU C 131 10.62 21.31 -24.44
N ALA C 132 11.68 21.74 -25.10
CA ALA C 132 11.75 21.59 -26.55
C ALA C 132 12.05 20.15 -26.94
N PRO C 133 11.35 19.61 -27.94
CA PRO C 133 11.72 18.30 -28.48
C PRO C 133 13.07 18.38 -29.18
N SER C 134 13.87 17.33 -29.05
CA SER C 134 15.19 17.27 -29.63
C SER C 134 15.51 15.80 -29.90
N SER C 135 16.74 15.54 -30.36
CA SER C 135 17.21 14.16 -30.44
C SER C 135 17.33 13.51 -29.07
N LYS C 136 17.46 14.31 -28.02
CA LYS C 136 17.58 13.80 -26.65
C LYS C 136 16.23 13.46 -26.04
N SER C 137 15.14 13.70 -26.77
CA SER C 137 13.79 13.44 -26.30
C SER C 137 12.98 12.70 -27.38
N THR C 138 13.66 11.89 -28.19
CA THR C 138 13.03 11.01 -29.16
C THR C 138 13.35 9.56 -28.81
N SER C 139 12.30 8.74 -28.69
CA SER C 139 12.43 7.32 -28.39
C SER C 139 11.81 6.56 -29.55
N GLY C 140 12.66 6.03 -30.43
CA GLY C 140 12.15 5.43 -31.65
C GLY C 140 11.55 6.50 -32.54
N GLY C 141 10.33 6.27 -32.99
CA GLY C 141 9.60 7.23 -33.80
C GLY C 141 8.81 8.25 -33.02
N THR C 142 8.97 8.30 -31.70
CA THR C 142 8.18 9.15 -30.82
C THR C 142 9.05 10.25 -30.23
N ALA C 143 8.53 11.48 -30.20
CA ALA C 143 9.23 12.62 -29.61
C ALA C 143 8.40 13.18 -28.46
N ALA C 144 9.08 13.49 -27.36
CA ALA C 144 8.47 14.12 -26.19
C ALA C 144 8.73 15.61 -26.20
N LEU C 145 7.71 16.39 -25.82
CA LEU C 145 7.85 17.83 -25.65
C LEU C 145 6.96 18.25 -24.48
N GLY C 146 7.09 19.50 -24.07
CA GLY C 146 6.30 19.95 -22.96
C GLY C 146 6.43 21.43 -22.68
N CYS C 147 5.88 21.82 -21.53
CA CYS C 147 5.92 23.19 -21.03
C CYS C 147 6.24 23.14 -19.54
N LEU C 148 7.15 24.03 -19.12
CA LEU C 148 7.48 24.21 -17.71
C LEU C 148 6.75 25.44 -17.21
N VAL C 149 5.86 25.25 -16.23
CA VAL C 149 5.03 26.31 -15.67
C VAL C 149 5.57 26.58 -14.26
N LYS C 150 6.36 27.65 -14.12
CA LYS C 150 7.21 27.83 -12.96
C LYS C 150 6.82 29.08 -12.19
N ASP C 151 6.85 28.99 -10.85
CA ASP C 151 6.81 30.13 -9.94
C ASP C 151 5.46 30.84 -9.90
N TYR C 152 4.41 30.10 -9.55
CA TYR C 152 3.08 30.69 -9.44
C TYR C 152 2.49 30.38 -8.08
N PHE C 153 1.47 31.17 -7.71
CA PHE C 153 0.77 31.00 -6.45
C PHE C 153 -0.58 31.70 -6.57
N PRO C 154 -1.67 31.10 -6.08
CA PRO C 154 -1.68 29.75 -5.52
C PRO C 154 -2.01 28.73 -6.61
N GLU C 155 -2.24 27.48 -6.21
CA GLU C 155 -2.81 26.53 -7.15
C GLU C 155 -4.24 26.90 -7.49
N PRO C 156 -4.76 26.42 -8.62
CA PRO C 156 -4.10 25.59 -9.64
C PRO C 156 -3.75 26.38 -10.91
N VAL C 157 -2.99 25.73 -11.79
CA VAL C 157 -2.93 26.13 -13.19
C VAL C 157 -3.62 25.02 -13.98
N THR C 158 -4.11 25.38 -15.16
CA THR C 158 -4.64 24.41 -16.12
C THR C 158 -3.83 24.49 -17.40
N VAL C 159 -3.53 23.33 -17.98
CA VAL C 159 -2.74 23.25 -19.20
C VAL C 159 -3.51 22.42 -20.20
N SER C 160 -3.67 22.97 -21.40
CA SER C 160 -4.18 22.21 -22.53
C SER C 160 -3.16 22.33 -23.66
N TRP C 161 -3.29 21.43 -24.62
CA TRP C 161 -2.38 21.39 -25.76
C TRP C 161 -3.19 21.63 -27.03
N ASN C 162 -2.70 22.54 -27.87
CA ASN C 162 -3.33 22.86 -29.15
C ASN C 162 -4.83 23.10 -28.97
N SER C 163 -5.15 23.92 -27.96
CA SER C 163 -6.53 24.31 -27.69
C SER C 163 -7.44 23.10 -27.47
N GLY C 164 -6.90 22.02 -26.89
CA GLY C 164 -7.69 20.86 -26.58
C GLY C 164 -7.72 19.78 -27.64
N ALA C 165 -7.12 20.03 -28.81
CA ALA C 165 -7.08 19.02 -29.86
C ALA C 165 -6.07 17.92 -29.60
N LEU C 166 -5.08 18.15 -28.74
CA LEU C 166 -4.07 17.15 -28.40
C LEU C 166 -4.29 16.72 -26.95
N THR C 167 -4.69 15.46 -26.76
CA THR C 167 -5.03 14.96 -25.43
C THR C 167 -4.32 13.63 -25.16
N SER C 168 -4.04 12.88 -26.21
CA SER C 168 -3.46 11.56 -26.05
C SER C 168 -1.99 11.69 -25.64
N GLY C 169 -1.60 10.94 -24.61
CA GLY C 169 -0.22 10.96 -24.16
C GLY C 169 0.16 12.20 -23.40
N VAL C 170 -0.80 13.03 -23.02
CA VAL C 170 -0.51 14.20 -22.18
C VAL C 170 -0.38 13.74 -20.73
N HIS C 171 0.69 14.16 -20.08
CA HIS C 171 0.85 14.04 -18.63
C HIS C 171 1.13 15.42 -18.08
N THR C 172 0.20 15.95 -17.29
CA THR C 172 0.41 17.19 -16.56
C THR C 172 0.71 16.82 -15.12
N PHE C 173 1.92 17.09 -14.68
CA PHE C 173 2.36 16.55 -13.41
C PHE C 173 1.73 17.31 -12.25
N PRO C 174 1.59 16.68 -11.09
CA PRO C 174 1.19 17.42 -9.89
C PRO C 174 2.19 18.53 -9.62
N ALA C 175 1.66 19.68 -9.22
CA ALA C 175 2.52 20.81 -8.87
C ALA C 175 3.36 20.47 -7.65
N VAL C 176 4.57 21.02 -7.61
CA VAL C 176 5.45 20.86 -6.46
C VAL C 176 5.72 22.23 -5.86
N LEU C 177 5.79 22.29 -4.53
CA LEU C 177 6.08 23.54 -3.83
C LEU C 177 7.59 23.70 -3.73
N GLN C 178 8.10 24.80 -4.29
CA GLN C 178 9.53 25.04 -4.28
C GLN C 178 9.97 25.65 -2.95
N SER C 179 11.29 25.72 -2.76
CA SER C 179 11.86 26.34 -1.56
C SER C 179 11.43 27.79 -1.42
N SER C 180 11.12 28.44 -2.54
CA SER C 180 10.72 29.83 -2.53
C SER C 180 9.29 30.05 -2.06
N GLY C 181 8.52 28.97 -1.88
CA GLY C 181 7.11 29.10 -1.55
C GLY C 181 6.20 29.20 -2.74
N LEU C 182 6.74 29.05 -3.95
CA LEU C 182 5.97 29.13 -5.17
C LEU C 182 5.86 27.74 -5.79
N TYR C 183 4.80 27.52 -6.56
CA TYR C 183 4.58 26.25 -7.20
C TYR C 183 5.23 26.19 -8.57
N SER C 184 5.46 24.96 -9.02
CA SER C 184 6.00 24.69 -10.34
C SER C 184 5.48 23.33 -10.81
N LEU C 185 5.21 23.22 -12.10
CA LEU C 185 4.89 21.93 -12.69
C LEU C 185 5.31 21.93 -14.15
N SER C 186 5.41 20.72 -14.70
CA SER C 186 5.58 20.55 -16.14
C SER C 186 4.40 19.77 -16.68
N SER C 187 4.04 20.05 -17.93
CA SER C 187 3.09 19.24 -18.67
C SER C 187 3.79 18.77 -19.94
N VAL C 188 3.74 17.47 -20.19
CA VAL C 188 4.46 16.86 -21.30
C VAL C 188 3.47 16.07 -22.17
N VAL C 189 3.90 15.81 -23.40
CA VAL C 189 3.11 15.05 -24.36
C VAL C 189 4.07 14.40 -25.36
N THR C 190 3.70 13.21 -25.83
CA THR C 190 4.45 12.54 -26.88
C THR C 190 3.70 12.64 -28.20
N VAL C 191 4.45 12.94 -29.27
CA VAL C 191 3.90 13.06 -30.62
C VAL C 191 4.84 12.35 -31.59
N PRO C 192 4.36 12.06 -32.80
CA PRO C 192 5.27 11.49 -33.80
C PRO C 192 6.42 12.44 -34.10
N SER C 193 7.64 11.88 -34.11
CA SER C 193 8.81 12.65 -34.52
C SER C 193 8.62 13.26 -35.90
N SER C 194 8.01 12.51 -36.81
CA SER C 194 7.79 12.99 -38.17
C SER C 194 6.89 14.23 -38.22
N SER C 195 6.15 14.52 -37.14
CA SER C 195 5.25 15.67 -37.12
C SER C 195 5.96 16.98 -36.76
N LEU C 196 7.18 16.92 -36.22
CA LEU C 196 7.81 18.11 -35.68
C LEU C 196 8.08 19.16 -36.74
N GLY C 197 8.35 18.75 -37.98
CA GLY C 197 8.65 19.72 -39.02
C GLY C 197 7.45 20.46 -39.56
N THR C 198 6.24 19.97 -39.31
CA THR C 198 5.05 20.52 -39.94
C THR C 198 3.98 20.95 -38.94
N GLN C 199 3.86 20.28 -37.80
CA GLN C 199 2.85 20.63 -36.80
C GLN C 199 3.48 21.56 -35.77
N THR C 200 2.77 22.64 -35.43
CA THR C 200 3.18 23.52 -34.35
C THR C 200 2.42 23.14 -33.08
N TYR C 201 3.16 22.93 -32.01
CA TYR C 201 2.58 22.54 -30.73
C TYR C 201 2.60 23.71 -29.75
N ILE C 202 1.44 23.99 -29.15
CA ILE C 202 1.25 25.16 -28.30
C ILE C 202 0.61 24.68 -27.01
N CYS C 203 1.23 25.00 -25.88
CA CYS C 203 0.61 24.74 -24.60
C CYS C 203 -0.17 25.98 -24.15
N ASN C 204 -1.44 25.78 -23.83
CA ASN C 204 -2.31 26.83 -23.33
C ASN C 204 -2.33 26.76 -21.81
N VAL C 205 -1.75 27.76 -21.18
CA VAL C 205 -1.64 27.81 -19.72
C VAL C 205 -2.57 28.89 -19.20
N ASN C 206 -3.33 28.57 -18.16
CA ASN C 206 -4.28 29.49 -17.54
C ASN C 206 -4.07 29.46 -16.04
N HIS C 207 -3.90 30.65 -15.45
CA HIS C 207 -3.74 30.79 -14.00
C HIS C 207 -4.73 31.89 -13.60
N LYS C 208 -5.96 31.49 -13.31
CA LYS C 208 -7.01 32.48 -13.02
C LYS C 208 -6.65 33.45 -11.90
N PRO C 209 -6.06 33.05 -10.76
CA PRO C 209 -5.83 34.04 -9.69
C PRO C 209 -4.99 35.24 -10.14
N SER C 210 -4.13 35.09 -11.15
CA SER C 210 -3.32 36.20 -11.64
C SER C 210 -3.79 36.71 -12.99
N ASN C 211 -4.91 36.20 -13.51
CA ASN C 211 -5.37 36.52 -14.87
C ASN C 211 -4.29 36.22 -15.92
N THR C 212 -3.48 35.20 -15.67
CA THR C 212 -2.43 34.82 -16.59
C THR C 212 -3.00 33.76 -17.54
N LYS C 213 -3.02 34.08 -18.83
CA LYS C 213 -3.33 33.11 -19.88
C LYS C 213 -2.24 33.22 -20.94
N VAL C 214 -1.48 32.15 -21.12
CA VAL C 214 -0.32 32.14 -21.99
C VAL C 214 -0.48 31.01 -23.00
N ASP C 215 -0.24 31.32 -24.28
CA ASP C 215 -0.18 30.34 -25.35
C ASP C 215 1.26 30.31 -25.83
N LYS C 216 1.98 29.26 -25.45
CA LYS C 216 3.42 29.16 -25.69
C LYS C 216 3.73 28.14 -26.78
N LYS C 217 4.34 28.59 -27.88
CA LYS C 217 4.83 27.66 -28.89
C LYS C 217 6.05 26.90 -28.37
N VAL C 218 6.05 25.59 -28.60
CA VAL C 218 7.14 24.70 -28.25
C VAL C 218 7.75 24.22 -29.57
N GLU C 219 8.83 24.90 -30.01
CA GLU C 219 9.51 24.60 -31.26
C GLU C 219 10.67 23.62 -31.01
N PRO C 220 10.94 22.72 -31.96
CA PRO C 220 11.98 21.69 -31.87
C PRO C 220 13.37 22.25 -31.52
N ILE D 2 -23.55 9.61 13.04
CA ILE D 2 -22.80 8.38 13.25
C ILE D 2 -21.43 8.47 12.61
N GLN D 3 -20.61 7.46 12.90
CA GLN D 3 -19.29 7.33 12.28
C GLN D 3 -19.30 6.07 11.42
N LEU D 4 -18.84 6.18 10.19
CA LEU D 4 -18.75 5.03 9.30
C LEU D 4 -17.28 4.70 9.14
N THR D 5 -16.95 3.41 9.21
CA THR D 5 -15.59 2.96 8.99
C THR D 5 -15.58 2.00 7.80
N GLN D 6 -14.41 1.85 7.20
CA GLN D 6 -14.28 1.05 6.00
C GLN D 6 -13.08 0.12 6.12
N SER D 7 -13.17 -1.03 5.47
CA SER D 7 -12.07 -1.99 5.55
C SER D 7 -12.03 -2.82 4.28
N PRO D 8 -10.83 -3.02 3.70
CA PRO D 8 -9.55 -2.41 4.07
C PRO D 8 -9.49 -0.90 3.81
N SER D 9 -8.49 -0.24 4.40
CA SER D 9 -8.21 1.17 4.14
C SER D 9 -7.56 1.36 2.77
N PHE D 10 -6.70 0.42 2.38
CA PHE D 10 -5.97 0.48 1.13
C PHE D 10 -5.78 -0.95 0.65
N LEU D 11 -5.84 -1.14 -0.67
CA LEU D 11 -5.53 -2.48 -1.17
C LEU D 11 -5.00 -2.36 -2.59
N SER D 12 -4.13 -3.32 -2.94
CA SER D 12 -3.61 -3.47 -4.30
C SER D 12 -4.04 -4.82 -4.80
N ALA D 13 -4.57 -4.85 -6.02
CA ALA D 13 -5.04 -6.08 -6.64
C ALA D 13 -4.79 -5.99 -8.15
N SER D 14 -4.85 -7.13 -8.81
CA SER D 14 -4.59 -7.23 -10.24
C SER D 14 -5.89 -7.17 -11.05
N VAL D 15 -5.74 -6.84 -12.34
CA VAL D 15 -6.89 -6.78 -13.23
C VAL D 15 -7.58 -8.14 -13.23
N GLY D 16 -8.90 -8.14 -13.08
CA GLY D 16 -9.65 -9.37 -13.05
C GLY D 16 -9.96 -9.91 -11.66
N ASP D 17 -9.28 -9.41 -10.63
CA ASP D 17 -9.57 -9.90 -9.28
C ASP D 17 -10.96 -9.44 -8.84
N ARG D 18 -11.58 -10.21 -7.95
CA ARG D 18 -12.76 -9.77 -7.24
C ARG D 18 -12.33 -9.08 -5.95
N VAL D 19 -12.83 -7.88 -5.71
CA VAL D 19 -12.41 -7.07 -4.57
C VAL D 19 -13.63 -6.74 -3.74
N THR D 20 -13.51 -6.85 -2.42
CA THR D 20 -14.63 -6.57 -1.52
C THR D 20 -14.20 -5.55 -0.46
N ILE D 21 -15.00 -4.50 -0.31
CA ILE D 21 -14.77 -3.45 0.68
C ILE D 21 -16.01 -3.42 1.58
N THR D 22 -15.79 -3.27 2.89
CA THR D 22 -16.89 -3.28 3.84
C THR D 22 -17.05 -1.92 4.52
N CYS D 23 -18.30 -1.56 4.76
CA CYS D 23 -18.70 -0.35 5.44
C CYS D 23 -19.42 -0.73 6.72
N ARG D 24 -19.01 -0.18 7.85
CA ARG D 24 -19.62 -0.48 9.14
C ARG D 24 -20.04 0.82 9.80
N ALA D 25 -21.27 0.86 10.33
CA ALA D 25 -21.80 2.03 11.01
C ALA D 25 -21.66 1.88 12.52
N SER D 26 -21.28 2.98 13.19
CA SER D 26 -21.11 2.95 14.64
C SER D 26 -22.42 2.68 15.35
N GLN D 27 -23.54 3.07 14.73
CA GLN D 27 -24.87 2.79 15.25
C GLN D 27 -25.74 2.43 14.05
N ASP D 28 -26.60 1.43 14.24
CA ASP D 28 -27.38 0.84 13.16
C ASP D 28 -28.67 1.63 12.97
N ILE D 29 -28.62 2.66 12.12
CA ILE D 29 -29.74 3.57 12.00
C ILE D 29 -30.45 3.45 10.64
N SER D 30 -29.75 3.12 9.56
CA SER D 30 -30.38 2.97 8.26
C SER D 30 -30.05 1.62 7.64
N SER D 31 -31.00 1.09 6.88
CA SER D 31 -30.76 -0.13 6.12
C SER D 31 -30.28 0.19 4.71
N TYR D 32 -30.08 1.46 4.38
CA TYR D 32 -29.62 1.88 3.07
C TYR D 32 -28.21 2.44 3.16
N VAL D 33 -27.38 2.11 2.17
CA VAL D 33 -26.04 2.65 2.03
C VAL D 33 -25.82 2.96 0.56
N ALA D 34 -24.89 3.89 0.30
CA ALA D 34 -24.48 4.21 -1.05
C ALA D 34 -22.97 4.29 -1.12
N TRP D 35 -22.42 4.06 -2.30
CA TRP D 35 -20.98 4.06 -2.51
C TRP D 35 -20.61 5.04 -3.61
N TYR D 36 -19.51 5.76 -3.41
CA TYR D 36 -18.98 6.72 -4.37
C TYR D 36 -17.60 6.31 -4.81
N GLN D 37 -17.31 6.53 -6.08
CA GLN D 37 -15.98 6.28 -6.62
C GLN D 37 -15.37 7.63 -6.94
N GLN D 38 -14.17 7.87 -6.42
CA GLN D 38 -13.46 9.13 -6.67
C GLN D 38 -12.17 8.79 -7.40
N LYS D 39 -12.14 9.08 -8.70
CA LYS D 39 -10.91 8.93 -9.46
C LYS D 39 -10.00 10.13 -9.23
N PRO D 40 -8.69 9.98 -9.42
CA PRO D 40 -7.76 11.07 -9.16
C PRO D 40 -8.18 12.35 -9.89
N GLY D 41 -8.18 13.46 -9.16
CA GLY D 41 -8.46 14.76 -9.73
C GLY D 41 -9.90 15.00 -10.10
N ASN D 42 -10.83 14.17 -9.63
CA ASN D 42 -12.24 14.33 -9.95
C ASN D 42 -13.06 14.39 -8.66
N ALA D 43 -14.28 14.89 -8.80
CA ALA D 43 -15.25 14.81 -7.71
C ALA D 43 -15.68 13.35 -7.53
N PRO D 44 -16.10 12.96 -6.32
CA PRO D 44 -16.71 11.63 -6.17
C PRO D 44 -17.93 11.52 -7.05
N LYS D 45 -18.24 10.28 -7.47
CA LYS D 45 -19.40 10.05 -8.31
C LYS D 45 -20.15 8.84 -7.76
N LEU D 46 -21.47 8.95 -7.69
CA LEU D 46 -22.27 7.85 -7.17
C LEU D 46 -22.08 6.58 -7.98
N LEU D 47 -21.75 5.48 -7.31
CA LEU D 47 -21.53 4.19 -7.96
C LEU D 47 -22.74 3.28 -7.83
N ILE D 48 -23.18 3.03 -6.60
CA ILE D 48 -24.33 2.17 -6.34
C ILE D 48 -25.00 2.69 -5.08
N SER D 49 -26.28 2.39 -4.96
CA SER D 49 -27.08 2.68 -3.78
C SER D 49 -27.91 1.45 -3.44
N SER D 50 -28.03 1.15 -2.14
CA SER D 50 -28.88 0.03 -1.74
C SER D 50 -30.31 0.20 -2.21
N ALA D 51 -30.78 1.45 -2.36
CA ALA D 51 -32.12 1.67 -2.89
C ALA D 51 -32.20 1.30 -4.37
N SER D 52 -31.34 1.91 -5.19
CA SER D 52 -31.26 1.58 -6.61
C SER D 52 -30.53 0.26 -6.81
N GLY D 57 -26.61 4.16 -14.38
CA GLY D 57 -25.71 4.02 -15.51
C GLY D 57 -24.32 3.58 -15.08
N VAL D 58 -24.28 2.55 -14.25
CA VAL D 58 -23.04 2.14 -13.59
C VAL D 58 -22.68 0.73 -14.06
N PRO D 59 -21.39 0.42 -14.25
CA PRO D 59 -21.01 -0.95 -14.64
C PRO D 59 -21.57 -1.98 -13.67
N SER D 60 -22.11 -3.06 -14.22
CA SER D 60 -22.64 -4.13 -13.39
C SER D 60 -21.54 -4.97 -12.76
N ARG D 61 -20.28 -4.56 -12.92
CA ARG D 61 -19.17 -5.16 -12.18
C ARG D 61 -19.26 -4.79 -10.71
N PHE D 62 -19.97 -3.71 -10.38
CA PHE D 62 -20.12 -3.24 -9.01
C PHE D 62 -21.47 -3.71 -8.46
N SER D 63 -21.46 -4.22 -7.23
CA SER D 63 -22.68 -4.68 -6.59
C SER D 63 -22.53 -4.51 -5.08
N GLY D 64 -23.67 -4.38 -4.43
CA GLY D 64 -23.71 -4.15 -2.99
C GLY D 64 -24.45 -5.29 -2.30
N SER D 65 -24.09 -5.55 -1.05
CA SER D 65 -24.69 -6.64 -0.31
C SER D 65 -24.65 -6.31 1.17
N ARG D 66 -25.14 -7.24 1.99
CA ARG D 66 -25.16 -7.10 3.44
C ARG D 66 -24.32 -8.21 4.06
N SER D 67 -23.45 -7.81 4.97
CA SER D 67 -22.70 -8.71 5.83
C SER D 67 -23.22 -8.46 7.25
N GLY D 68 -24.25 -9.21 7.63
CA GLY D 68 -24.94 -8.88 8.88
C GLY D 68 -25.52 -7.48 8.75
N THR D 69 -25.26 -6.65 9.76
CA THR D 69 -25.66 -5.24 9.66
C THR D 69 -24.66 -4.41 8.86
N ASP D 70 -23.49 -4.97 8.53
CA ASP D 70 -22.50 -4.26 7.72
C ASP D 70 -22.92 -4.24 6.25
N PHE D 71 -22.26 -3.38 5.47
CA PHE D 71 -22.52 -3.27 4.05
C PHE D 71 -21.23 -3.53 3.26
N THR D 72 -21.36 -4.17 2.11
CA THR D 72 -20.21 -4.59 1.31
C THR D 72 -20.38 -4.07 -0.11
N LEU D 73 -19.29 -3.57 -0.67
CA LEU D 73 -19.17 -3.26 -2.09
C LEU D 73 -18.22 -4.28 -2.70
N THR D 74 -18.67 -4.96 -3.75
CA THR D 74 -17.85 -5.92 -4.46
C THR D 74 -17.63 -5.45 -5.89
N ILE D 75 -16.37 -5.44 -6.31
CA ILE D 75 -16.01 -5.28 -7.71
C ILE D 75 -15.70 -6.67 -8.25
N SER D 76 -16.50 -7.14 -9.22
CA SER D 76 -16.45 -8.56 -9.55
C SER D 76 -15.22 -8.94 -10.35
N SER D 77 -14.68 -7.99 -11.14
CA SER D 77 -13.53 -8.26 -12.00
C SER D 77 -12.83 -6.91 -12.18
N LEU D 78 -11.80 -6.67 -11.37
CA LEU D 78 -11.19 -5.35 -11.30
C LEU D 78 -10.61 -4.91 -12.64
N GLN D 79 -10.81 -3.64 -12.97
CA GLN D 79 -10.35 -3.06 -14.22
C GLN D 79 -9.36 -1.92 -13.94
N PRO D 80 -8.49 -1.59 -14.89
CA PRO D 80 -7.53 -0.48 -14.66
C PRO D 80 -8.20 0.84 -14.27
N GLU D 81 -9.35 1.14 -14.85
CA GLU D 81 -10.05 2.38 -14.54
C GLU D 81 -10.72 2.36 -13.17
N ASP D 82 -10.68 1.24 -12.45
CA ASP D 82 -11.21 1.22 -11.09
C ASP D 82 -10.24 1.79 -10.07
N PHE D 83 -9.03 2.17 -10.49
CA PHE D 83 -8.10 2.90 -9.66
C PHE D 83 -8.79 4.15 -9.12
N ALA D 84 -9.01 4.21 -7.80
CA ALA D 84 -9.87 5.25 -7.24
C ALA D 84 -9.92 5.06 -5.74
N THR D 85 -10.52 6.02 -5.06
CA THR D 85 -10.88 5.89 -3.65
C THR D 85 -12.38 5.72 -3.57
N TYR D 86 -12.82 4.74 -2.79
CA TYR D 86 -14.24 4.40 -2.67
C TYR D 86 -14.72 4.82 -1.28
N TYR D 87 -15.88 5.51 -1.24
CA TYR D 87 -16.46 6.00 0.01
C TYR D 87 -17.87 5.48 0.18
N CYS D 88 -18.19 4.97 1.37
CA CYS D 88 -19.58 4.64 1.65
C CYS D 88 -20.23 5.83 2.34
N GLN D 89 -21.57 5.84 2.31
CA GLN D 89 -22.34 7.00 2.72
C GLN D 89 -23.71 6.59 3.25
N GLN D 90 -24.09 7.16 4.39
CA GLN D 90 -25.44 7.08 4.94
C GLN D 90 -25.82 8.47 5.44
N LEU D 91 -26.88 9.04 4.88
CA LEU D 91 -27.32 10.41 5.18
C LEU D 91 -26.11 11.34 4.95
N ASN D 92 -25.80 12.24 5.89
CA ASN D 92 -24.68 13.19 5.79
C ASN D 92 -23.35 12.61 6.26
N ASN D 93 -23.22 11.30 6.38
CA ASN D 93 -22.03 10.67 6.95
C ASN D 93 -21.28 9.91 5.86
N PHE D 94 -19.96 10.08 5.81
CA PHE D 94 -19.13 9.34 4.87
C PHE D 94 -18.11 8.50 5.64
N GLY D 95 -17.75 7.37 5.06
CA GLY D 95 -16.64 6.61 5.56
C GLY D 95 -15.34 7.31 5.19
N PRO D 96 -14.24 6.84 5.75
CA PRO D 96 -12.95 7.52 5.51
C PRO D 96 -12.33 7.20 4.17
N GLY D 97 -12.91 6.29 3.39
CA GLY D 97 -12.39 6.00 2.07
C GLY D 97 -11.53 4.75 2.03
N THR D 98 -11.62 4.02 0.92
CA THR D 98 -10.77 2.85 0.66
C THR D 98 -10.11 3.06 -0.69
N THR D 99 -8.79 3.11 -0.72
CA THR D 99 -8.07 3.34 -1.97
C THR D 99 -7.68 2.01 -2.60
N VAL D 100 -7.95 1.87 -3.89
CA VAL D 100 -7.69 0.66 -4.64
C VAL D 100 -6.65 0.96 -5.73
N ASP D 101 -5.48 0.33 -5.61
CA ASP D 101 -4.36 0.41 -6.54
C ASP D 101 -4.37 -0.83 -7.44
N ILE D 102 -3.78 -0.69 -8.64
CA ILE D 102 -3.74 -1.77 -9.60
C ILE D 102 -2.32 -2.31 -9.73
N LYS D 103 -2.15 -3.61 -9.49
CA LYS D 103 -0.85 -4.24 -9.67
C LYS D 103 -0.82 -4.82 -11.09
N ARG D 104 0.27 -4.54 -11.82
CA ARG D 104 0.40 -4.84 -13.24
C ARG D 104 1.81 -5.38 -13.49
N THR D 105 2.07 -5.84 -14.71
CA THR D 105 3.42 -6.32 -15.05
C THR D 105 4.43 -5.16 -15.09
N VAL D 106 5.70 -5.54 -14.90
CA VAL D 106 6.80 -4.57 -14.94
C VAL D 106 6.85 -3.90 -16.30
N ALA D 107 7.03 -2.59 -16.31
CA ALA D 107 7.22 -1.83 -17.54
C ALA D 107 8.37 -0.86 -17.37
N ALA D 108 9.35 -0.92 -18.27
CA ALA D 108 10.49 -0.02 -18.15
C ALA D 108 10.10 1.39 -18.62
N PRO D 109 10.67 2.42 -18.00
CA PRO D 109 10.38 3.78 -18.45
C PRO D 109 11.05 4.10 -19.78
N SER D 110 10.41 4.95 -20.56
CA SER D 110 11.07 5.67 -21.63
C SER D 110 11.59 6.98 -21.07
N VAL D 111 12.88 7.26 -21.27
CA VAL D 111 13.53 8.39 -20.64
C VAL D 111 13.84 9.47 -21.67
N PHE D 112 13.59 10.72 -21.29
CA PHE D 112 13.84 11.89 -22.13
C PHE D 112 14.44 12.98 -21.26
N ILE D 113 15.28 13.83 -21.87
CA ILE D 113 15.87 14.95 -21.14
C ILE D 113 15.66 16.23 -21.94
N PHE D 114 15.46 17.33 -21.22
CA PHE D 114 15.17 18.63 -21.80
C PHE D 114 16.14 19.67 -21.24
N PRO D 115 16.96 20.29 -22.07
CA PRO D 115 17.82 21.39 -21.60
C PRO D 115 17.00 22.63 -21.26
N PRO D 116 17.59 23.59 -20.56
CA PRO D 116 16.86 24.84 -20.31
C PRO D 116 16.54 25.57 -21.61
N SER D 117 15.44 26.32 -21.58
CA SER D 117 15.07 27.13 -22.72
C SER D 117 15.90 28.41 -22.76
N ASP D 118 16.01 28.98 -23.97
CA ASP D 118 16.72 30.25 -24.11
C ASP D 118 16.02 31.36 -23.32
N GLU D 119 14.68 31.32 -23.26
CA GLU D 119 13.95 32.36 -22.57
C GLU D 119 14.17 32.30 -21.06
N GLN D 120 14.29 31.10 -20.50
CA GLN D 120 14.57 31.00 -19.07
C GLN D 120 15.99 31.45 -18.74
N LEU D 121 16.97 31.05 -19.56
CA LEU D 121 18.35 31.42 -19.26
C LEU D 121 18.52 32.93 -19.14
N LYS D 122 17.76 33.71 -19.92
CA LYS D 122 17.77 35.16 -19.75
C LYS D 122 17.40 35.59 -18.33
N SER D 123 16.77 34.72 -17.55
CA SER D 123 16.23 35.11 -16.24
C SER D 123 17.22 35.02 -15.10
N GLY D 124 18.26 34.18 -15.20
CA GLY D 124 19.15 33.90 -14.09
C GLY D 124 18.98 32.53 -13.48
N THR D 125 18.14 31.68 -14.05
CA THR D 125 17.86 30.35 -13.52
C THR D 125 17.81 29.38 -14.69
N ALA D 126 18.24 28.14 -14.45
CA ALA D 126 18.23 27.08 -15.44
C ALA D 126 17.56 25.86 -14.84
N SER D 127 16.48 25.41 -15.46
CA SER D 127 15.83 24.16 -15.09
C SER D 127 16.11 23.11 -16.16
N VAL D 128 16.63 21.96 -15.73
CA VAL D 128 16.81 20.80 -16.58
C VAL D 128 15.78 19.75 -16.16
N VAL D 129 15.06 19.20 -17.11
CA VAL D 129 13.97 18.28 -16.82
C VAL D 129 14.29 16.91 -17.40
N CYS D 130 14.14 15.88 -16.58
CA CYS D 130 14.24 14.50 -17.02
C CYS D 130 12.87 13.83 -16.90
N LEU D 131 12.42 13.19 -17.98
CA LEU D 131 11.11 12.55 -17.99
C LEU D 131 11.25 11.04 -18.10
N LEU D 132 10.62 10.32 -17.16
CA LEU D 132 10.41 8.87 -17.25
C LEU D 132 8.94 8.62 -17.52
N ASN D 133 8.64 8.04 -18.68
CA ASN D 133 7.29 7.94 -19.18
C ASN D 133 6.81 6.49 -19.16
N ASN D 134 5.64 6.28 -18.55
CA ASN D 134 4.85 5.05 -18.66
C ASN D 134 5.64 3.83 -18.16
N PHE D 135 5.94 3.84 -16.87
CA PHE D 135 6.65 2.73 -16.24
C PHE D 135 5.87 2.13 -15.07
N TYR D 136 6.33 0.97 -14.63
CA TYR D 136 5.74 0.25 -13.51
C TYR D 136 6.72 -0.81 -13.04
N PRO D 137 6.98 -0.94 -11.73
CA PRO D 137 6.32 -0.27 -10.61
C PRO D 137 6.80 1.16 -10.38
N ARG D 138 6.24 1.81 -9.35
CA ARG D 138 6.49 3.23 -9.12
C ARG D 138 7.94 3.49 -8.71
N GLU D 139 8.59 2.54 -8.03
CA GLU D 139 9.92 2.76 -7.50
C GLU D 139 10.90 3.03 -8.63
N ALA D 140 11.60 4.15 -8.56
CA ALA D 140 12.61 4.50 -9.55
C ALA D 140 13.62 5.42 -8.91
N LYS D 141 14.88 5.24 -9.28
CA LYS D 141 15.95 6.13 -8.84
C LYS D 141 16.40 6.96 -10.02
N VAL D 142 16.37 8.28 -9.86
CA VAL D 142 16.75 9.23 -10.88
C VAL D 142 17.89 10.04 -10.32
N GLN D 143 19.05 9.94 -10.95
CA GLN D 143 20.28 10.58 -10.46
C GLN D 143 20.76 11.58 -11.49
N TRP D 144 21.06 12.79 -11.02
CA TRP D 144 21.58 13.85 -11.86
C TRP D 144 23.11 13.85 -11.75
N LYS D 145 23.80 13.79 -12.88
CA LYS D 145 25.25 13.94 -12.93
C LYS D 145 25.61 15.12 -13.83
N VAL D 146 26.36 16.06 -13.29
CA VAL D 146 26.80 17.25 -14.00
C VAL D 146 28.32 17.15 -14.13
N ASP D 147 28.79 17.01 -15.36
CA ASP D 147 30.19 16.70 -15.66
C ASP D 147 30.65 15.51 -14.82
N ASN D 148 29.78 14.49 -14.79
CA ASN D 148 29.94 13.21 -14.09
C ASN D 148 30.08 13.36 -12.58
N ALA D 149 29.73 14.51 -12.02
CA ALA D 149 29.64 14.64 -10.58
C ALA D 149 28.18 14.50 -10.17
N LEU D 150 27.94 13.68 -9.16
CA LEU D 150 26.57 13.46 -8.70
C LEU D 150 26.04 14.69 -7.99
N GLN D 151 24.78 15.01 -8.26
CA GLN D 151 24.08 16.14 -7.69
C GLN D 151 23.18 15.72 -6.53
N SER D 152 23.04 16.61 -5.57
CA SER D 152 22.13 16.39 -4.45
C SER D 152 21.57 17.72 -3.98
N GLY D 153 20.30 17.70 -3.53
CA GLY D 153 19.67 18.86 -2.93
C GLY D 153 19.15 19.92 -3.86
N ASN D 154 19.35 19.77 -5.17
CA ASN D 154 18.93 20.75 -6.15
C ASN D 154 17.91 20.19 -7.14
N SER D 155 17.29 19.06 -6.82
CA SER D 155 16.26 18.49 -7.69
C SER D 155 14.99 18.17 -6.91
N GLN D 156 13.87 18.15 -7.63
CA GLN D 156 12.59 17.73 -7.08
C GLN D 156 11.91 16.83 -8.10
N GLU D 157 11.19 15.83 -7.59
CA GLU D 157 10.46 14.88 -8.41
C GLU D 157 8.96 15.08 -8.29
N SER D 158 8.24 14.79 -9.37
CA SER D 158 6.79 14.70 -9.32
C SER D 158 6.36 13.46 -10.09
N VAL D 159 5.27 12.82 -9.63
CA VAL D 159 4.81 11.55 -10.19
C VAL D 159 3.33 11.68 -10.49
N THR D 160 2.92 11.23 -11.67
CA THR D 160 1.51 11.21 -11.98
C THR D 160 0.83 10.11 -11.16
N GLU D 161 -0.49 10.21 -11.05
CA GLU D 161 -1.22 9.10 -10.50
C GLU D 161 -1.21 7.95 -11.50
N GLN D 162 -1.46 6.74 -11.00
CA GLN D 162 -1.58 5.56 -11.86
C GLN D 162 -2.54 5.80 -13.03
N ASP D 163 -2.10 5.43 -14.24
CA ASP D 163 -2.89 5.71 -15.43
C ASP D 163 -4.15 4.87 -15.47
N SER D 164 -5.27 5.51 -15.81
CA SER D 164 -6.56 4.83 -15.76
C SER D 164 -6.73 3.76 -16.83
N LYS D 165 -5.86 3.70 -17.86
CA LYS D 165 -6.04 2.66 -18.87
C LYS D 165 -4.93 1.62 -18.84
N ASP D 166 -3.67 2.00 -18.60
CA ASP D 166 -2.58 1.02 -18.56
C ASP D 166 -1.87 0.92 -17.22
N SER D 167 -2.33 1.66 -16.19
CA SER D 167 -1.85 1.53 -14.82
C SER D 167 -0.38 1.86 -14.64
N THR D 168 0.21 2.62 -15.57
CA THR D 168 1.60 3.01 -15.42
C THR D 168 1.71 4.37 -14.74
N TYR D 169 2.93 4.72 -14.38
CA TYR D 169 3.29 6.01 -13.82
C TYR D 169 4.18 6.75 -14.80
N SER D 170 4.19 8.07 -14.70
CA SER D 170 5.21 8.89 -15.32
C SER D 170 5.79 9.80 -14.25
N LEU D 171 7.06 10.21 -14.44
CA LEU D 171 7.80 10.84 -13.37
C LEU D 171 8.65 11.95 -13.99
N SER D 172 8.64 13.13 -13.38
CA SER D 172 9.55 14.20 -13.80
C SER D 172 10.57 14.42 -12.70
N SER D 173 11.81 14.66 -13.10
CA SER D 173 12.84 15.15 -12.19
C SER D 173 13.39 16.44 -12.77
N THR D 174 13.26 17.52 -12.00
CA THR D 174 13.64 18.85 -12.43
C THR D 174 14.86 19.30 -11.65
N LEU D 175 15.97 19.50 -12.38
CA LEU D 175 17.20 20.02 -11.79
C LEU D 175 17.19 21.53 -11.91
N THR D 176 17.27 22.24 -10.78
CA THR D 176 17.21 23.69 -10.80
C THR D 176 18.56 24.23 -10.37
N LEU D 177 19.16 25.05 -11.24
CA LEU D 177 20.47 25.62 -10.98
C LEU D 177 20.43 27.12 -11.25
N SER D 178 21.36 27.85 -10.66
CA SER D 178 21.57 29.21 -11.11
C SER D 178 22.14 29.18 -12.53
N LYS D 179 21.91 30.26 -13.27
CA LYS D 179 22.50 30.33 -14.61
C LYS D 179 24.03 30.25 -14.53
N ALA D 180 24.60 30.83 -13.47
CA ALA D 180 26.04 30.77 -13.26
C ALA D 180 26.52 29.33 -13.11
N ASP D 181 25.87 28.56 -12.24
CA ASP D 181 26.29 27.18 -12.07
C ASP D 181 26.05 26.35 -13.32
N TYR D 182 24.94 26.63 -14.03
CA TYR D 182 24.69 25.94 -15.30
C TYR D 182 25.77 26.25 -16.33
N GLU D 183 26.11 27.51 -16.51
CA GLU D 183 27.13 27.90 -17.48
C GLU D 183 28.50 27.33 -17.11
N LYS D 184 28.67 26.90 -15.86
CA LYS D 184 29.96 26.44 -15.37
C LYS D 184 30.33 25.09 -16.00
N HIS D 185 29.38 24.18 -16.13
CA HIS D 185 29.64 22.82 -16.57
C HIS D 185 29.08 22.58 -17.97
N LYS D 186 29.48 21.46 -18.56
CA LYS D 186 29.15 21.12 -19.95
C LYS D 186 28.13 19.99 -20.08
N VAL D 187 28.36 18.85 -19.45
CA VAL D 187 27.57 17.64 -19.67
C VAL D 187 26.52 17.51 -18.57
N TYR D 188 25.25 17.43 -18.97
CA TYR D 188 24.14 17.24 -18.04
C TYR D 188 23.48 15.90 -18.33
N ALA D 189 23.45 15.02 -17.33
CA ALA D 189 23.01 13.66 -17.52
C ALA D 189 22.01 13.24 -16.46
N CYS D 190 20.97 12.55 -16.90
CA CYS D 190 19.96 11.95 -16.05
C CYS D 190 20.14 10.43 -16.13
N GLU D 191 20.46 9.80 -15.01
CA GLU D 191 20.70 8.36 -14.96
C GLU D 191 19.56 7.68 -14.20
N VAL D 192 18.91 6.72 -14.87
CA VAL D 192 17.66 6.13 -14.38
C VAL D 192 17.87 4.66 -14.09
N THR D 193 17.55 4.23 -12.86
CA THR D 193 17.58 2.84 -12.46
C THR D 193 16.16 2.37 -12.16
N HIS D 194 15.77 1.24 -12.76
CA HIS D 194 14.41 0.72 -12.63
C HIS D 194 14.40 -0.77 -12.92
N GLN D 195 13.43 -1.47 -12.32
CA GLN D 195 13.34 -2.92 -12.48
C GLN D 195 13.14 -3.34 -13.92
N GLY D 196 12.48 -2.51 -14.73
CA GLY D 196 12.28 -2.85 -16.13
C GLY D 196 13.51 -2.71 -17.00
N LEU D 197 14.61 -2.22 -16.46
CA LEU D 197 15.85 -2.02 -17.22
C LEU D 197 16.92 -2.98 -16.69
N SER D 198 17.64 -3.65 -17.60
CA SER D 198 18.73 -4.52 -17.16
C SER D 198 19.85 -3.72 -16.52
N SER D 199 20.08 -2.49 -16.97
CA SER D 199 21.14 -1.66 -16.44
C SER D 199 20.66 -0.22 -16.53
N PRO D 200 21.20 0.68 -15.69
CA PRO D 200 20.75 2.07 -15.70
C PRO D 200 20.90 2.70 -17.09
N VAL D 201 19.94 3.55 -17.42
CA VAL D 201 19.88 4.25 -18.70
C VAL D 201 20.23 5.70 -18.46
N THR D 202 21.09 6.26 -19.33
CA THR D 202 21.53 7.64 -19.22
C THR D 202 21.08 8.42 -20.44
N LYS D 203 20.39 9.53 -20.19
CA LYS D 203 20.13 10.53 -21.21
C LYS D 203 20.92 11.77 -20.82
N SER D 204 21.61 12.36 -21.78
CA SER D 204 22.47 13.49 -21.47
C SER D 204 22.53 14.45 -22.65
N PHE D 205 23.02 15.65 -22.37
CA PHE D 205 23.28 16.63 -23.40
C PHE D 205 24.44 17.51 -22.94
N ASN D 206 25.01 18.22 -23.90
CA ASN D 206 26.10 19.15 -23.64
C ASN D 206 25.57 20.57 -23.85
N ARG D 207 25.82 21.44 -22.87
CA ARG D 207 25.33 22.81 -22.98
C ARG D 207 25.93 23.46 -24.21
N GLY D 208 25.08 23.97 -25.10
CA GLY D 208 25.53 24.53 -26.36
C GLY D 208 25.26 23.68 -27.59
N LEU E 2 11.54 -32.19 14.70
CA LEU E 2 12.22 -31.99 13.44
C LEU E 2 12.94 -30.66 13.35
N GLN E 3 14.16 -30.68 12.83
CA GLN E 3 14.92 -29.48 12.53
C GLN E 3 15.63 -29.66 11.20
N LEU E 4 15.53 -28.64 10.36
CA LEU E 4 16.11 -28.61 9.02
C LEU E 4 17.14 -27.49 9.00
N GLN E 5 18.39 -27.82 8.72
CA GLN E 5 19.50 -26.88 8.85
C GLN E 5 20.27 -26.74 7.54
N GLU E 6 20.18 -25.56 6.94
CA GLU E 6 20.94 -25.24 5.74
C GLU E 6 22.38 -24.91 6.11
N SER E 7 23.32 -25.38 5.29
CA SER E 7 24.72 -25.03 5.43
C SER E 7 25.34 -24.80 4.06
N GLY E 8 26.41 -24.02 4.04
CA GLY E 8 27.08 -23.70 2.80
C GLY E 8 27.47 -22.24 2.75
N PRO E 9 28.26 -21.87 1.73
CA PRO E 9 28.74 -20.48 1.66
C PRO E 9 27.59 -19.50 1.51
N GLY E 10 27.75 -18.34 2.14
CA GLY E 10 26.83 -17.24 1.97
C GLY E 10 27.19 -16.25 0.89
N LEU E 11 28.29 -16.49 0.19
CA LEU E 11 28.78 -15.59 -0.85
C LEU E 11 29.29 -16.42 -2.03
N VAL E 12 28.77 -16.15 -3.22
CA VAL E 12 29.11 -16.90 -4.43
C VAL E 12 29.40 -15.91 -5.56
N LYS E 13 30.53 -16.11 -6.25
CA LYS E 13 30.87 -15.22 -7.37
C LYS E 13 29.93 -15.47 -8.56
N PRO E 14 29.60 -14.42 -9.32
CA PRO E 14 28.80 -14.61 -10.53
C PRO E 14 29.47 -15.59 -11.49
N SER E 15 28.65 -16.44 -12.10
CA SER E 15 28.97 -17.53 -13.02
C SER E 15 29.43 -18.78 -12.29
N GLU E 16 29.68 -18.73 -10.99
CA GLU E 16 30.09 -19.94 -10.31
C GLU E 16 28.86 -20.71 -9.86
N THR E 17 29.09 -21.81 -9.15
CA THR E 17 28.03 -22.72 -8.75
C THR E 17 27.71 -22.57 -7.27
N LEU E 18 26.42 -22.45 -6.97
CA LEU E 18 25.91 -22.37 -5.61
C LEU E 18 25.59 -23.78 -5.13
N SER E 19 26.12 -24.15 -3.97
CA SER E 19 25.83 -25.45 -3.37
C SER E 19 25.37 -25.22 -1.94
N LEU E 20 24.32 -25.94 -1.55
CA LEU E 20 23.86 -25.91 -0.17
C LEU E 20 23.54 -27.33 0.26
N THR E 21 23.76 -27.59 1.55
CA THR E 21 23.36 -28.84 2.17
C THR E 21 22.32 -28.56 3.24
N CYS E 22 21.35 -29.46 3.36
CA CYS E 22 20.37 -29.44 4.43
C CYS E 22 20.60 -30.67 5.30
N SER E 23 20.93 -30.44 6.57
CA SER E 23 21.09 -31.53 7.52
C SER E 23 19.81 -31.70 8.31
N VAL E 24 19.26 -32.91 8.30
CA VAL E 24 18.01 -33.22 8.95
C VAL E 24 18.32 -33.79 10.33
N SER E 25 17.62 -33.30 11.34
CA SER E 25 17.72 -33.80 12.69
C SER E 25 16.30 -34.02 13.21
N GLY E 26 16.15 -34.99 14.11
CA GLY E 26 14.86 -35.25 14.70
C GLY E 26 13.95 -36.12 13.87
N ASP E 27 14.40 -36.55 12.68
CA ASP E 27 13.62 -37.41 11.81
C ASP E 27 14.59 -38.00 10.81
N ALA E 28 14.15 -39.05 10.12
CA ALA E 28 15.00 -39.77 9.19
C ALA E 28 14.54 -39.58 7.76
N ILE E 29 15.51 -39.28 6.88
CA ILE E 29 15.20 -39.24 5.46
C ILE E 29 14.93 -40.65 4.95
N SER E 30 15.74 -41.61 5.39
CA SER E 30 15.65 -42.98 4.90
C SER E 30 14.28 -43.58 5.19
N GLY E 31 13.66 -44.13 4.15
CA GLY E 31 12.35 -44.73 4.28
C GLY E 31 11.23 -43.81 4.66
N SER E 32 11.39 -42.50 4.50
CA SER E 32 10.31 -41.58 4.82
C SER E 32 9.44 -41.37 3.58
N ASN E 33 8.18 -40.98 3.82
CA ASN E 33 7.26 -40.66 2.73
C ASN E 33 7.10 -39.16 2.58
N TYR E 34 8.19 -38.40 2.65
CA TYR E 34 8.20 -36.97 2.42
C TYR E 34 8.98 -36.65 1.15
N TYR E 35 8.67 -35.50 0.57
CA TYR E 35 9.55 -34.87 -0.40
C TYR E 35 10.44 -33.86 0.32
N TRP E 36 11.74 -33.95 0.09
CA TRP E 36 12.71 -33.05 0.70
C TRP E 36 13.16 -32.03 -0.35
N GLY E 37 12.98 -30.74 -0.06
CA GLY E 37 13.03 -29.76 -1.12
C GLY E 37 13.75 -28.48 -0.73
N TRP E 38 13.90 -27.62 -1.73
CA TRP E 38 14.49 -26.31 -1.58
C TRP E 38 13.53 -25.27 -2.11
N ILE E 39 13.38 -24.19 -1.36
CA ILE E 39 12.51 -23.08 -1.72
C ILE E 39 13.30 -21.80 -1.44
N ARG E 40 13.24 -20.86 -2.37
CA ARG E 40 14.01 -19.64 -2.17
C ARG E 40 13.11 -18.42 -2.22
N GLN E 41 13.65 -17.32 -1.74
CA GLN E 41 12.92 -16.06 -1.63
C GLN E 41 13.90 -14.93 -1.89
N PRO E 42 13.98 -14.44 -3.12
CA PRO E 42 14.84 -13.30 -3.42
C PRO E 42 14.34 -12.05 -2.73
N PRO E 43 15.19 -11.04 -2.56
CA PRO E 43 14.77 -9.85 -1.82
C PRO E 43 13.50 -9.24 -2.40
N GLY E 44 12.54 -8.96 -1.52
CA GLY E 44 11.31 -8.32 -1.94
C GLY E 44 10.42 -9.15 -2.81
N LYS E 45 10.63 -10.46 -2.89
CA LYS E 45 9.81 -11.33 -3.71
C LYS E 45 9.17 -12.41 -2.84
N GLY E 46 8.37 -13.27 -3.47
CA GLY E 46 7.67 -14.34 -2.78
C GLY E 46 8.50 -15.61 -2.72
N LEU E 47 7.84 -16.70 -2.35
CA LEU E 47 8.47 -18.01 -2.20
C LEU E 47 8.48 -18.71 -3.55
N GLN E 48 9.63 -19.26 -3.93
CA GLN E 48 9.81 -19.94 -5.21
C GLN E 48 10.29 -21.37 -4.93
N TRP E 49 9.48 -22.35 -5.29
CA TRP E 49 9.90 -23.74 -5.12
C TRP E 49 10.89 -24.09 -6.23
N ILE E 50 12.04 -24.63 -5.85
CA ILE E 50 13.09 -24.98 -6.80
C ILE E 50 13.01 -26.45 -7.22
N GLY E 51 12.93 -27.36 -6.26
CA GLY E 51 12.89 -28.77 -6.60
C GLY E 51 12.84 -29.62 -5.34
N SER E 52 12.53 -30.89 -5.55
CA SER E 52 12.39 -31.82 -4.43
C SER E 52 12.93 -33.18 -4.81
N ILE E 53 13.27 -33.96 -3.78
CA ILE E 53 13.85 -35.28 -3.94
C ILE E 53 13.20 -36.21 -2.93
N TYR E 54 12.95 -37.44 -3.37
CA TYR E 54 12.45 -38.50 -2.51
C TYR E 54 13.62 -39.31 -1.96
N HIS E 55 13.36 -40.05 -0.88
CA HIS E 55 14.45 -40.79 -0.24
C HIS E 55 15.11 -41.78 -1.20
N THR E 56 14.38 -42.23 -2.22
CA THR E 56 14.92 -43.13 -3.23
C THR E 56 15.87 -42.45 -4.20
N GLY E 57 15.93 -41.12 -4.22
CA GLY E 57 16.69 -40.41 -5.22
C GLY E 57 15.86 -39.84 -6.36
N SER E 58 14.56 -40.09 -6.39
CA SER E 58 13.72 -39.55 -7.45
C SER E 58 13.58 -38.04 -7.26
N THR E 59 13.75 -37.29 -8.35
CA THR E 59 13.78 -35.84 -8.27
C THR E 59 12.65 -35.22 -9.07
N PHE E 60 12.26 -34.02 -8.67
CA PHE E 60 11.22 -33.23 -9.32
C PHE E 60 11.69 -31.79 -9.28
N TYR E 61 11.71 -31.13 -10.44
CA TYR E 61 12.27 -29.79 -10.52
C TYR E 61 11.24 -28.80 -11.04
N ASN E 62 11.34 -27.56 -10.55
CA ASN E 62 10.62 -26.44 -11.16
C ASN E 62 11.13 -26.23 -12.57
N PRO E 63 10.27 -26.25 -13.61
CA PRO E 63 10.75 -26.05 -14.97
C PRO E 63 11.52 -24.75 -15.17
N SER E 64 11.25 -23.72 -14.36
CA SER E 64 11.99 -22.47 -14.47
C SER E 64 13.43 -22.60 -14.02
N PHE E 65 13.75 -23.64 -13.24
CA PHE E 65 15.07 -23.86 -12.68
C PHE E 65 15.78 -25.08 -13.24
N SER E 66 15.04 -25.98 -13.90
CA SER E 66 15.51 -27.34 -14.12
C SER E 66 16.88 -27.37 -14.80
N SER E 67 17.10 -26.50 -15.79
CA SER E 67 18.35 -26.58 -16.53
C SER E 67 19.56 -26.20 -15.66
N ARG E 68 19.33 -25.51 -14.55
CA ARG E 68 20.43 -25.07 -13.71
C ARG E 68 20.55 -25.84 -12.40
N VAL E 69 19.52 -26.59 -12.01
CA VAL E 69 19.46 -27.16 -10.67
C VAL E 69 19.63 -28.68 -10.71
N THR E 70 20.29 -29.19 -9.68
CA THR E 70 20.29 -30.60 -9.34
C THR E 70 20.08 -30.75 -7.84
N LEU E 71 19.28 -31.74 -7.44
CA LEU E 71 19.21 -32.13 -6.04
C LEU E 71 19.84 -33.50 -5.90
N SER E 72 20.40 -33.76 -4.71
CA SER E 72 20.91 -35.08 -4.38
C SER E 72 20.53 -35.37 -2.95
N VAL E 73 20.47 -36.65 -2.62
CA VAL E 73 20.17 -37.10 -1.27
C VAL E 73 21.24 -38.07 -0.80
N ASP E 74 21.56 -38.00 0.50
CA ASP E 74 22.48 -38.93 1.16
C ASP E 74 21.79 -39.44 2.42
N THR E 75 21.10 -40.58 2.31
CA THR E 75 20.35 -41.06 3.46
C THR E 75 21.28 -41.49 4.59
N SER E 76 22.50 -41.95 4.27
CA SER E 76 23.40 -42.37 5.33
C SER E 76 23.91 -41.18 6.14
N LYS E 77 23.92 -39.99 5.55
CA LYS E 77 24.28 -38.76 6.23
C LYS E 77 23.08 -37.99 6.73
N ASN E 78 21.86 -38.48 6.45
CA ASN E 78 20.62 -37.79 6.77
C ASN E 78 20.64 -36.35 6.25
N GLN E 79 21.10 -36.18 5.02
CA GLN E 79 21.09 -34.86 4.42
C GLN E 79 20.70 -34.96 2.95
N PHE E 80 20.31 -33.82 2.39
CA PHE E 80 20.08 -33.68 0.95
C PHE E 80 20.62 -32.33 0.54
N SER E 81 20.84 -32.15 -0.77
CA SER E 81 21.69 -31.06 -1.22
C SER E 81 21.11 -30.39 -2.47
N LEU E 82 21.55 -29.15 -2.68
CA LEU E 82 21.15 -28.34 -3.82
C LEU E 82 22.39 -27.86 -4.58
N LYS E 83 22.32 -27.91 -5.91
CA LYS E 83 23.35 -27.40 -6.81
C LYS E 83 22.68 -26.48 -7.81
N LEU E 84 23.13 -25.23 -7.88
CA LEU E 84 22.58 -24.26 -8.82
C LEU E 84 23.75 -23.60 -9.54
N ILE E 85 23.86 -23.86 -10.84
CA ILE E 85 24.98 -23.41 -11.66
C ILE E 85 24.73 -22.02 -12.25
N SER E 86 25.83 -21.39 -12.70
CA SER E 86 25.78 -20.15 -13.48
C SER E 86 24.98 -19.04 -12.79
N VAL E 87 25.24 -18.85 -11.50
CA VAL E 87 24.46 -17.87 -10.73
C VAL E 87 24.78 -16.44 -11.15
N ASN E 88 23.79 -15.56 -11.01
CA ASN E 88 23.99 -14.12 -11.15
C ASN E 88 23.24 -13.43 -10.01
N ALA E 89 23.17 -12.09 -10.07
CA ALA E 89 22.59 -11.32 -8.97
C ALA E 89 21.13 -11.68 -8.73
N ALA E 90 20.42 -12.15 -9.75
CA ALA E 90 19.04 -12.56 -9.57
C ALA E 90 18.91 -13.81 -8.71
N ASP E 91 20.02 -14.50 -8.43
CA ASP E 91 20.01 -15.66 -7.54
C ASP E 91 20.32 -15.31 -6.10
N THR E 92 20.64 -14.04 -5.79
CA THR E 92 20.74 -13.63 -4.41
C THR E 92 19.37 -13.83 -3.74
N ALA E 93 19.35 -14.58 -2.64
CA ALA E 93 18.08 -14.96 -2.03
C ALA E 93 18.33 -15.62 -0.68
N VAL E 94 17.28 -15.70 0.13
CA VAL E 94 17.26 -16.67 1.22
C VAL E 94 16.85 -18.03 0.66
N TYR E 95 17.65 -19.05 0.92
CA TYR E 95 17.37 -20.41 0.51
C TYR E 95 16.91 -21.19 1.74
N TYR E 96 15.76 -21.83 1.62
CA TYR E 96 15.20 -22.64 2.72
C TYR E 96 15.26 -24.10 2.32
N CYS E 97 15.74 -24.97 3.21
CA CYS E 97 15.37 -26.34 2.91
C CYS E 97 14.06 -26.65 3.65
N ALA E 98 13.34 -27.63 3.14
CA ALA E 98 11.97 -27.86 3.58
C ALA E 98 11.61 -29.30 3.31
N ARG E 99 10.50 -29.72 3.88
CA ARG E 99 10.00 -31.06 3.61
C ARG E 99 8.48 -31.01 3.56
N ARG E 100 7.91 -31.80 2.66
CA ARG E 100 6.47 -31.84 2.48
C ARG E 100 5.97 -33.27 2.53
N ILE E 101 4.89 -33.49 3.28
CA ILE E 101 4.29 -34.80 3.36
C ILE E 101 3.75 -35.13 1.98
N ARG E 102 4.01 -36.35 1.53
CA ARG E 102 3.44 -36.73 0.24
C ARG E 102 1.92 -36.85 0.37
N GLY E 103 1.19 -36.34 -0.62
CA GLY E 103 -0.25 -36.38 -0.53
C GLY E 103 -0.82 -35.00 -0.82
N TYR E 104 -2.12 -34.89 -1.17
CA TYR E 104 -2.69 -33.59 -1.53
C TYR E 104 -2.75 -32.61 -0.43
N SER E 105 -2.82 -33.11 0.75
CA SER E 105 -2.96 -32.25 1.87
C SER E 105 -1.64 -31.95 2.49
N GLY E 106 -0.57 -32.41 1.84
CA GLY E 106 0.75 -32.25 2.40
C GLY E 106 1.15 -30.80 2.52
N THR E 107 1.64 -30.45 3.69
CA THR E 107 2.11 -29.11 4.03
C THR E 107 3.60 -29.16 4.27
N TYR E 108 4.22 -27.99 4.31
CA TYR E 108 5.66 -27.88 4.45
C TYR E 108 6.11 -27.58 5.88
N ASP E 109 7.18 -28.27 6.30
CA ASP E 109 7.98 -27.87 7.44
C ASP E 109 9.20 -27.14 6.88
N TRP E 110 9.68 -26.13 7.59
CA TRP E 110 10.69 -25.23 7.05
C TRP E 110 11.95 -25.21 7.91
N GLY E 111 13.10 -25.11 7.27
CA GLY E 111 14.31 -24.64 7.93
C GLY E 111 14.20 -23.14 8.17
N GLN E 112 15.23 -22.59 8.83
CA GLN E 112 15.17 -21.16 9.10
C GLN E 112 15.69 -20.32 7.94
N GLY E 113 16.28 -20.92 6.92
CA GLY E 113 16.74 -20.16 5.76
C GLY E 113 18.17 -19.67 5.91
N THR E 114 18.89 -19.64 4.79
CA THR E 114 20.24 -19.10 4.76
C THR E 114 20.35 -18.11 3.60
N LEU E 115 20.90 -16.93 3.88
CA LEU E 115 21.09 -15.94 2.83
C LEU E 115 22.30 -16.32 1.99
N VAL E 116 22.15 -16.28 0.68
CA VAL E 116 23.28 -16.43 -0.24
C VAL E 116 23.32 -15.19 -1.12
N THR E 117 24.44 -14.50 -1.11
CA THR E 117 24.63 -13.30 -1.91
C THR E 117 25.53 -13.62 -3.08
N VAL E 118 25.13 -13.24 -4.28
CA VAL E 118 25.93 -13.45 -5.47
C VAL E 118 26.62 -12.14 -5.81
N SER E 119 27.93 -12.10 -5.66
CA SER E 119 28.66 -10.85 -5.83
C SER E 119 30.12 -11.16 -6.05
N SER E 120 30.79 -10.25 -6.76
CA SER E 120 32.24 -10.28 -6.91
C SER E 120 32.97 -9.74 -5.69
N ALA E 121 32.28 -9.02 -4.81
CA ALA E 121 32.92 -8.30 -3.71
C ALA E 121 33.50 -9.28 -2.69
N SER E 122 34.54 -8.82 -1.99
CA SER E 122 35.25 -9.62 -1.00
C SER E 122 34.62 -9.47 0.38
N THR E 123 34.75 -10.51 1.19
CA THR E 123 34.26 -10.46 2.57
C THR E 123 35.03 -9.41 3.35
N LYS E 124 34.30 -8.65 4.17
CA LYS E 124 34.92 -7.62 4.99
C LYS E 124 34.21 -7.56 6.34
N GLY E 125 34.97 -7.65 7.43
CA GLY E 125 34.40 -7.58 8.75
C GLY E 125 34.06 -6.16 9.14
N PRO E 126 33.04 -5.98 9.98
CA PRO E 126 32.58 -4.63 10.32
C PRO E 126 33.45 -4.00 11.40
N SER E 127 33.36 -2.67 11.45
CA SER E 127 33.78 -1.91 12.61
C SER E 127 32.54 -1.59 13.44
N VAL E 128 32.67 -1.65 14.76
CA VAL E 128 31.54 -1.42 15.66
C VAL E 128 31.85 -0.20 16.51
N PHE E 129 30.97 0.80 16.43
CA PHE E 129 31.18 2.03 17.18
C PHE E 129 29.99 2.29 18.09
N PRO E 130 30.23 2.86 19.28
CA PRO E 130 29.11 3.15 20.18
C PRO E 130 28.30 4.35 19.74
N LEU E 131 27.00 4.28 20.00
CA LEU E 131 26.10 5.41 19.93
C LEU E 131 25.78 5.80 21.37
N ALA E 132 26.53 6.77 21.89
CA ALA E 132 26.59 7.02 23.33
C ALA E 132 25.31 7.69 23.81
N PRO E 133 24.73 7.24 24.93
CA PRO E 133 23.64 8.00 25.54
C PRO E 133 24.17 9.32 26.11
N SER E 134 23.39 10.37 25.91
CA SER E 134 23.77 11.70 26.38
C SER E 134 22.51 12.47 26.72
N SER E 135 22.70 13.73 27.14
CA SER E 135 21.58 14.65 27.28
C SER E 135 20.83 14.85 25.98
N LYS E 136 21.50 14.65 24.84
CA LYS E 136 20.86 14.81 23.54
C LYS E 136 20.12 13.56 23.09
N SER E 137 20.16 12.48 23.88
CA SER E 137 19.41 11.26 23.54
C SER E 137 18.53 10.82 24.71
N THR E 138 18.01 11.79 25.47
CA THR E 138 17.15 11.53 26.62
C THR E 138 15.81 12.23 26.44
N SER E 139 14.72 11.48 26.64
CA SER E 139 13.37 12.04 26.61
C SER E 139 12.65 11.51 27.85
N GLY E 140 12.30 12.42 28.76
CA GLY E 140 11.78 11.97 30.04
C GLY E 140 12.86 11.23 30.82
N GLY E 141 12.47 10.15 31.46
CA GLY E 141 13.44 9.33 32.18
C GLY E 141 14.09 8.29 31.31
N THR E 142 13.99 8.46 29.99
CA THR E 142 14.38 7.44 29.04
C THR E 142 15.56 7.89 28.21
N ALA E 143 16.59 7.05 28.12
CA ALA E 143 17.78 7.34 27.33
C ALA E 143 17.91 6.34 26.20
N ALA E 144 18.24 6.84 25.02
CA ALA E 144 18.53 5.99 23.87
C ALA E 144 20.03 5.82 23.70
N LEU E 145 20.44 4.60 23.37
CA LEU E 145 21.83 4.30 23.09
C LEU E 145 21.85 3.23 22.02
N GLY E 146 23.04 2.94 21.51
CA GLY E 146 23.13 1.92 20.47
C GLY E 146 24.55 1.65 20.04
N CYS E 147 24.63 0.91 18.93
CA CYS E 147 25.88 0.54 18.31
C CYS E 147 25.75 0.72 16.81
N LEU E 148 26.77 1.30 16.18
CA LEU E 148 26.87 1.43 14.73
C LEU E 148 27.77 0.32 14.19
N VAL E 149 27.22 -0.52 13.32
CA VAL E 149 27.94 -1.65 12.75
C VAL E 149 28.22 -1.29 11.30
N LYS E 150 29.42 -0.81 11.01
CA LYS E 150 29.73 -0.12 9.76
C LYS E 150 30.71 -0.90 8.91
N ASP E 151 30.47 -0.90 7.60
CA ASP E 151 31.43 -1.28 6.56
C ASP E 151 31.73 -2.78 6.54
N TYR E 152 30.70 -3.61 6.40
CA TYR E 152 30.89 -5.04 6.32
C TYR E 152 30.31 -5.59 5.02
N PHE E 153 30.71 -6.82 4.68
CA PHE E 153 30.17 -7.51 3.52
C PHE E 153 30.46 -9.00 3.65
N PRO E 154 29.52 -9.89 3.29
CA PRO E 154 28.15 -9.59 2.91
C PRO E 154 27.25 -9.59 4.13
N GLU E 155 25.94 -9.50 3.92
CA GLU E 155 25.01 -9.74 5.01
C GLU E 155 25.05 -11.22 5.40
N PRO E 156 24.60 -11.55 6.62
CA PRO E 156 24.07 -10.64 7.64
C PRO E 156 25.01 -10.45 8.82
N VAL E 157 24.69 -9.47 9.66
CA VAL E 157 25.24 -9.40 11.00
C VAL E 157 24.10 -9.64 11.97
N THR E 158 24.43 -10.12 13.16
CA THR E 158 23.47 -10.21 14.24
C THR E 158 23.90 -9.35 15.41
N VAL E 159 22.94 -8.71 16.06
CA VAL E 159 23.18 -7.87 17.23
C VAL E 159 22.26 -8.31 18.36
N SER E 160 22.84 -8.55 19.52
CA SER E 160 22.11 -8.68 20.77
C SER E 160 22.67 -7.68 21.77
N TRP E 161 21.95 -7.51 22.88
CA TRP E 161 22.33 -6.57 23.93
C TRP E 161 22.41 -7.29 25.26
N ASN E 162 23.54 -7.09 25.96
CA ASN E 162 23.77 -7.69 27.27
C ASN E 162 23.48 -9.20 27.25
N SER E 163 24.05 -9.88 26.25
CA SER E 163 23.97 -11.33 26.10
C SER E 163 22.52 -11.81 26.07
N GLY E 164 21.62 -11.01 25.50
CA GLY E 164 20.23 -11.38 25.36
C GLY E 164 19.35 -10.99 26.54
N ALA E 165 19.93 -10.45 27.61
CA ALA E 165 19.15 -10.01 28.76
C ALA E 165 18.38 -8.74 28.49
N LEU E 166 18.79 -7.92 27.52
CA LEU E 166 18.09 -6.69 27.19
C LEU E 166 17.46 -6.87 25.81
N THR E 167 16.12 -6.94 25.77
CA THR E 167 15.41 -7.11 24.51
C THR E 167 14.28 -6.10 24.32
N SER E 168 13.72 -5.60 25.41
CA SER E 168 12.63 -4.63 25.29
C SER E 168 13.16 -3.31 24.75
N GLY E 169 12.48 -2.77 23.74
CA GLY E 169 12.88 -1.51 23.17
C GLY E 169 14.05 -1.57 22.21
N VAL E 170 14.55 -2.77 21.90
CA VAL E 170 15.62 -2.92 20.92
C VAL E 170 15.07 -2.74 19.51
N HIS E 171 15.74 -1.88 18.72
CA HIS E 171 15.47 -1.75 17.28
C HIS E 171 16.79 -1.94 16.55
N THR E 172 16.92 -3.03 15.81
CA THR E 172 18.07 -3.24 14.95
C THR E 172 17.64 -2.96 13.52
N PHE E 173 18.20 -1.94 12.92
CA PHE E 173 17.68 -1.45 11.65
C PHE E 173 18.12 -2.35 10.50
N PRO E 174 17.32 -2.41 9.44
CA PRO E 174 17.77 -3.10 8.23
C PRO E 174 19.07 -2.49 7.74
N ALA E 175 19.94 -3.33 7.20
CA ALA E 175 21.21 -2.84 6.69
C ALA E 175 20.98 -1.99 5.45
N VAL E 176 21.85 -1.03 5.24
CA VAL E 176 21.81 -0.19 4.05
C VAL E 176 23.13 -0.36 3.31
N LEU E 177 23.03 -0.42 1.99
CA LEU E 177 24.19 -0.53 1.13
C LEU E 177 24.75 0.87 0.89
N GLN E 178 26.01 1.09 1.27
CA GLN E 178 26.63 2.39 1.07
C GLN E 178 27.18 2.48 -0.35
N SER E 179 27.49 3.71 -0.79
CA SER E 179 28.09 3.90 -2.10
C SER E 179 29.39 3.13 -2.25
N SER E 180 30.05 2.79 -1.14
CA SER E 180 31.27 1.99 -1.21
C SER E 180 31.02 0.54 -1.58
N GLY E 181 29.77 0.08 -1.59
CA GLY E 181 29.50 -1.34 -1.76
C GLY E 181 29.51 -2.13 -0.47
N LEU E 182 29.59 -1.45 0.68
CA LEU E 182 29.62 -2.09 1.98
C LEU E 182 28.35 -1.75 2.75
N TYR E 183 27.93 -2.68 3.60
CA TYR E 183 26.74 -2.50 4.42
C TYR E 183 27.04 -1.76 5.72
N SER E 184 25.98 -1.10 6.23
CA SER E 184 26.01 -0.44 7.52
C SER E 184 24.62 -0.58 8.13
N LEU E 185 24.59 -0.71 9.45
CA LEU E 185 23.34 -0.62 10.18
C LEU E 185 23.63 -0.15 11.59
N SER E 186 22.58 0.30 12.27
CA SER E 186 22.65 0.57 13.70
C SER E 186 21.63 -0.29 14.42
N SER E 187 21.94 -0.62 15.67
CA SER E 187 20.98 -1.21 16.59
C SER E 187 20.87 -0.25 17.78
N VAL E 188 19.64 0.11 18.15
CA VAL E 188 19.41 1.04 19.25
C VAL E 188 18.48 0.40 20.26
N VAL E 189 18.51 0.94 21.48
CA VAL E 189 17.66 0.48 22.57
C VAL E 189 17.41 1.66 23.51
N THR E 190 16.25 1.66 24.16
CA THR E 190 15.94 2.66 25.17
C THR E 190 15.93 2.01 26.54
N VAL E 191 16.50 2.72 27.51
CA VAL E 191 16.65 2.24 28.88
C VAL E 191 16.35 3.40 29.82
N PRO E 192 16.06 3.12 31.09
CA PRO E 192 15.86 4.23 32.03
C PRO E 192 17.14 5.05 32.16
N SER E 193 16.98 6.37 32.04
CA SER E 193 18.09 7.28 32.34
C SER E 193 18.70 6.98 33.69
N SER E 194 17.85 6.65 34.69
CA SER E 194 18.32 6.33 36.03
C SER E 194 19.36 5.24 36.05
N SER E 195 19.33 4.33 35.08
CA SER E 195 20.16 3.14 35.10
C SER E 195 21.58 3.37 34.56
N LEU E 196 21.85 4.51 33.93
CA LEU E 196 23.11 4.65 33.20
C LEU E 196 24.33 4.71 34.12
N GLY E 197 24.14 4.97 35.41
CA GLY E 197 25.26 5.01 36.32
C GLY E 197 25.69 3.66 36.84
N THR E 198 24.74 2.72 36.94
CA THR E 198 24.98 1.40 37.52
C THR E 198 25.13 0.30 36.49
N GLN E 199 24.36 0.34 35.41
CA GLN E 199 24.33 -0.72 34.42
C GLN E 199 25.38 -0.50 33.33
N THR E 200 25.99 -1.60 32.89
CA THR E 200 26.91 -1.59 31.75
C THR E 200 26.14 -2.12 30.54
N TYR E 201 26.09 -1.33 29.47
CA TYR E 201 25.40 -1.74 28.26
C TYR E 201 26.40 -2.17 27.21
N ILE E 202 26.21 -3.37 26.67
CA ILE E 202 27.15 -3.98 25.74
C ILE E 202 26.34 -4.51 24.57
N CYS E 203 26.74 -4.14 23.36
CA CYS E 203 26.16 -4.72 22.16
C CYS E 203 27.05 -5.88 21.70
N ASN E 204 26.43 -7.04 21.48
CA ASN E 204 27.15 -8.22 21.04
C ASN E 204 26.93 -8.35 19.54
N VAL E 205 27.97 -8.11 18.76
CA VAL E 205 27.88 -8.09 17.30
C VAL E 205 28.61 -9.30 16.71
N ASN E 206 27.92 -10.02 15.84
CA ASN E 206 28.46 -11.18 15.13
C ASN E 206 28.33 -11.06 13.63
N HIS E 207 29.47 -11.21 12.95
CA HIS E 207 29.51 -11.27 11.50
C HIS E 207 30.26 -12.58 11.18
N LYS E 208 29.52 -13.70 11.09
CA LYS E 208 30.12 -15.00 10.85
C LYS E 208 31.02 -15.05 9.63
N PRO E 209 30.66 -14.47 8.47
CA PRO E 209 31.53 -14.57 7.29
C PRO E 209 32.96 -14.09 7.51
N SER E 210 33.17 -13.08 8.36
CA SER E 210 34.50 -12.59 8.65
C SER E 210 35.04 -13.11 9.97
N ASN E 211 34.32 -13.99 10.64
CA ASN E 211 34.69 -14.47 11.97
C ASN E 211 34.90 -13.32 12.95
N THR E 212 34.04 -12.33 12.87
CA THR E 212 34.09 -11.16 13.74
C THR E 212 33.05 -11.33 14.84
N LYS E 213 33.51 -11.31 16.09
CA LYS E 213 32.61 -11.22 17.25
C LYS E 213 33.14 -10.12 18.14
N VAL E 214 32.30 -9.15 18.43
CA VAL E 214 32.70 -7.93 19.13
C VAL E 214 31.70 -7.69 20.25
N ASP E 215 32.18 -7.40 21.44
CA ASP E 215 31.32 -7.01 22.55
C ASP E 215 31.73 -5.59 22.91
N LYS E 216 30.93 -4.62 22.49
CA LYS E 216 31.28 -3.21 22.59
C LYS E 216 30.50 -2.57 23.72
N LYS E 217 31.23 -2.08 24.72
CA LYS E 217 30.62 -1.31 25.81
C LYS E 217 30.21 0.06 25.28
N VAL E 218 28.97 0.46 25.58
CA VAL E 218 28.46 1.74 25.15
C VAL E 218 28.33 2.60 26.41
N GLU E 219 29.27 3.56 26.57
CA GLU E 219 29.30 4.35 27.79
C GLU E 219 28.76 5.75 27.54
N PRO E 220 28.11 6.36 28.53
CA PRO E 220 27.52 7.69 28.41
C PRO E 220 28.55 8.79 28.17
N ASP F 1 -0.51 -27.89 -14.87
CA ASP F 1 -0.17 -27.86 -13.44
C ASP F 1 -1.16 -26.97 -12.70
N ILE F 2 -0.84 -26.60 -11.47
CA ILE F 2 -1.63 -25.66 -10.68
C ILE F 2 -0.90 -24.33 -10.58
N GLN F 3 -1.63 -23.24 -10.81
CA GLN F 3 -1.13 -21.89 -10.63
C GLN F 3 -2.05 -21.32 -9.55
N LEU F 4 -1.45 -20.76 -8.51
CA LEU F 4 -2.18 -20.11 -7.44
C LEU F 4 -1.95 -18.62 -7.53
N THR F 5 -3.04 -17.86 -7.48
CA THR F 5 -2.97 -16.41 -7.41
C THR F 5 -3.63 -15.94 -6.12
N GLN F 6 -3.28 -14.75 -5.65
CA GLN F 6 -3.83 -14.25 -4.40
C GLN F 6 -4.35 -12.85 -4.57
N SER F 7 -5.43 -12.54 -3.83
CA SER F 7 -5.99 -11.21 -3.89
C SER F 7 -6.58 -10.82 -2.54
N PRO F 8 -6.38 -9.58 -2.09
CA PRO F 8 -5.40 -8.61 -2.62
C PRO F 8 -3.93 -9.04 -2.51
N SER F 9 -3.08 -8.36 -3.26
CA SER F 9 -1.63 -8.50 -3.12
C SER F 9 -1.13 -7.80 -1.85
N PHE F 10 -1.76 -6.69 -1.50
CA PHE F 10 -1.39 -5.87 -0.35
C PHE F 10 -2.65 -5.23 0.19
N LEU F 11 -2.76 -5.12 1.52
CA LEU F 11 -3.91 -4.44 2.10
C LEU F 11 -3.49 -3.86 3.45
N SER F 12 -4.09 -2.72 3.79
CA SER F 12 -3.92 -2.10 5.09
C SER F 12 -5.29 -2.07 5.74
N ALA F 13 -5.36 -2.50 6.99
CA ALA F 13 -6.63 -2.58 7.71
C ALA F 13 -6.35 -2.23 9.17
N SER F 14 -7.42 -1.92 9.89
CA SER F 14 -7.27 -1.51 11.28
C SER F 14 -7.40 -2.68 12.24
N VAL F 15 -6.83 -2.51 13.43
CA VAL F 15 -6.98 -3.50 14.48
C VAL F 15 -8.45 -3.70 14.75
N GLY F 16 -8.87 -4.96 14.81
CA GLY F 16 -10.26 -5.29 15.02
C GLY F 16 -11.03 -5.56 13.75
N ASP F 17 -10.49 -5.22 12.59
CA ASP F 17 -11.17 -5.46 11.33
C ASP F 17 -11.20 -6.94 10.97
N ARG F 18 -12.24 -7.33 10.24
CA ARG F 18 -12.28 -8.67 9.68
C ARG F 18 -11.58 -8.56 8.33
N VAL F 19 -10.63 -9.46 8.07
CA VAL F 19 -9.80 -9.38 6.87
C VAL F 19 -9.95 -10.67 6.07
N THR F 20 -10.13 -10.54 4.76
CA THR F 20 -10.33 -11.69 3.90
C THR F 20 -9.30 -11.68 2.77
N ILE F 21 -8.57 -12.79 2.61
CA ILE F 21 -7.56 -12.98 1.58
C ILE F 21 -7.98 -14.18 0.75
N THR F 22 -7.91 -14.05 -0.57
CA THR F 22 -8.36 -15.11 -1.46
C THR F 22 -7.17 -15.73 -2.18
N CYS F 23 -7.21 -17.06 -2.27
CA CYS F 23 -6.27 -17.83 -3.07
C CYS F 23 -7.08 -18.52 -4.16
N ARG F 24 -6.75 -18.27 -5.42
CA ARG F 24 -7.46 -18.90 -6.53
C ARG F 24 -6.58 -19.93 -7.21
N ALA F 25 -7.09 -21.17 -7.29
CA ALA F 25 -6.38 -22.21 -8.01
C ALA F 25 -6.88 -22.24 -9.44
N SER F 26 -5.96 -22.36 -10.39
CA SER F 26 -6.28 -22.36 -11.81
C SER F 26 -7.00 -23.62 -12.26
N GLN F 27 -7.18 -24.60 -11.39
CA GLN F 27 -7.90 -25.85 -11.66
C GLN F 27 -8.77 -26.28 -10.49
N ASP F 28 -9.84 -26.99 -10.75
CA ASP F 28 -10.77 -27.41 -9.74
C ASP F 28 -10.57 -28.83 -9.31
N ILE F 29 -9.91 -28.98 -8.21
CA ILE F 29 -9.67 -30.31 -7.75
C ILE F 29 -10.23 -30.39 -6.35
N SER F 30 -10.08 -31.57 -5.77
CA SER F 30 -10.51 -31.91 -4.45
C SER F 30 -9.38 -31.30 -3.60
N SER F 31 -9.45 -30.01 -3.33
CA SER F 31 -8.38 -29.32 -2.81
C SER F 31 -8.57 -28.93 -1.48
N TYR F 32 -7.43 -29.05 -0.92
CA TYR F 32 -7.12 -28.65 0.34
C TYR F 32 -6.06 -27.59 -0.01
N VAL F 33 -6.21 -26.41 0.50
CA VAL F 33 -5.14 -25.45 0.36
C VAL F 33 -4.61 -25.21 1.75
N ALA F 34 -3.35 -24.86 1.86
CA ALA F 34 -2.79 -24.53 3.17
C ALA F 34 -2.31 -23.10 3.15
N TRP F 35 -2.25 -22.48 4.30
CA TRP F 35 -1.85 -21.09 4.43
C TRP F 35 -0.65 -20.98 5.36
N TYR F 36 0.31 -20.16 4.97
CA TYR F 36 1.49 -19.85 5.76
C TYR F 36 1.51 -18.37 6.09
N GLN F 37 2.00 -18.06 7.29
CA GLN F 37 2.23 -16.70 7.72
C GLN F 37 3.72 -16.46 7.80
N GLN F 38 4.22 -15.41 7.14
CA GLN F 38 5.62 -15.07 7.26
C GLN F 38 5.77 -13.70 7.89
N LYS F 39 6.26 -13.66 9.13
CA LYS F 39 6.53 -12.41 9.79
C LYS F 39 7.91 -11.90 9.37
N PRO F 40 8.17 -10.60 9.48
CA PRO F 40 9.46 -10.05 9.04
C PRO F 40 10.64 -10.82 9.60
N GLY F 41 11.57 -11.18 8.72
CA GLY F 41 12.79 -11.84 9.14
C GLY F 41 12.64 -13.25 9.63
N ASN F 42 11.49 -13.91 9.40
CA ASN F 42 11.29 -15.28 9.80
C ASN F 42 11.02 -16.16 8.58
N ALA F 43 11.22 -17.46 8.75
CA ALA F 43 10.69 -18.42 7.80
C ALA F 43 9.17 -18.42 7.86
N PRO F 44 8.51 -18.86 6.79
CA PRO F 44 7.05 -19.06 6.85
C PRO F 44 6.69 -20.12 7.88
N LYS F 45 5.54 -19.94 8.51
CA LYS F 45 5.02 -20.89 9.48
C LYS F 45 3.63 -21.33 9.04
N LEU F 46 3.36 -22.63 9.14
CA LEU F 46 2.03 -23.13 8.81
C LEU F 46 0.99 -22.48 9.70
N LEU F 47 -0.03 -21.89 9.07
CA LEU F 47 -1.10 -21.19 9.77
C LEU F 47 -2.37 -22.02 9.78
N ILE F 48 -2.83 -22.41 8.60
CA ILE F 48 -4.05 -23.17 8.43
C ILE F 48 -3.77 -24.30 7.45
N SER F 49 -4.36 -25.44 7.70
CA SER F 49 -4.54 -26.42 6.65
C SER F 49 -6.00 -26.79 6.70
N SER F 50 -6.60 -26.88 5.54
CA SER F 50 -8.00 -27.29 5.47
C SER F 50 -8.20 -28.69 6.02
N ALA F 51 -7.23 -29.58 5.75
CA ALA F 51 -7.34 -30.97 6.20
C ALA F 51 -7.60 -31.03 7.71
N SER F 52 -7.05 -30.08 8.46
CA SER F 52 -7.33 -29.98 9.89
C SER F 52 -8.77 -29.49 10.11
N PRO F 55 -0.69 -25.85 13.27
CA PRO F 55 -1.85 -25.07 13.71
C PRO F 55 -2.08 -25.17 15.22
N SER F 56 -1.11 -25.74 15.93
CA SER F 56 -1.26 -26.00 17.37
C SER F 56 -1.42 -24.70 18.15
N GLY F 57 -0.44 -23.81 18.05
CA GLY F 57 -0.51 -22.54 18.75
C GLY F 57 -0.94 -21.38 17.87
N VAL F 58 -1.90 -21.62 16.99
CA VAL F 58 -2.38 -20.61 16.04
C VAL F 58 -3.70 -20.07 16.56
N PRO F 59 -3.87 -18.74 16.62
CA PRO F 59 -5.08 -18.18 17.24
C PRO F 59 -6.35 -18.58 16.49
N SER F 60 -7.43 -18.73 17.25
CA SER F 60 -8.72 -19.08 16.68
C SER F 60 -9.27 -17.99 15.79
N ARG F 61 -8.57 -16.86 15.67
CA ARG F 61 -8.98 -15.78 14.78
C ARG F 61 -8.82 -16.14 13.32
N PHE F 62 -7.99 -17.13 12.99
CA PHE F 62 -7.73 -17.53 11.62
C PHE F 62 -8.63 -18.71 11.24
N SER F 63 -9.24 -18.63 10.06
CA SER F 63 -10.03 -19.75 9.56
C SER F 63 -10.02 -19.74 8.04
N GLY F 64 -10.31 -20.88 7.45
CA GLY F 64 -10.29 -21.01 6.01
C GLY F 64 -11.58 -21.59 5.49
N SER F 65 -11.92 -21.21 4.26
CA SER F 65 -13.13 -21.70 3.64
C SER F 65 -12.88 -21.80 2.14
N ARG F 66 -13.77 -22.50 1.45
CA ARG F 66 -13.63 -22.72 0.03
C ARG F 66 -14.93 -22.49 -0.70
N SER F 67 -14.85 -21.80 -1.85
CA SER F 67 -15.99 -21.71 -2.76
C SER F 67 -15.45 -21.89 -4.18
N GLY F 68 -15.81 -23.00 -4.81
CA GLY F 68 -15.26 -23.37 -6.11
C GLY F 68 -13.77 -23.59 -6.00
N THR F 69 -12.99 -22.86 -6.78
CA THR F 69 -11.53 -22.99 -6.72
C THR F 69 -10.90 -21.87 -5.91
N ASP F 70 -11.72 -20.99 -5.32
CA ASP F 70 -11.23 -19.92 -4.49
C ASP F 70 -11.17 -20.42 -3.05
N PHE F 71 -10.04 -20.21 -2.40
CA PHE F 71 -9.88 -20.54 -1.00
C PHE F 71 -9.67 -19.23 -0.27
N THR F 72 -10.35 -19.07 0.84
CA THR F 72 -10.30 -17.82 1.56
C THR F 72 -9.69 -18.03 2.94
N LEU F 73 -8.78 -17.14 3.30
CA LEU F 73 -8.27 -17.05 4.65
C LEU F 73 -8.95 -15.86 5.29
N THR F 74 -9.60 -16.07 6.44
CA THR F 74 -10.27 -14.99 7.14
C THR F 74 -9.61 -14.75 8.49
N ILE F 75 -9.24 -13.52 8.75
CA ILE F 75 -8.83 -13.10 10.10
C ILE F 75 -10.03 -12.41 10.72
N SER F 76 -10.61 -13.03 11.75
CA SER F 76 -11.88 -12.54 12.26
C SER F 76 -11.75 -11.16 12.87
N SER F 77 -10.59 -10.86 13.48
CA SER F 77 -10.36 -9.61 14.19
C SER F 77 -8.87 -9.32 14.13
N LEU F 78 -8.48 -8.42 13.23
CA LEU F 78 -7.06 -8.21 12.97
C LEU F 78 -6.34 -7.72 14.23
N GLN F 79 -5.18 -8.30 14.49
CA GLN F 79 -4.33 -7.92 15.62
C GLN F 79 -3.01 -7.33 15.14
N PRO F 80 -2.37 -6.48 15.96
CA PRO F 80 -1.07 -5.92 15.53
C PRO F 80 -0.06 -6.98 15.17
N GLU F 81 -0.06 -8.12 15.86
CA GLU F 81 0.92 -9.16 15.56
C GLU F 81 0.64 -9.87 14.24
N ASP F 82 -0.48 -9.61 13.58
CA ASP F 82 -0.79 -10.24 12.30
C ASP F 82 -0.08 -9.58 11.13
N PHE F 83 0.67 -8.51 11.38
CA PHE F 83 1.49 -7.87 10.35
C PHE F 83 2.42 -8.91 9.75
N ALA F 84 2.23 -9.25 8.47
CA ALA F 84 2.90 -10.42 7.91
C ALA F 84 2.54 -10.52 6.43
N THR F 85 3.21 -11.42 5.73
CA THR F 85 2.83 -11.80 4.39
C THR F 85 2.28 -13.22 4.45
N TYR F 86 1.14 -13.44 3.83
CA TYR F 86 0.42 -14.70 3.91
C TYR F 86 0.45 -15.38 2.55
N TYR F 87 0.78 -16.68 2.53
CA TYR F 87 0.95 -17.44 1.29
C TYR F 87 0.06 -18.67 1.32
N CYS F 88 -0.64 -18.94 0.22
CA CYS F 88 -1.33 -20.20 0.09
C CYS F 88 -0.44 -21.19 -0.66
N GLN F 89 -0.73 -22.48 -0.47
CA GLN F 89 0.08 -23.56 -1.02
C GLN F 89 -0.77 -24.79 -1.32
N GLN F 90 -0.53 -25.38 -2.49
CA GLN F 90 -1.14 -26.65 -2.92
C GLN F 90 -0.01 -27.43 -3.56
N LEU F 91 0.30 -28.63 -3.04
CA LEU F 91 1.46 -29.42 -3.51
C LEU F 91 2.72 -28.55 -3.46
N ASN F 92 3.49 -28.47 -4.55
CA ASN F 92 4.71 -27.69 -4.66
C ASN F 92 4.44 -26.31 -5.28
N ASN F 93 3.23 -25.82 -5.17
CA ASN F 93 2.81 -24.55 -5.73
C ASN F 93 2.53 -23.58 -4.61
N PHE F 94 3.03 -22.35 -4.75
CA PHE F 94 2.74 -21.29 -3.80
C PHE F 94 2.06 -20.13 -4.51
N GLY F 95 1.16 -19.46 -3.80
CA GLY F 95 0.64 -18.20 -4.27
C GLY F 95 1.72 -17.13 -4.13
N PRO F 96 1.49 -15.96 -4.74
CA PRO F 96 2.52 -14.91 -4.74
C PRO F 96 2.63 -14.13 -3.44
N GLY F 97 1.70 -14.34 -2.52
CA GLY F 97 1.72 -13.73 -1.20
C GLY F 97 0.79 -12.53 -1.11
N THR F 98 0.27 -12.30 0.10
CA THR F 98 -0.55 -11.14 0.42
C THR F 98 0.01 -10.50 1.68
N THR F 99 0.45 -9.26 1.57
CA THR F 99 1.01 -8.54 2.70
C THR F 99 -0.09 -7.74 3.38
N VAL F 100 -0.16 -7.86 4.71
CA VAL F 100 -1.15 -7.18 5.52
C VAL F 100 -0.41 -6.19 6.43
N ASP F 101 -0.71 -4.91 6.27
CA ASP F 101 -0.20 -3.82 7.09
C ASP F 101 -1.31 -3.35 8.03
N ILE F 102 -0.92 -2.75 9.15
CA ILE F 102 -1.85 -2.27 10.16
C ILE F 102 -1.97 -0.75 10.08
N LYS F 103 -3.21 -0.27 10.00
CA LYS F 103 -3.47 1.17 10.05
C LYS F 103 -3.84 1.53 11.47
N ARG F 104 -3.18 2.54 12.03
CA ARG F 104 -3.35 2.90 13.43
C ARG F 104 -3.39 4.43 13.54
N THR F 105 -3.70 4.93 14.72
CA THR F 105 -3.72 6.36 14.97
C THR F 105 -2.31 6.97 14.92
N VAL F 106 -2.23 8.26 14.59
CA VAL F 106 -0.94 8.94 14.48
C VAL F 106 -0.23 8.90 15.82
N ALA F 107 1.09 8.72 15.76
CA ALA F 107 1.95 8.74 16.94
C ALA F 107 3.22 9.50 16.57
N ALA F 108 3.52 10.54 17.34
CA ALA F 108 4.68 11.36 17.00
C ALA F 108 5.97 10.63 17.37
N PRO F 109 7.04 10.85 16.62
CA PRO F 109 8.32 10.24 16.99
C PRO F 109 8.94 10.92 18.21
N SER F 110 9.66 10.12 19.00
CA SER F 110 10.64 10.64 19.93
C SER F 110 11.97 10.71 19.21
N VAL F 111 12.64 11.86 19.28
CA VAL F 111 13.83 12.12 18.45
C VAL F 111 15.07 12.19 19.34
N PHE F 112 16.12 11.48 18.93
CA PHE F 112 17.40 11.41 19.63
C PHE F 112 18.52 11.63 18.62
N ILE F 113 19.62 12.24 19.07
CA ILE F 113 20.76 12.45 18.19
C ILE F 113 22.02 11.91 18.87
N PHE F 114 22.93 11.39 18.05
CA PHE F 114 24.16 10.75 18.51
C PHE F 114 25.34 11.35 17.75
N PRO F 115 26.31 11.96 18.42
CA PRO F 115 27.53 12.41 17.73
C PRO F 115 28.40 11.23 17.36
N PRO F 116 29.39 11.41 16.47
CA PRO F 116 30.31 10.30 16.18
C PRO F 116 31.14 9.96 17.40
N SER F 117 31.56 8.70 17.47
CA SER F 117 32.45 8.26 18.53
C SER F 117 33.88 8.74 18.29
N ASP F 118 34.62 8.90 19.38
CA ASP F 118 36.04 9.20 19.27
C ASP F 118 36.77 8.12 18.47
N GLU F 119 36.37 6.86 18.68
CA GLU F 119 37.01 5.76 17.97
C GLU F 119 36.82 5.88 16.46
N GLN F 120 35.61 6.23 16.01
CA GLN F 120 35.39 6.34 14.56
C GLN F 120 36.19 7.50 13.97
N LEU F 121 36.17 8.67 14.63
CA LEU F 121 36.93 9.81 14.13
C LEU F 121 38.39 9.47 13.92
N LYS F 122 38.96 8.63 14.78
CA LYS F 122 40.35 8.23 14.61
C LYS F 122 40.57 7.56 13.26
N SER F 123 39.52 6.93 12.71
CA SER F 123 39.59 6.25 11.42
C SER F 123 39.39 7.18 10.23
N GLY F 124 39.09 8.46 10.46
CA GLY F 124 38.92 9.40 9.37
C GLY F 124 37.51 9.65 8.88
N THR F 125 36.50 9.13 9.57
CA THR F 125 35.11 9.30 9.14
C THR F 125 34.27 9.67 10.35
N ALA F 126 33.20 10.43 10.10
CA ALA F 126 32.27 10.83 11.15
C ALA F 126 30.85 10.44 10.74
N SER F 127 30.21 9.59 11.53
CA SER F 127 28.80 9.24 11.33
C SER F 127 28.00 9.91 12.44
N VAL F 128 27.04 10.74 12.05
CA VAL F 128 26.07 11.33 12.97
C VAL F 128 24.74 10.63 12.74
N VAL F 129 24.13 10.15 13.81
CA VAL F 129 22.92 9.34 13.71
C VAL F 129 21.78 10.09 14.38
N CYS F 130 20.69 10.26 13.64
CA CYS F 130 19.42 10.77 14.16
C CYS F 130 18.41 9.63 14.21
N LEU F 131 17.79 9.44 15.37
CA LEU F 131 16.83 8.36 15.58
C LEU F 131 15.44 8.94 15.80
N LEU F 132 14.47 8.43 15.04
CA LEU F 132 13.03 8.69 15.25
C LEU F 132 12.42 7.39 15.76
N ASN F 133 11.91 7.40 16.99
CA ASN F 133 11.46 6.18 17.64
C ASN F 133 9.94 6.15 17.78
N ASN F 134 9.33 5.05 17.30
CA ASN F 134 7.94 4.69 17.59
C ASN F 134 6.95 5.76 17.10
N PHE F 135 6.89 5.90 15.79
CA PHE F 135 5.98 6.86 15.19
C PHE F 135 5.07 6.21 14.16
N TYR F 136 4.00 6.94 13.81
CA TYR F 136 3.05 6.49 12.80
C TYR F 136 2.30 7.72 12.30
N PRO F 137 2.11 7.89 10.98
CA PRO F 137 2.46 6.96 9.89
C PRO F 137 3.94 6.99 9.54
N ARG F 138 4.32 6.17 8.57
CA ARG F 138 5.73 6.01 8.24
C ARG F 138 6.33 7.28 7.63
N GLU F 139 5.51 8.06 6.92
CA GLU F 139 5.98 9.27 6.25
C GLU F 139 6.59 10.25 7.24
N ALA F 140 7.82 10.67 6.97
CA ALA F 140 8.48 11.65 7.82
C ALA F 140 9.57 12.38 7.04
N LYS F 141 9.79 13.64 7.40
CA LYS F 141 10.84 14.48 6.83
C LYS F 141 11.95 14.66 7.86
N VAL F 142 13.14 14.19 7.51
CA VAL F 142 14.34 14.33 8.33
C VAL F 142 15.34 15.13 7.51
N GLN F 143 15.68 16.32 8.01
CA GLN F 143 16.61 17.21 7.33
C GLN F 143 17.81 17.47 8.22
N TRP F 144 19.01 17.28 7.67
CA TRP F 144 20.22 17.64 8.39
C TRP F 144 20.56 19.09 8.11
N LYS F 145 20.81 19.86 9.15
CA LYS F 145 21.30 21.23 9.02
C LYS F 145 22.57 21.36 9.82
N VAL F 146 23.61 21.85 9.16
CA VAL F 146 24.95 21.91 9.71
C VAL F 146 25.38 23.37 9.69
N ASP F 147 25.55 23.96 10.88
CA ASP F 147 25.67 25.41 11.04
C ASP F 147 24.57 26.13 10.26
N ASN F 148 23.34 25.64 10.45
CA ASN F 148 22.13 26.20 9.83
C ASN F 148 22.17 26.12 8.30
N ALA F 149 22.91 25.16 7.75
CA ALA F 149 22.92 24.92 6.31
C ALA F 149 22.36 23.54 6.04
N LEU F 150 21.30 23.47 5.22
CA LEU F 150 20.67 22.21 4.92
C LEU F 150 21.62 21.30 4.13
N GLN F 151 21.77 20.07 4.59
CA GLN F 151 22.62 19.06 3.96
C GLN F 151 21.83 18.22 2.98
N SER F 152 22.52 17.74 1.95
CA SER F 152 21.93 16.81 1.01
C SER F 152 23.02 15.93 0.41
N GLY F 153 22.64 14.70 0.08
CA GLY F 153 23.52 13.76 -0.59
C GLY F 153 24.50 13.03 0.29
N ASN F 154 24.51 13.30 1.60
CA ASN F 154 25.44 12.66 2.51
C ASN F 154 24.76 11.89 3.64
N SER F 155 23.45 11.60 3.52
CA SER F 155 22.74 10.88 4.56
C SER F 155 22.00 9.70 3.94
N GLN F 156 21.76 8.67 4.76
CA GLN F 156 20.96 7.53 4.36
C GLN F 156 20.00 7.17 5.48
N GLU F 157 18.79 6.72 5.12
CA GLU F 157 17.75 6.38 6.06
C GLU F 157 17.51 4.88 6.07
N SER F 158 17.23 4.34 7.25
CA SER F 158 16.71 2.98 7.37
C SER F 158 15.49 3.03 8.27
N VAL F 159 14.55 2.13 8.02
CA VAL F 159 13.29 2.13 8.77
C VAL F 159 12.97 0.69 9.18
N THR F 160 12.62 0.51 10.44
CA THR F 160 12.21 -0.80 10.91
C THR F 160 10.90 -1.21 10.25
N GLU F 161 10.64 -2.51 10.28
CA GLU F 161 9.33 -3.01 9.92
C GLU F 161 8.33 -2.60 11.00
N GLN F 162 7.06 -2.54 10.62
CA GLN F 162 6.00 -2.21 11.56
C GLN F 162 6.10 -3.06 12.82
N ASP F 163 6.01 -2.41 13.97
CA ASP F 163 6.20 -3.13 15.22
C ASP F 163 5.04 -4.09 15.43
N SER F 164 5.37 -5.32 15.83
CA SER F 164 4.37 -6.37 16.01
C SER F 164 3.47 -6.13 17.21
N LYS F 165 3.80 -5.16 18.06
CA LYS F 165 2.96 -4.97 19.24
C LYS F 165 2.17 -3.66 19.21
N ASP F 166 2.75 -2.55 18.74
CA ASP F 166 2.03 -1.28 18.67
C ASP F 166 1.95 -0.71 17.26
N SER F 167 2.42 -1.42 16.25
CA SER F 167 2.29 -1.05 14.83
C SER F 167 3.00 0.25 14.49
N THR F 168 3.97 0.70 15.29
CA THR F 168 4.72 1.89 14.93
C THR F 168 5.98 1.55 14.14
N TYR F 169 6.61 2.60 13.61
CA TYR F 169 7.91 2.51 12.96
C TYR F 169 8.98 3.21 13.77
N SER F 170 10.21 2.82 13.53
CA SER F 170 11.36 3.60 13.94
C SER F 170 12.23 3.83 12.72
N LEU F 171 13.03 4.90 12.77
CA LEU F 171 13.79 5.33 11.62
C LEU F 171 15.13 5.87 12.07
N SER F 172 16.19 5.50 11.36
CA SER F 172 17.50 6.10 11.54
C SER F 172 17.86 6.89 10.30
N SER F 173 18.45 8.05 10.52
CA SER F 173 19.04 8.81 9.42
C SER F 173 20.50 9.04 9.79
N THR F 174 21.41 8.59 8.95
CA THR F 174 22.83 8.62 9.26
C THR F 174 23.52 9.57 8.31
N LEU F 175 24.08 10.65 8.86
CA LEU F 175 24.89 11.61 8.11
C LEU F 175 26.34 11.16 8.16
N THR F 176 26.94 10.90 6.99
CA THR F 176 28.32 10.42 6.93
C THR F 176 29.19 11.46 6.24
N LEU F 177 30.21 11.94 6.95
CA LEU F 177 31.16 12.92 6.45
C LEU F 177 32.58 12.41 6.70
N SER F 178 33.53 12.91 5.91
CA SER F 178 34.92 12.74 6.30
C SER F 178 35.15 13.44 7.62
N LYS F 179 36.14 12.96 8.39
CA LYS F 179 36.48 13.69 9.61
C LYS F 179 36.82 15.14 9.31
N ALA F 180 37.54 15.37 8.21
CA ALA F 180 37.89 16.75 7.81
C ALA F 180 36.64 17.61 7.65
N ASP F 181 35.65 17.13 6.90
CA ASP F 181 34.43 17.91 6.73
C ASP F 181 33.67 18.04 8.03
N TYR F 182 33.72 17.03 8.89
CA TYR F 182 33.06 17.11 10.19
C TYR F 182 33.70 18.18 11.07
N GLU F 183 35.03 18.25 11.06
CA GLU F 183 35.73 19.24 11.87
C GLU F 183 35.48 20.67 11.38
N LYS F 184 34.95 20.82 10.17
CA LYS F 184 34.76 22.14 9.59
C LYS F 184 33.60 22.90 10.23
N HIS F 185 32.64 22.20 10.82
CA HIS F 185 31.43 22.85 11.29
C HIS F 185 31.23 22.64 12.78
N LYS F 186 30.38 23.46 13.38
CA LYS F 186 30.13 23.40 14.81
C LYS F 186 28.79 22.72 15.14
N VAL F 187 27.69 23.29 14.67
CA VAL F 187 26.35 22.84 15.08
C VAL F 187 25.86 21.78 14.11
N TYR F 188 25.51 20.62 14.64
CA TYR F 188 24.94 19.53 13.86
C TYR F 188 23.51 19.30 14.36
N ALA F 189 22.53 19.51 13.46
CA ALA F 189 21.13 19.48 13.83
C ALA F 189 20.35 18.51 12.95
N CYS F 190 19.47 17.75 13.59
CA CYS F 190 18.49 16.90 12.95
C CYS F 190 17.11 17.52 13.16
N GLU F 191 16.44 17.89 12.08
CA GLU F 191 15.13 18.52 12.11
C GLU F 191 14.07 17.58 11.55
N VAL F 192 13.05 17.28 12.34
CA VAL F 192 12.08 16.24 12.02
C VAL F 192 10.71 16.86 11.82
N THR F 193 10.11 16.59 10.66
CA THR F 193 8.73 16.97 10.38
C THR F 193 7.89 15.70 10.23
N HIS F 194 6.77 15.66 10.95
CA HIS F 194 5.91 14.47 10.98
C HIS F 194 4.49 14.90 11.33
N GLN F 195 3.53 14.08 10.89
CA GLN F 195 2.12 14.39 11.15
C GLN F 195 1.82 14.52 12.63
N GLY F 196 2.52 13.77 13.47
CA GLY F 196 2.23 13.81 14.90
C GLY F 196 2.79 14.99 15.65
N LEU F 197 3.59 15.84 15.01
CA LEU F 197 4.21 16.98 15.67
C LEU F 197 3.58 18.28 15.20
N SER F 198 3.29 19.16 16.17
CA SER F 198 2.67 20.45 15.84
C SER F 198 3.58 21.28 14.94
N SER F 199 4.88 21.26 15.22
CA SER F 199 5.89 21.97 14.46
C SER F 199 7.14 21.11 14.42
N PRO F 200 8.06 21.37 13.49
CA PRO F 200 9.25 20.53 13.40
C PRO F 200 10.06 20.50 14.69
N VAL F 201 10.54 19.32 15.05
CA VAL F 201 11.38 19.11 16.22
C VAL F 201 12.83 19.02 15.75
N THR F 202 13.71 19.77 16.41
CA THR F 202 15.14 19.81 16.11
C THR F 202 15.91 19.27 17.30
N LYS F 203 16.77 18.29 17.05
CA LYS F 203 17.78 17.84 18.01
C LYS F 203 19.16 18.25 17.49
N SER F 204 20.04 18.69 18.37
CA SER F 204 21.31 19.20 17.89
C SER F 204 22.38 19.06 18.97
N PHE F 205 23.63 19.14 18.53
CA PHE F 205 24.77 19.19 19.43
C PHE F 205 25.86 20.02 18.78
N ASN F 206 26.79 20.48 19.60
CA ASN F 206 27.97 21.20 19.14
C ASN F 206 29.17 20.25 19.12
N ARG F 207 29.87 20.20 17.98
CA ARG F 207 31.02 19.32 17.86
C ARG F 207 32.03 19.55 18.99
N GLY F 208 32.28 20.80 19.35
CA GLY F 208 33.13 21.16 20.47
C GLY F 208 32.96 20.43 21.80
N PCA G 1 17.17 -4.10 -33.63
CA PCA G 1 16.21 -5.19 -33.55
CB PCA G 1 14.90 -4.73 -32.91
CG PCA G 1 14.84 -3.26 -33.25
CD PCA G 1 16.29 -2.94 -33.47
OE PCA G 1 16.69 -1.77 -33.49
C PCA G 1 15.91 -5.72 -34.94
O PCA G 1 16.26 -5.09 -35.94
N LEU G 2 15.24 -6.86 -35.01
CA LEU G 2 14.87 -7.47 -36.28
C LEU G 2 13.86 -6.61 -37.03
N GLN G 3 14.09 -6.43 -38.33
CA GLN G 3 13.13 -5.78 -39.21
C GLN G 3 13.01 -6.60 -40.49
N LEU G 4 11.79 -6.95 -40.85
CA LEU G 4 11.50 -7.72 -42.05
C LEU G 4 10.68 -6.82 -42.94
N GLN G 5 11.25 -6.35 -44.05
CA GLN G 5 10.61 -5.32 -44.86
C GLN G 5 10.31 -5.86 -46.25
N GLU G 6 9.02 -5.97 -46.57
CA GLU G 6 8.58 -6.39 -47.89
C GLU G 6 8.71 -5.24 -48.89
N SER G 7 9.08 -5.59 -50.12
CA SER G 7 9.04 -4.62 -51.21
C SER G 7 8.61 -5.32 -52.49
N GLY G 8 8.06 -4.53 -53.42
CA GLY G 8 7.57 -5.03 -54.67
C GLY G 8 6.26 -4.36 -55.06
N PRO G 9 5.82 -4.58 -56.30
CA PRO G 9 4.57 -3.95 -56.75
C PRO G 9 3.36 -4.37 -55.94
N GLY G 10 2.40 -3.44 -55.82
CA GLY G 10 1.12 -3.69 -55.23
C GLY G 10 0.02 -3.98 -56.22
N LEU G 11 0.35 -4.05 -57.51
CA LEU G 11 -0.65 -4.32 -58.54
C LEU G 11 0.00 -5.17 -59.61
N VAL G 12 -0.65 -6.29 -59.93
CA VAL G 12 -0.14 -7.27 -60.87
C VAL G 12 -1.31 -7.67 -61.77
N LYS G 13 -1.07 -7.70 -63.07
CA LYS G 13 -2.14 -8.06 -64.01
C LYS G 13 -2.41 -9.56 -63.95
N PRO G 14 -3.66 -9.96 -64.17
CA PRO G 14 -3.99 -11.39 -64.22
C PRO G 14 -3.10 -12.15 -65.21
N SER G 15 -2.69 -13.34 -64.80
CA SER G 15 -1.84 -14.29 -65.51
C SER G 15 -0.37 -13.88 -65.48
N GLU G 16 -0.03 -12.70 -64.98
CA GLU G 16 1.37 -12.28 -64.92
C GLU G 16 1.97 -12.76 -63.61
N THR G 17 3.22 -12.39 -63.34
CA THR G 17 3.98 -12.91 -62.20
C THR G 17 4.08 -11.88 -61.07
N LEU G 18 3.77 -12.32 -59.85
CA LEU G 18 3.94 -11.53 -58.65
C LEU G 18 5.32 -11.82 -58.07
N SER G 19 6.13 -10.77 -57.89
CA SER G 19 7.44 -10.91 -57.27
C SER G 19 7.51 -9.99 -56.06
N LEU G 20 7.99 -10.51 -54.92
CA LEU G 20 8.23 -9.72 -53.72
C LEU G 20 9.59 -10.05 -53.14
N THR G 21 10.20 -9.06 -52.49
CA THR G 21 11.45 -9.27 -51.78
C THR G 21 11.32 -8.85 -50.33
N CYS G 22 12.01 -9.58 -49.46
CA CYS G 22 12.07 -9.24 -48.05
C CYS G 22 13.51 -8.90 -47.71
N SER G 23 13.72 -7.67 -47.22
CA SER G 23 15.06 -7.22 -46.82
C SER G 23 15.15 -7.33 -45.31
N VAL G 24 16.14 -8.09 -44.83
CA VAL G 24 16.29 -8.40 -43.40
C VAL G 24 17.29 -7.44 -42.77
N SER G 25 16.88 -6.86 -41.63
CA SER G 25 17.71 -5.98 -40.81
C SER G 25 17.67 -6.51 -39.38
N GLY G 26 18.79 -6.37 -38.68
CA GLY G 26 18.91 -6.79 -37.30
C GLY G 26 19.33 -8.22 -37.09
N ASP G 27 19.51 -8.98 -38.17
CA ASP G 27 20.00 -10.35 -38.10
C ASP G 27 20.52 -10.70 -39.49
N ALA G 28 21.26 -11.79 -39.56
CA ALA G 28 21.85 -12.27 -40.80
C ALA G 28 21.17 -13.56 -41.23
N ILE G 29 20.76 -13.63 -42.48
CA ILE G 29 20.19 -14.87 -43.00
C ILE G 29 21.27 -15.94 -43.06
N SER G 30 22.44 -15.56 -43.57
CA SER G 30 23.54 -16.50 -43.73
C SER G 30 23.91 -17.10 -42.38
N GLY G 31 23.98 -18.43 -42.35
CA GLY G 31 24.32 -19.13 -41.12
C GLY G 31 23.26 -19.15 -40.04
N SER G 32 22.05 -18.66 -40.32
CA SER G 32 21.00 -18.65 -39.29
C SER G 32 20.29 -19.99 -39.21
N ASN G 33 19.67 -20.22 -38.06
CA ASN G 33 18.88 -21.41 -37.81
C ASN G 33 17.39 -21.19 -38.11
N TYR G 34 17.07 -20.27 -39.01
CA TYR G 34 15.69 -19.87 -39.25
C TYR G 34 15.18 -20.38 -40.58
N TYR G 35 13.88 -20.63 -40.64
CA TYR G 35 13.17 -20.74 -41.90
C TYR G 35 12.63 -19.35 -42.24
N TRP G 36 12.97 -18.87 -43.43
CA TRP G 36 12.57 -17.55 -43.91
C TRP G 36 11.42 -17.74 -44.88
N GLY G 37 10.27 -17.13 -44.59
CA GLY G 37 9.04 -17.56 -45.22
C GLY G 37 8.15 -16.41 -45.65
N TRP G 38 7.11 -16.80 -46.38
CA TRP G 38 6.06 -15.90 -46.82
C TRP G 38 4.70 -16.47 -46.40
N ILE G 39 3.89 -15.61 -45.82
CA ILE G 39 2.55 -15.96 -45.36
C ILE G 39 1.62 -14.90 -45.92
N ARG G 40 0.46 -15.32 -46.41
CA ARG G 40 -0.46 -14.34 -46.96
C ARG G 40 -1.82 -14.44 -46.29
N GLN G 41 -2.60 -13.38 -46.47
CA GLN G 41 -3.91 -13.23 -45.86
C GLN G 41 -4.84 -12.59 -46.88
N PRO G 42 -5.63 -13.37 -47.60
CA PRO G 42 -6.58 -12.80 -48.56
C PRO G 42 -7.61 -11.96 -47.83
N PRO G 43 -8.30 -11.05 -48.54
CA PRO G 43 -9.27 -10.18 -47.88
C PRO G 43 -10.31 -11.01 -47.13
N GLY G 44 -10.48 -10.69 -45.84
CA GLY G 44 -11.48 -11.34 -45.04
C GLY G 44 -11.19 -12.77 -44.65
N LYS G 45 -9.97 -13.26 -44.85
CA LYS G 45 -9.63 -14.64 -44.54
C LYS G 45 -8.48 -14.67 -43.52
N GLY G 46 -8.10 -15.90 -43.16
CA GLY G 46 -7.05 -16.14 -42.18
C GLY G 46 -5.68 -16.19 -42.83
N LEU G 47 -4.73 -16.74 -42.09
CA LEU G 47 -3.33 -16.78 -42.51
C LEU G 47 -3.06 -18.07 -43.28
N GLN G 48 -2.38 -17.95 -44.43
CA GLN G 48 -1.98 -19.10 -45.24
C GLN G 48 -0.48 -19.07 -45.46
N TRP G 49 0.22 -20.09 -44.94
CA TRP G 49 1.66 -20.18 -45.15
C TRP G 49 1.92 -20.60 -46.60
N ILE G 50 2.80 -19.90 -47.28
CA ILE G 50 3.07 -20.14 -48.71
C ILE G 50 4.29 -21.06 -48.89
N GLY G 51 5.39 -20.71 -48.24
CA GLY G 51 6.61 -21.49 -48.37
C GLY G 51 7.70 -20.85 -47.54
N SER G 52 8.78 -21.60 -47.36
CA SER G 52 9.91 -21.12 -46.58
C SER G 52 11.21 -21.58 -47.23
N ILE G 53 12.29 -20.96 -46.83
CA ILE G 53 13.62 -21.24 -47.37
C ILE G 53 14.63 -21.16 -46.23
N TYR G 54 15.58 -22.07 -46.25
CA TYR G 54 16.71 -22.08 -45.35
C TYR G 54 17.89 -21.37 -46.01
N HIS G 55 18.83 -20.88 -45.19
CA HIS G 55 19.95 -20.10 -45.74
C HIS G 55 20.75 -20.89 -46.75
N THR G 56 20.72 -22.23 -46.70
CA THR G 56 21.39 -23.06 -47.68
C THR G 56 20.72 -23.04 -49.04
N GLY G 57 19.53 -22.43 -49.17
CA GLY G 57 18.76 -22.47 -50.39
C GLY G 57 17.67 -23.54 -50.45
N SER G 58 17.64 -24.47 -49.49
CA SER G 58 16.60 -25.49 -49.44
C SER G 58 15.25 -24.84 -49.19
N THR G 59 14.22 -25.33 -49.89
CA THR G 59 12.89 -24.74 -49.84
C THR G 59 11.84 -25.78 -49.50
N PHE G 60 10.73 -25.31 -48.93
CA PHE G 60 9.55 -26.11 -48.64
C PHE G 60 8.32 -25.27 -48.98
N TYR G 61 7.34 -25.88 -49.64
CA TYR G 61 6.22 -25.13 -50.19
C TYR G 61 4.89 -25.72 -49.73
N ASN G 62 3.89 -24.86 -49.62
CA ASN G 62 2.51 -25.31 -49.42
C ASN G 62 2.07 -26.01 -50.69
N PRO G 63 1.63 -27.27 -50.62
CA PRO G 63 1.21 -27.98 -51.84
C PRO G 63 0.09 -27.30 -52.58
N SER G 64 -0.69 -26.45 -51.91
CA SER G 64 -1.76 -25.72 -52.60
C SER G 64 -1.21 -24.72 -53.60
N PHE G 65 0.02 -24.25 -53.40
CA PHE G 65 0.61 -23.20 -54.21
C PHE G 65 1.81 -23.66 -55.03
N SER G 66 2.35 -24.86 -54.77
CA SER G 66 3.70 -25.17 -55.21
C SER G 66 3.85 -25.20 -56.73
N SER G 67 2.80 -25.58 -57.46
CA SER G 67 2.89 -25.52 -58.92
C SER G 67 3.12 -24.10 -59.43
N ARG G 68 2.94 -23.07 -58.59
CA ARG G 68 3.11 -21.69 -59.01
C ARG G 68 4.12 -20.91 -58.18
N VAL G 69 4.66 -21.48 -57.10
CA VAL G 69 5.47 -20.74 -56.14
C VAL G 69 6.94 -21.11 -56.28
N THR G 70 7.81 -20.10 -56.17
CA THR G 70 9.24 -20.28 -56.02
C THR G 70 9.76 -19.30 -54.96
N LEU G 71 10.63 -19.78 -54.09
CA LEU G 71 11.38 -18.91 -53.18
C LEU G 71 12.86 -18.96 -53.55
N SER G 72 13.55 -17.85 -53.31
CA SER G 72 14.98 -17.73 -53.49
C SER G 72 15.56 -16.95 -52.32
N VAL G 73 16.84 -17.19 -52.01
CA VAL G 73 17.52 -16.45 -50.97
C VAL G 73 18.80 -15.85 -51.55
N ASP G 74 19.17 -14.65 -51.08
CA ASP G 74 20.42 -13.99 -51.45
C ASP G 74 21.13 -13.65 -50.16
N THR G 75 21.99 -14.56 -49.68
CA THR G 75 22.70 -14.33 -48.43
C THR G 75 23.72 -13.22 -48.54
N SER G 76 24.15 -12.88 -49.77
CA SER G 76 25.03 -11.74 -49.96
C SER G 76 24.33 -10.44 -49.60
N LYS G 77 23.11 -10.23 -50.11
CA LYS G 77 22.35 -9.01 -49.89
C LYS G 77 21.49 -9.07 -48.64
N ASN G 78 21.44 -10.20 -47.95
CA ASN G 78 20.59 -10.40 -46.77
C ASN G 78 19.11 -10.21 -47.10
N GLN G 79 18.68 -10.81 -48.21
CA GLN G 79 17.27 -10.81 -48.59
C GLN G 79 16.86 -12.19 -49.08
N PHE G 80 15.55 -12.42 -49.08
CA PHE G 80 14.95 -13.59 -49.71
C PHE G 80 13.70 -13.13 -50.45
N SER G 81 13.24 -13.94 -51.39
CA SER G 81 12.26 -13.48 -52.36
C SER G 81 11.17 -14.52 -52.59
N LEU G 82 10.04 -14.01 -53.06
CA LEU G 82 8.88 -14.81 -53.42
C LEU G 82 8.57 -14.56 -54.88
N LYS G 83 8.30 -15.65 -55.60
CA LYS G 83 7.84 -15.61 -56.99
C LYS G 83 6.58 -16.44 -57.09
N LEU G 84 5.48 -15.83 -57.53
CA LEU G 84 4.19 -16.49 -57.70
C LEU G 84 3.70 -16.22 -59.11
N ILE G 85 3.65 -17.25 -59.95
CA ILE G 85 3.34 -17.05 -61.36
C ILE G 85 1.85 -17.28 -61.60
N SER G 86 1.38 -16.78 -62.74
CA SER G 86 0.03 -17.05 -63.25
C SER G 86 -1.07 -16.65 -62.25
N VAL G 87 -1.01 -15.40 -61.77
CA VAL G 87 -1.91 -14.96 -60.71
C VAL G 87 -3.30 -14.70 -61.24
N ASN G 88 -4.30 -14.82 -60.37
CA ASN G 88 -5.66 -14.39 -60.66
C ASN G 88 -6.19 -13.68 -59.43
N ALA G 89 -7.50 -13.40 -59.45
CA ALA G 89 -8.13 -12.59 -58.39
C ALA G 89 -7.99 -13.22 -57.01
N ALA G 90 -7.94 -14.55 -56.93
CA ALA G 90 -7.80 -15.22 -55.64
C ALA G 90 -6.43 -15.03 -55.01
N ASP G 91 -5.45 -14.47 -55.73
CA ASP G 91 -4.15 -14.18 -55.14
C ASP G 91 -4.07 -12.78 -54.55
N THR G 92 -5.09 -11.94 -54.72
CA THR G 92 -5.15 -10.67 -54.01
C THR G 92 -5.10 -10.93 -52.50
N ALA G 93 -4.15 -10.30 -51.83
CA ALA G 93 -3.93 -10.62 -50.42
C ALA G 93 -2.87 -9.68 -49.86
N VAL G 94 -2.83 -9.61 -48.54
CA VAL G 94 -1.67 -9.07 -47.85
C VAL G 94 -0.61 -10.16 -47.78
N TYR G 95 0.61 -9.84 -48.22
CA TYR G 95 1.73 -10.77 -48.17
C TYR G 95 2.70 -10.31 -47.09
N TYR G 96 2.97 -11.18 -46.12
CA TYR G 96 3.93 -10.91 -45.05
C TYR G 96 5.20 -11.70 -45.29
N CYS G 97 6.36 -11.06 -45.17
CA CYS G 97 7.49 -11.94 -44.97
C CYS G 97 7.62 -12.21 -43.48
N ALA G 98 8.26 -13.33 -43.17
CA ALA G 98 8.24 -13.85 -41.80
C ALA G 98 9.42 -14.77 -41.62
N ARG G 99 9.67 -15.14 -40.37
CA ARG G 99 10.71 -16.13 -40.09
C ARG G 99 10.35 -16.89 -38.83
N ARG G 100 10.78 -18.14 -38.77
CA ARG G 100 10.53 -18.99 -37.62
C ARG G 100 11.79 -19.77 -37.32
N ILE G 101 12.23 -19.78 -36.07
CA ILE G 101 13.42 -20.55 -35.75
C ILE G 101 13.09 -22.03 -35.87
N ARG G 102 14.06 -22.82 -36.32
CA ARG G 102 13.84 -24.26 -36.43
C ARG G 102 13.56 -24.87 -35.05
N GLY G 103 12.86 -25.98 -35.08
CA GLY G 103 12.51 -26.72 -33.88
C GLY G 103 11.02 -26.67 -33.63
N TYR G 104 10.55 -27.66 -32.84
CA TYR G 104 9.11 -27.78 -32.61
C TYR G 104 8.52 -26.56 -31.91
N SER G 105 9.33 -25.83 -31.13
CA SER G 105 8.85 -24.69 -30.37
C SER G 105 8.85 -23.37 -31.14
N GLY G 106 9.41 -23.34 -32.35
CA GLY G 106 9.69 -22.06 -32.99
C GLY G 106 8.43 -21.26 -33.29
N THR G 107 8.50 -19.96 -33.02
CA THR G 107 7.44 -19.01 -33.30
C THR G 107 7.86 -18.06 -34.42
N TYR G 108 6.87 -17.36 -34.97
CA TYR G 108 7.11 -16.48 -36.10
C TYR G 108 7.38 -15.04 -35.67
N ASP G 109 8.42 -14.44 -36.28
CA ASP G 109 8.54 -12.99 -36.38
C ASP G 109 7.92 -12.56 -37.71
N TRP G 110 7.27 -11.38 -37.71
CA TRP G 110 6.52 -10.92 -38.88
C TRP G 110 7.03 -9.58 -39.40
N GLY G 111 7.00 -9.42 -40.73
CA GLY G 111 7.04 -8.11 -41.33
C GLY G 111 5.68 -7.43 -41.17
N GLN G 112 5.58 -6.21 -41.70
CA GLN G 112 4.33 -5.48 -41.60
C GLN G 112 3.33 -5.85 -42.69
N GLY G 113 3.77 -6.56 -43.72
CA GLY G 113 2.85 -6.97 -44.78
C GLY G 113 2.73 -5.91 -45.85
N THR G 114 2.52 -6.37 -47.08
CA THR G 114 2.27 -5.47 -48.21
C THR G 114 1.10 -6.03 -49.01
N LEU G 115 0.14 -5.16 -49.34
CA LEU G 115 -1.02 -5.57 -50.10
C LEU G 115 -0.64 -5.73 -51.57
N VAL G 116 -1.05 -6.82 -52.19
CA VAL G 116 -0.93 -7.00 -53.63
C VAL G 116 -2.31 -7.28 -54.20
N THR G 117 -2.71 -6.51 -55.20
CA THR G 117 -4.00 -6.65 -55.87
C THR G 117 -3.78 -7.20 -57.28
N VAL G 118 -4.51 -8.25 -57.63
CA VAL G 118 -4.46 -8.79 -58.99
C VAL G 118 -5.64 -8.24 -59.76
N SER G 119 -5.33 -7.45 -60.79
CA SER G 119 -6.38 -6.75 -61.53
C SER G 119 -5.78 -6.22 -62.81
N SER G 120 -6.60 -6.21 -63.86
CA SER G 120 -6.19 -5.59 -65.11
C SER G 120 -6.41 -4.07 -65.10
N ALA G 121 -7.05 -3.53 -64.06
CA ALA G 121 -7.36 -2.11 -64.05
C ALA G 121 -6.10 -1.29 -63.83
N SER G 122 -6.14 -0.03 -64.26
CA SER G 122 -4.99 0.84 -64.19
C SER G 122 -4.99 1.66 -62.90
N THR G 123 -3.80 2.09 -62.50
CA THR G 123 -3.64 2.92 -61.32
C THR G 123 -4.29 4.28 -61.50
N LYS G 124 -4.95 4.78 -60.45
CA LYS G 124 -5.58 6.09 -60.49
C LYS G 124 -5.48 6.75 -59.13
N GLY G 125 -4.99 7.98 -59.10
CA GLY G 125 -4.87 8.73 -57.87
C GLY G 125 -6.21 9.27 -57.41
N PRO G 126 -6.39 9.42 -56.10
CA PRO G 126 -7.66 9.89 -55.57
C PRO G 126 -7.80 11.40 -55.66
N SER G 127 -9.03 11.86 -55.56
CA SER G 127 -9.32 13.26 -55.26
C SER G 127 -9.72 13.35 -53.80
N VAL G 128 -9.33 14.44 -53.14
CA VAL G 128 -9.57 14.60 -51.71
C VAL G 128 -10.40 15.84 -51.49
N PHE G 129 -11.59 15.65 -50.91
CA PHE G 129 -12.53 16.74 -50.68
C PHE G 129 -12.77 16.89 -49.18
N PRO G 130 -12.94 18.11 -48.69
CA PRO G 130 -13.19 18.31 -47.26
C PRO G 130 -14.61 17.94 -46.86
N LEU G 131 -14.75 17.35 -45.69
CA LEU G 131 -16.03 17.23 -45.00
C LEU G 131 -15.99 18.26 -43.88
N ALA G 132 -16.47 19.47 -44.19
CA ALA G 132 -16.18 20.63 -43.34
C ALA G 132 -16.98 20.56 -42.05
N PRO G 133 -16.39 20.92 -40.91
CA PRO G 133 -17.19 21.03 -39.69
C PRO G 133 -18.20 22.15 -39.82
N SER G 134 -19.40 21.90 -39.32
CA SER G 134 -20.48 22.88 -39.40
C SER G 134 -21.36 22.70 -38.17
N SER G 135 -22.37 23.58 -38.06
CA SER G 135 -23.35 23.45 -36.99
C SER G 135 -24.13 22.15 -37.13
N LYS G 136 -24.10 21.56 -38.32
CA LYS G 136 -24.74 20.29 -38.58
C LYS G 136 -23.81 19.11 -38.29
N SER G 137 -22.58 19.37 -37.83
CA SER G 137 -21.68 18.32 -37.36
C SER G 137 -21.21 18.56 -35.92
N THR G 138 -21.74 19.57 -35.24
CA THR G 138 -21.40 19.86 -33.85
C THR G 138 -22.55 19.56 -32.90
N SER G 139 -22.30 18.68 -31.94
CA SER G 139 -23.21 18.40 -30.85
C SER G 139 -22.43 18.54 -29.55
N GLY G 140 -22.85 19.48 -28.71
CA GLY G 140 -22.10 19.86 -27.51
C GLY G 140 -20.81 20.55 -27.89
N GLY G 141 -19.75 20.31 -27.13
CA GLY G 141 -18.52 21.00 -27.49
C GLY G 141 -17.63 20.35 -28.52
N THR G 142 -18.11 19.36 -29.23
CA THR G 142 -17.31 18.58 -30.16
C THR G 142 -17.86 18.73 -31.58
N ALA G 143 -16.98 19.02 -32.52
CA ALA G 143 -17.31 19.09 -33.93
C ALA G 143 -16.72 17.90 -34.67
N ALA G 144 -17.47 17.37 -35.63
CA ALA G 144 -16.99 16.32 -36.53
C ALA G 144 -16.59 16.93 -37.87
N LEU G 145 -15.44 16.51 -38.38
CA LEU G 145 -14.94 16.95 -39.68
C LEU G 145 -14.23 15.77 -40.32
N GLY G 146 -13.87 15.93 -41.60
CA GLY G 146 -13.23 14.83 -42.27
C GLY G 146 -12.79 15.17 -43.67
N CYS G 147 -12.39 14.11 -44.38
CA CYS G 147 -11.95 14.19 -45.77
C CYS G 147 -12.53 13.00 -46.52
N LEU G 148 -13.05 13.27 -47.71
CA LEU G 148 -13.53 12.24 -48.62
C LEU G 148 -12.43 11.94 -49.63
N VAL G 149 -11.96 10.70 -49.66
CA VAL G 149 -10.88 10.27 -50.53
C VAL G 149 -11.51 9.41 -51.61
N LYS G 150 -11.76 9.99 -52.79
CA LYS G 150 -12.68 9.42 -53.77
C LYS G 150 -11.96 9.03 -55.05
N ASP G 151 -12.35 7.87 -55.60
CA ASP G 151 -12.02 7.43 -56.95
C ASP G 151 -10.53 7.14 -57.13
N TYR G 152 -10.02 6.10 -56.47
CA TYR G 152 -8.62 5.73 -56.63
C TYR G 152 -8.52 4.22 -56.86
N PHE G 153 -7.35 3.81 -57.35
CA PHE G 153 -7.08 2.40 -57.59
C PHE G 153 -5.58 2.22 -57.70
N PRO G 154 -5.00 1.12 -57.19
CA PRO G 154 -5.65 0.13 -56.33
C PRO G 154 -5.58 0.59 -54.89
N GLU G 155 -5.98 -0.26 -53.94
CA GLU G 155 -5.68 0.00 -52.55
C GLU G 155 -4.18 -0.14 -52.31
N PRO G 156 -3.65 0.45 -51.22
CA PRO G 156 -4.34 1.25 -50.21
C PRO G 156 -4.01 2.74 -50.28
N VAL G 157 -4.82 3.55 -49.60
CA VAL G 157 -4.43 4.90 -49.24
C VAL G 157 -4.18 4.92 -47.75
N THR G 158 -3.30 5.81 -47.30
CA THR G 158 -3.13 6.08 -45.89
C THR G 158 -3.60 7.49 -45.61
N VAL G 159 -4.31 7.66 -44.50
CA VAL G 159 -4.79 8.96 -44.06
C VAL G 159 -4.32 9.19 -42.65
N SER G 160 -3.71 10.35 -42.41
CA SER G 160 -3.40 10.81 -41.07
C SER G 160 -3.96 12.21 -40.93
N TRP G 161 -4.00 12.71 -39.70
CA TRP G 161 -4.49 14.04 -39.43
C TRP G 161 -3.39 14.82 -38.72
N ASN G 162 -3.12 16.02 -39.23
CA ASN G 162 -2.07 16.89 -38.71
C ASN G 162 -0.77 16.10 -38.55
N SER G 163 -0.43 15.35 -39.58
CA SER G 163 0.80 14.57 -39.68
C SER G 163 0.92 13.57 -38.53
N GLY G 164 -0.22 13.06 -38.07
CA GLY G 164 -0.24 12.06 -37.02
C GLY G 164 -0.32 12.58 -35.60
N ALA G 165 -0.37 13.90 -35.41
CA ALA G 165 -0.56 14.44 -34.06
C ALA G 165 -2.00 14.23 -33.59
N LEU G 166 -2.93 14.13 -34.50
CA LEU G 166 -4.35 13.95 -34.18
C LEU G 166 -4.72 12.50 -34.45
N THR G 167 -4.87 11.72 -33.37
CA THR G 167 -5.25 10.31 -33.46
C THR G 167 -6.50 9.97 -32.68
N SER G 168 -6.77 10.67 -31.58
CA SER G 168 -7.96 10.36 -30.79
C SER G 168 -9.22 10.69 -31.57
N GLY G 169 -10.16 9.75 -31.60
CA GLY G 169 -11.41 9.99 -32.28
C GLY G 169 -11.33 10.01 -33.79
N VAL G 170 -10.23 9.55 -34.38
CA VAL G 170 -10.13 9.42 -35.83
C VAL G 170 -10.79 8.11 -36.25
N HIS G 171 -11.64 8.17 -37.27
CA HIS G 171 -12.21 6.97 -37.86
C HIS G 171 -11.99 7.04 -39.37
N THR G 172 -11.13 6.18 -39.87
CA THR G 172 -10.91 6.06 -41.31
C THR G 172 -11.65 4.82 -41.79
N PHE G 173 -12.65 5.03 -42.62
CA PHE G 173 -13.53 3.91 -42.93
C PHE G 173 -12.87 2.98 -43.95
N PRO G 174 -13.19 1.69 -43.88
CA PRO G 174 -12.71 0.78 -44.93
C PRO G 174 -13.16 1.24 -46.30
N ALA G 175 -12.28 1.11 -47.28
CA ALA G 175 -12.62 1.54 -48.63
C ALA G 175 -13.73 0.67 -49.17
N VAL G 176 -14.60 1.27 -49.98
CA VAL G 176 -15.66 0.55 -50.67
C VAL G 176 -15.42 0.70 -52.17
N LEU G 177 -15.52 -0.41 -52.89
CA LEU G 177 -15.35 -0.40 -54.33
C LEU G 177 -16.65 0.07 -54.99
N GLN G 178 -16.56 1.15 -55.76
CA GLN G 178 -17.73 1.66 -56.43
C GLN G 178 -18.02 0.85 -57.70
N SER G 179 -19.22 1.04 -58.26
CA SER G 179 -19.58 0.34 -59.49
C SER G 179 -18.67 0.73 -60.64
N SER G 180 -18.06 1.91 -60.58
CA SER G 180 -17.05 2.32 -61.54
C SER G 180 -15.79 1.48 -61.49
N GLY G 181 -15.60 0.67 -60.44
CA GLY G 181 -14.36 -0.04 -60.26
C GLY G 181 -13.28 0.75 -59.55
N LEU G 182 -13.60 1.91 -59.00
CA LEU G 182 -12.67 2.70 -58.22
C LEU G 182 -13.08 2.70 -56.75
N TYR G 183 -12.10 2.85 -55.87
CA TYR G 183 -12.38 2.85 -54.43
C TYR G 183 -12.69 4.26 -53.94
N SER G 184 -13.33 4.31 -52.76
CA SER G 184 -13.64 5.56 -52.10
C SER G 184 -13.80 5.29 -50.60
N LEU G 185 -13.35 6.24 -49.79
CA LEU G 185 -13.56 6.18 -48.34
C LEU G 185 -13.59 7.59 -47.77
N SER G 186 -14.10 7.71 -46.54
CA SER G 186 -13.98 8.92 -45.76
C SER G 186 -13.16 8.66 -44.51
N SER G 187 -12.44 9.68 -44.07
CA SER G 187 -11.82 9.68 -42.75
C SER G 187 -12.38 10.86 -41.96
N VAL G 188 -12.88 10.57 -40.77
CA VAL G 188 -13.54 11.58 -39.94
C VAL G 188 -12.85 11.62 -38.58
N VAL G 189 -12.98 12.78 -37.92
CA VAL G 189 -12.38 13.01 -36.62
C VAL G 189 -13.24 14.03 -35.87
N THR G 190 -13.28 13.88 -34.55
CA THR G 190 -13.98 14.82 -33.67
C THR G 190 -12.95 15.67 -32.92
N VAL G 191 -13.25 16.96 -32.81
CA VAL G 191 -12.36 17.92 -32.16
C VAL G 191 -13.20 18.87 -31.33
N PRO G 192 -12.56 19.60 -30.41
CA PRO G 192 -13.28 20.64 -29.66
C PRO G 192 -13.82 21.72 -30.61
N SER G 193 -15.09 22.09 -30.40
CA SER G 193 -15.66 23.20 -31.16
C SER G 193 -14.83 24.46 -31.01
N SER G 194 -14.37 24.74 -29.79
CA SER G 194 -13.61 25.96 -29.53
C SER G 194 -12.29 26.01 -30.28
N SER G 195 -11.78 24.86 -30.73
CA SER G 195 -10.50 24.81 -31.41
C SER G 195 -10.57 25.22 -32.88
N LEU G 196 -11.77 25.36 -33.44
CA LEU G 196 -11.89 25.59 -34.88
C LEU G 196 -11.28 26.92 -35.30
N GLY G 197 -11.28 27.90 -34.41
CA GLY G 197 -10.73 29.20 -34.77
C GLY G 197 -9.21 29.22 -34.84
N THR G 198 -8.55 28.47 -33.95
CA THR G 198 -7.10 28.58 -33.79
C THR G 198 -6.31 27.38 -34.31
N GLN G 199 -6.91 26.20 -34.34
CA GLN G 199 -6.24 24.98 -34.79
C GLN G 199 -6.59 24.72 -36.26
N THR G 200 -5.57 24.53 -37.08
CA THR G 200 -5.75 24.07 -38.45
C THR G 200 -5.78 22.55 -38.49
N TYR G 201 -6.80 21.99 -39.14
CA TYR G 201 -6.92 20.54 -39.27
C TYR G 201 -6.64 20.14 -40.71
N ILE G 202 -5.65 19.27 -40.89
CA ILE G 202 -5.15 18.87 -42.20
C ILE G 202 -5.21 17.36 -42.28
N CYS G 203 -5.83 16.84 -43.34
CA CYS G 203 -5.79 15.41 -43.61
C CYS G 203 -4.70 15.12 -44.62
N ASN G 204 -3.74 14.29 -44.22
CA ASN G 204 -2.63 13.89 -45.09
C ASN G 204 -3.04 12.58 -45.76
N VAL G 205 -3.32 12.64 -47.05
CA VAL G 205 -3.72 11.47 -47.83
C VAL G 205 -2.55 11.09 -48.72
N ASN G 206 -2.18 9.82 -48.72
CA ASN G 206 -1.07 9.33 -49.53
C ASN G 206 -1.49 8.06 -50.24
N HIS G 207 -1.41 8.06 -51.57
CA HIS G 207 -1.69 6.91 -52.40
C HIS G 207 -0.41 6.65 -53.20
N LYS G 208 0.43 5.77 -52.68
CA LYS G 208 1.74 5.53 -53.30
C LYS G 208 1.65 5.01 -54.73
N PRO G 209 0.72 4.12 -55.10
CA PRO G 209 0.70 3.65 -56.50
C PRO G 209 0.68 4.76 -57.53
N SER G 210 0.12 5.92 -57.20
CA SER G 210 0.12 7.06 -58.10
C SER G 210 1.05 8.18 -57.64
N ASN G 211 1.82 7.96 -56.56
CA ASN G 211 2.69 8.99 -55.98
C ASN G 211 1.91 10.26 -55.68
N THR G 212 0.69 10.08 -55.19
CA THR G 212 -0.15 11.19 -54.82
C THR G 212 0.05 11.43 -53.33
N LYS G 213 0.48 12.64 -52.98
CA LYS G 213 0.54 13.09 -51.60
C LYS G 213 -0.22 14.40 -51.56
N VAL G 214 -1.33 14.41 -50.85
CA VAL G 214 -2.21 15.56 -50.72
C VAL G 214 -2.32 15.89 -49.25
N ASP G 215 -2.12 17.16 -48.90
CA ASP G 215 -2.36 17.66 -47.56
C ASP G 215 -3.51 18.67 -47.63
N LYS G 216 -4.70 18.26 -47.19
CA LYS G 216 -5.89 19.08 -47.40
C LYS G 216 -6.33 19.68 -46.06
N LYS G 217 -6.28 21.00 -45.98
CA LYS G 217 -6.77 21.71 -44.81
C LYS G 217 -8.30 21.70 -44.83
N VAL G 218 -8.89 21.31 -43.71
CA VAL G 218 -10.34 21.24 -43.56
C VAL G 218 -10.82 22.44 -42.73
N GLU G 219 -11.43 23.45 -43.43
CA GLU G 219 -11.91 24.69 -42.85
C GLU G 219 -13.41 24.61 -42.61
N PRO G 220 -13.92 25.27 -41.57
CA PRO G 220 -15.37 25.27 -41.37
C PRO G 220 -16.09 26.10 -42.43
N ASP H 1 1.98 -32.43 -43.43
CA ASP H 1 1.27 -31.30 -42.85
C ASP H 1 0.07 -31.74 -42.03
N ILE H 2 -0.37 -30.88 -41.11
CA ILE H 2 -1.58 -31.18 -40.35
C ILE H 2 -2.59 -30.08 -40.53
N GLN H 3 -3.71 -30.22 -39.83
CA GLN H 3 -4.78 -29.24 -39.80
C GLN H 3 -5.04 -28.83 -38.36
N LEU H 4 -5.04 -27.52 -38.12
CA LEU H 4 -5.42 -26.95 -36.84
C LEU H 4 -6.80 -26.34 -36.97
N THR H 5 -7.66 -26.60 -36.01
CA THR H 5 -8.96 -25.94 -35.94
C THR H 5 -9.05 -25.18 -34.62
N GLN H 6 -9.94 -24.21 -34.55
CA GLN H 6 -10.12 -23.44 -33.33
C GLN H 6 -11.60 -23.34 -32.95
N SER H 7 -11.86 -23.25 -31.65
CA SER H 7 -13.23 -23.13 -31.14
C SER H 7 -13.25 -22.19 -29.95
N PRO H 8 -14.21 -21.27 -29.87
CA PRO H 8 -15.16 -20.94 -30.94
C PRO H 8 -14.48 -20.31 -32.14
N SER H 9 -15.24 -20.20 -33.23
CA SER H 9 -14.78 -19.45 -34.38
C SER H 9 -15.01 -17.95 -34.19
N PHE H 10 -16.07 -17.58 -33.49
CA PHE H 10 -16.43 -16.19 -33.21
C PHE H 10 -17.08 -16.15 -31.84
N LEU H 11 -16.78 -15.11 -31.07
CA LEU H 11 -17.47 -14.98 -29.80
C LEU H 11 -17.58 -13.51 -29.42
N SER H 12 -18.61 -13.20 -28.63
CA SER H 12 -18.81 -11.87 -28.08
C SER H 12 -18.88 -12.00 -26.55
N ALA H 13 -18.08 -11.19 -25.85
CA ALA H 13 -18.05 -11.25 -24.39
C ALA H 13 -17.79 -9.84 -23.86
N SER H 14 -18.15 -9.64 -22.59
CA SER H 14 -18.07 -8.34 -21.94
C SER H 14 -16.70 -8.10 -21.32
N VAL H 15 -16.40 -6.81 -21.10
CA VAL H 15 -15.17 -6.46 -20.42
C VAL H 15 -15.19 -7.09 -19.04
N GLY H 16 -14.09 -7.74 -18.66
CA GLY H 16 -14.00 -8.43 -17.39
C GLY H 16 -14.35 -9.90 -17.43
N ASP H 17 -14.88 -10.39 -18.55
CA ASP H 17 -15.26 -11.79 -18.65
C ASP H 17 -14.06 -12.69 -18.89
N ARG H 18 -14.23 -13.97 -18.52
CA ARG H 18 -13.26 -15.02 -18.82
C ARG H 18 -13.62 -15.61 -20.18
N VAL H 19 -12.62 -15.77 -21.06
CA VAL H 19 -12.85 -16.27 -22.40
C VAL H 19 -11.83 -17.38 -22.65
N THR H 20 -12.29 -18.49 -23.19
CA THR H 20 -11.40 -19.62 -23.45
C THR H 20 -11.52 -20.02 -24.91
N ILE H 21 -10.37 -20.16 -25.57
CA ILE H 21 -10.30 -20.56 -26.97
C ILE H 21 -9.48 -21.84 -27.07
N THR H 22 -9.92 -22.76 -27.92
CA THR H 22 -9.29 -24.06 -28.05
C THR H 22 -8.65 -24.20 -29.43
N CYS H 23 -7.48 -24.82 -29.43
CA CYS H 23 -6.74 -25.17 -30.63
C CYS H 23 -6.67 -26.69 -30.69
N ARG H 24 -7.15 -27.28 -31.78
CA ARG H 24 -7.18 -28.73 -31.95
C ARG H 24 -6.36 -29.12 -33.18
N ALA H 25 -5.42 -30.04 -33.02
CA ALA H 25 -4.59 -30.51 -34.12
C ALA H 25 -5.14 -31.81 -34.69
N SER H 26 -5.12 -31.92 -36.02
CA SER H 26 -5.61 -33.16 -36.64
C SER H 26 -4.71 -34.34 -36.29
N GLN H 27 -3.41 -34.09 -36.16
CA GLN H 27 -2.44 -35.08 -35.72
C GLN H 27 -1.62 -34.45 -34.61
N ASP H 28 -1.19 -35.29 -33.67
CA ASP H 28 -0.45 -34.84 -32.50
C ASP H 28 1.02 -34.80 -32.88
N ILE H 29 1.51 -33.64 -33.30
CA ILE H 29 2.87 -33.51 -33.81
C ILE H 29 3.79 -32.90 -32.78
N SER H 30 3.33 -31.89 -32.05
CA SER H 30 4.17 -31.11 -31.17
C SER H 30 3.50 -30.89 -29.82
N SER H 31 4.29 -30.88 -28.77
CA SER H 31 3.80 -30.51 -27.45
C SER H 31 3.77 -29.01 -27.25
N TYR H 32 4.16 -28.23 -28.27
CA TYR H 32 4.26 -26.78 -28.17
C TYR H 32 3.21 -26.12 -29.05
N VAL H 33 2.60 -25.05 -28.53
CA VAL H 33 1.69 -24.21 -29.31
C VAL H 33 2.08 -22.76 -29.07
N ALA H 34 1.77 -21.92 -30.05
CA ALA H 34 1.85 -20.48 -29.87
C ALA H 34 0.55 -19.84 -30.35
N TRP H 35 0.22 -18.71 -29.74
CA TRP H 35 -0.96 -17.93 -30.05
C TRP H 35 -0.56 -16.53 -30.49
N TYR H 36 -1.19 -16.05 -31.56
CA TYR H 36 -0.97 -14.71 -32.08
C TYR H 36 -2.25 -13.90 -31.98
N GLN H 37 -2.10 -12.62 -31.69
CA GLN H 37 -3.21 -11.70 -31.65
C GLN H 37 -3.10 -10.77 -32.85
N GLN H 38 -4.15 -10.65 -33.65
CA GLN H 38 -4.13 -9.75 -34.80
C GLN H 38 -5.22 -8.71 -34.67
N LYS H 39 -4.82 -7.47 -34.41
CA LYS H 39 -5.71 -6.32 -34.37
C LYS H 39 -5.91 -5.77 -35.79
N PRO H 40 -7.02 -5.04 -36.01
CA PRO H 40 -7.32 -4.53 -37.36
C PRO H 40 -6.17 -3.74 -37.96
N GLY H 41 -5.86 -4.05 -39.22
CA GLY H 41 -4.83 -3.33 -39.94
C GLY H 41 -3.40 -3.62 -39.53
N ASN H 42 -3.15 -4.65 -38.72
CA ASN H 42 -1.81 -4.97 -38.30
C ASN H 42 -1.47 -6.42 -38.61
N ALA H 43 -0.16 -6.70 -38.64
CA ALA H 43 0.32 -8.06 -38.71
C ALA H 43 -0.03 -8.79 -37.41
N PRO H 44 -0.07 -10.13 -37.44
CA PRO H 44 -0.22 -10.86 -36.18
C PRO H 44 0.97 -10.61 -35.27
N LYS H 45 0.71 -10.63 -33.96
CA LYS H 45 1.74 -10.41 -32.95
C LYS H 45 1.72 -11.59 -31.99
N LEU H 46 2.90 -12.12 -31.67
CA LEU H 46 2.99 -13.25 -30.75
C LEU H 46 2.45 -12.85 -29.38
N LEU H 47 1.52 -13.67 -28.88
CA LEU H 47 0.88 -13.41 -27.60
C LEU H 47 1.49 -14.26 -26.49
N ILE H 48 1.47 -15.60 -26.64
CA ILE H 48 2.10 -16.50 -25.68
C ILE H 48 2.54 -17.74 -26.44
N SER H 49 3.51 -18.44 -25.88
CA SER H 49 3.95 -19.74 -26.38
C SER H 49 4.03 -20.70 -25.20
N SER H 50 3.61 -21.94 -25.40
CA SER H 50 3.66 -22.91 -24.30
C SER H 50 5.09 -23.32 -23.95
N ALA H 51 6.07 -22.97 -24.79
CA ALA H 51 7.45 -23.31 -24.50
C ALA H 51 8.04 -22.45 -23.39
N SER H 52 7.58 -21.21 -23.26
CA SER H 52 8.08 -20.33 -22.22
C SER H 52 7.23 -20.45 -20.95
N SER H 60 -0.67 -10.90 -17.48
CA SER H 60 -0.95 -12.09 -16.70
C SER H 60 -2.37 -12.54 -17.00
N ARG H 61 -3.04 -11.77 -17.87
CA ARG H 61 -4.38 -12.10 -18.29
C ARG H 61 -4.42 -13.28 -19.25
N PHE H 62 -3.34 -13.55 -19.99
CA PHE H 62 -3.30 -14.62 -20.96
C PHE H 62 -2.51 -15.81 -20.43
N SER H 63 -3.12 -17.00 -20.48
CA SER H 63 -2.45 -18.20 -20.04
C SER H 63 -2.86 -19.36 -20.94
N GLY H 64 -2.08 -20.43 -20.89
CA GLY H 64 -2.32 -21.58 -21.75
C GLY H 64 -2.41 -22.86 -20.95
N SER H 65 -3.21 -23.79 -21.46
CA SER H 65 -3.37 -25.05 -20.78
C SER H 65 -3.71 -26.11 -21.82
N ARG H 66 -4.08 -27.31 -21.34
CA ARG H 66 -4.44 -28.41 -22.22
C ARG H 66 -5.76 -29.02 -21.78
N SER H 67 -6.48 -29.56 -22.77
CA SER H 67 -7.72 -30.31 -22.54
C SER H 67 -7.66 -31.45 -23.55
N GLY H 68 -7.46 -32.68 -23.06
CA GLY H 68 -7.06 -33.74 -23.95
C GLY H 68 -5.76 -33.35 -24.64
N THR H 69 -5.69 -33.61 -25.94
CA THR H 69 -4.56 -33.15 -26.74
C THR H 69 -4.71 -31.72 -27.21
N ASP H 70 -5.87 -31.10 -26.98
CA ASP H 70 -6.09 -29.72 -27.39
C ASP H 70 -5.24 -28.76 -26.55
N PHE H 71 -5.01 -27.58 -27.10
CA PHE H 71 -4.36 -26.47 -26.40
C PHE H 71 -5.39 -25.40 -26.18
N THR H 72 -5.37 -24.81 -24.99
CA THR H 72 -6.35 -23.82 -24.60
C THR H 72 -5.65 -22.49 -24.31
N LEU H 73 -6.25 -21.40 -24.78
CA LEU H 73 -5.83 -20.03 -24.46
C LEU H 73 -6.93 -19.41 -23.61
N THR H 74 -6.56 -18.90 -22.44
CA THR H 74 -7.52 -18.29 -21.56
C THR H 74 -7.18 -16.82 -21.37
N ILE H 75 -8.17 -15.96 -21.60
CA ILE H 75 -8.08 -14.56 -21.23
C ILE H 75 -8.89 -14.45 -19.94
N SER H 76 -8.20 -14.16 -18.84
CA SER H 76 -8.86 -14.28 -17.55
C SER H 76 -9.86 -13.14 -17.32
N SER H 77 -9.61 -11.98 -17.93
CA SER H 77 -10.45 -10.80 -17.76
C SER H 77 -10.32 -9.99 -19.03
N LEU H 78 -11.32 -10.09 -19.90
CA LEU H 78 -11.26 -9.46 -21.21
C LEU H 78 -11.21 -7.93 -21.10
N GLN H 79 -10.29 -7.31 -21.88
CA GLN H 79 -10.13 -5.87 -21.97
C GLN H 79 -10.61 -5.36 -23.32
N PRO H 80 -11.03 -4.09 -23.41
CA PRO H 80 -11.47 -3.56 -24.71
C PRO H 80 -10.42 -3.71 -25.80
N GLU H 81 -9.14 -3.56 -25.44
CA GLU H 81 -8.08 -3.69 -26.42
C GLU H 81 -7.85 -5.12 -26.87
N ASP H 82 -8.53 -6.10 -26.28
CA ASP H 82 -8.39 -7.49 -26.72
C ASP H 82 -9.23 -7.81 -27.95
N PHE H 83 -10.03 -6.88 -28.42
CA PHE H 83 -10.73 -7.05 -29.69
C PHE H 83 -9.73 -7.39 -30.79
N ALA H 84 -9.88 -8.57 -31.38
CA ALA H 84 -8.83 -9.11 -32.25
C ALA H 84 -9.28 -10.47 -32.78
N THR H 85 -8.55 -10.96 -33.77
CA THR H 85 -8.64 -12.36 -34.16
C THR H 85 -7.40 -13.06 -33.65
N TYR H 86 -7.60 -14.21 -33.03
CA TYR H 86 -6.53 -14.95 -32.37
C TYR H 86 -6.26 -16.21 -33.17
N TYR H 87 -4.97 -16.50 -33.41
CA TYR H 87 -4.58 -17.66 -34.20
C TYR H 87 -3.62 -18.54 -33.40
N CYS H 88 -3.85 -19.86 -33.42
CA CYS H 88 -2.85 -20.75 -32.86
C CYS H 88 -1.95 -21.24 -33.98
N GLN H 89 -0.77 -21.74 -33.60
CA GLN H 89 0.28 -22.09 -34.55
C GLN H 89 1.15 -23.22 -33.99
N GLN H 90 1.42 -24.23 -34.83
CA GLN H 90 2.41 -25.27 -34.57
C GLN H 90 3.20 -25.45 -35.85
N LEU H 91 4.53 -25.28 -35.77
CA LEU H 91 5.40 -25.30 -36.95
C LEU H 91 4.84 -24.35 -38.02
N ASN H 92 4.77 -24.76 -39.30
CA ASN H 92 4.21 -23.98 -40.42
C ASN H 92 2.67 -23.92 -40.41
N ASN H 93 1.92 -24.33 -39.39
CA ASN H 93 0.49 -24.55 -39.48
C ASN H 93 -0.18 -23.48 -38.63
N PHE H 94 -1.20 -22.84 -39.18
CA PHE H 94 -2.02 -21.90 -38.43
C PHE H 94 -3.45 -22.41 -38.31
N GLY H 95 -4.07 -22.16 -37.16
CA GLY H 95 -5.51 -22.34 -37.04
C GLY H 95 -6.22 -21.29 -37.87
N PRO H 96 -7.52 -21.46 -38.07
CA PRO H 96 -8.28 -20.53 -38.93
C PRO H 96 -8.60 -19.21 -38.28
N GLY H 97 -8.32 -19.05 -36.99
CA GLY H 97 -8.62 -17.81 -36.30
C GLY H 97 -9.90 -17.84 -35.50
N THR H 98 -9.89 -17.13 -34.37
CA THR H 98 -11.05 -16.95 -33.51
C THR H 98 -11.22 -15.45 -33.33
N THR H 99 -12.35 -14.90 -33.74
CA THR H 99 -12.57 -13.46 -33.59
C THR H 99 -13.31 -13.20 -32.29
N VAL H 100 -12.77 -12.28 -31.50
CA VAL H 100 -13.33 -11.95 -30.20
C VAL H 100 -13.88 -10.54 -30.30
N ASP H 101 -15.20 -10.41 -30.20
CA ASP H 101 -15.90 -9.14 -30.19
C ASP H 101 -16.24 -8.79 -28.74
N ILE H 102 -16.29 -7.48 -28.45
CA ILE H 102 -16.55 -7.01 -27.10
C ILE H 102 -18.00 -6.58 -27.00
N LYS H 103 -18.69 -7.08 -25.99
CA LYS H 103 -20.06 -6.70 -25.72
C LYS H 103 -20.02 -5.54 -24.73
N ARG H 104 -20.74 -4.49 -25.08
CA ARG H 104 -20.81 -3.19 -24.41
C ARG H 104 -22.22 -2.91 -23.96
N THR H 105 -22.34 -1.82 -23.21
CA THR H 105 -23.65 -1.29 -22.92
C THR H 105 -24.15 -0.63 -24.21
N VAL H 106 -25.47 -0.53 -24.34
CA VAL H 106 -26.00 0.08 -25.56
C VAL H 106 -25.53 1.53 -25.60
N ALA H 107 -25.12 1.98 -26.79
CA ALA H 107 -24.74 3.37 -27.00
C ALA H 107 -25.40 3.87 -28.27
N ALA H 108 -26.20 4.93 -28.16
CA ALA H 108 -26.86 5.50 -29.33
C ALA H 108 -25.83 6.17 -30.24
N PRO H 109 -26.01 6.09 -31.55
CA PRO H 109 -25.11 6.84 -32.44
C PRO H 109 -25.36 8.33 -32.35
N SER H 110 -24.29 9.09 -32.53
CA SER H 110 -24.40 10.50 -32.85
C SER H 110 -24.40 10.64 -34.37
N VAL H 111 -25.41 11.30 -34.92
CA VAL H 111 -25.63 11.31 -36.36
C VAL H 111 -25.33 12.70 -36.88
N PHE H 112 -24.49 12.77 -37.91
CA PHE H 112 -24.09 14.00 -38.56
C PHE H 112 -24.22 13.83 -40.06
N ILE H 113 -24.55 14.91 -40.75
CA ILE H 113 -24.67 14.87 -42.20
C ILE H 113 -23.80 15.95 -42.81
N PHE H 114 -23.15 15.62 -43.91
CA PHE H 114 -22.20 16.49 -44.60
C PHE H 114 -22.67 16.66 -46.03
N PRO H 115 -23.11 17.85 -46.44
CA PRO H 115 -23.41 18.07 -47.85
C PRO H 115 -22.14 17.99 -48.68
N PRO H 116 -22.26 17.85 -50.01
CA PRO H 116 -21.05 17.77 -50.83
C PRO H 116 -20.25 19.06 -50.75
N SER H 117 -18.94 18.92 -50.90
CA SER H 117 -18.12 20.12 -50.87
C SER H 117 -18.32 20.91 -52.16
N ASP H 118 -18.00 22.20 -52.08
CA ASP H 118 -18.04 23.05 -53.27
C ASP H 118 -17.06 22.55 -54.32
N GLU H 119 -15.89 22.06 -53.88
CA GLU H 119 -14.85 21.61 -54.81
C GLU H 119 -15.30 20.35 -55.54
N GLN H 120 -15.93 19.41 -54.83
CA GLN H 120 -16.45 18.22 -55.49
C GLN H 120 -17.52 18.58 -56.52
N LEU H 121 -18.44 19.49 -56.16
CA LEU H 121 -19.46 19.87 -57.14
C LEU H 121 -18.84 20.36 -58.44
N LYS H 122 -17.67 21.01 -58.35
CA LYS H 122 -16.95 21.46 -59.54
C LYS H 122 -16.64 20.28 -60.45
N SER H 123 -16.25 19.16 -59.86
CA SER H 123 -15.89 17.95 -60.59
C SER H 123 -17.09 17.30 -61.28
N GLY H 124 -18.30 17.76 -60.98
CA GLY H 124 -19.48 17.18 -61.58
C GLY H 124 -20.15 16.06 -60.83
N THR H 125 -19.75 15.79 -59.59
CA THR H 125 -20.37 14.75 -58.79
C THR H 125 -20.62 15.30 -57.39
N ALA H 126 -21.51 14.62 -56.66
CA ALA H 126 -21.90 15.07 -55.32
C ALA H 126 -22.02 13.87 -54.41
N SER H 127 -21.25 13.88 -53.33
CA SER H 127 -21.34 12.87 -52.28
C SER H 127 -21.85 13.53 -51.02
N VAL H 128 -22.97 13.03 -50.51
CA VAL H 128 -23.49 13.43 -49.21
C VAL H 128 -23.17 12.34 -48.21
N VAL H 129 -22.53 12.69 -47.11
CA VAL H 129 -22.05 11.70 -46.16
C VAL H 129 -22.85 11.82 -44.86
N CYS H 130 -23.43 10.72 -44.44
CA CYS H 130 -24.09 10.60 -43.14
C CYS H 130 -23.21 9.76 -42.23
N LEU H 131 -22.90 10.29 -41.06
CA LEU H 131 -22.01 9.66 -40.09
C LEU H 131 -22.80 9.19 -38.89
N LEU H 132 -22.65 7.92 -38.54
CA LEU H 132 -23.14 7.38 -37.27
C LEU H 132 -21.89 7.15 -36.43
N ASN H 133 -21.69 7.96 -35.40
CA ASN H 133 -20.43 7.94 -34.66
C ASN H 133 -20.62 7.31 -33.29
N ASN H 134 -19.82 6.28 -33.01
CA ASN H 134 -19.62 5.73 -31.66
C ASN H 134 -20.90 5.13 -31.08
N PHE H 135 -21.34 4.03 -31.70
CA PHE H 135 -22.55 3.35 -31.25
C PHE H 135 -22.29 1.87 -31.00
N TYR H 136 -23.26 1.23 -30.34
CA TYR H 136 -23.23 -0.19 -30.02
C TYR H 136 -24.64 -0.61 -29.61
N PRO H 137 -25.20 -1.70 -30.16
CA PRO H 137 -24.50 -2.68 -31.01
C PRO H 137 -24.36 -2.26 -32.46
N ARG H 138 -23.73 -3.15 -33.25
CA ARG H 138 -23.43 -2.84 -34.64
C ARG H 138 -24.69 -2.69 -35.49
N GLU H 139 -25.78 -3.36 -35.11
CA GLU H 139 -27.01 -3.27 -35.89
C GLU H 139 -27.44 -1.82 -35.98
N ALA H 140 -27.60 -1.35 -37.20
CA ALA H 140 -28.13 -0.02 -37.46
C ALA H 140 -28.73 -0.03 -38.85
N LYS H 141 -29.86 0.66 -39.00
CA LYS H 141 -30.52 0.86 -40.29
C LYS H 141 -30.43 2.35 -40.63
N VAL H 142 -29.91 2.64 -41.83
CA VAL H 142 -29.77 4.01 -42.30
C VAL H 142 -30.61 4.18 -43.56
N GLN H 143 -31.55 5.12 -43.49
CA GLN H 143 -32.52 5.36 -44.57
C GLN H 143 -32.35 6.77 -45.11
N TRP H 144 -32.06 6.86 -46.40
CA TRP H 144 -32.00 8.15 -47.06
C TRP H 144 -33.39 8.52 -47.59
N LYS H 145 -33.88 9.69 -47.20
CA LYS H 145 -35.09 10.23 -47.81
C LYS H 145 -34.75 11.60 -48.37
N VAL H 146 -35.05 11.78 -49.67
CA VAL H 146 -34.71 12.97 -50.43
C VAL H 146 -36.02 13.57 -50.94
N ASP H 147 -36.31 14.80 -50.51
CA ASP H 147 -37.61 15.45 -50.69
C ASP H 147 -38.73 14.60 -50.10
N ASN H 148 -38.44 14.02 -48.94
CA ASN H 148 -39.34 13.18 -48.17
C ASN H 148 -39.79 11.94 -48.95
N ALA H 149 -38.94 11.40 -49.82
CA ALA H 149 -39.26 10.14 -50.46
C ALA H 149 -38.16 9.14 -50.14
N LEU H 150 -38.56 7.90 -49.85
CA LEU H 150 -37.57 6.87 -49.56
C LEU H 150 -36.83 6.59 -50.88
N GLN H 151 -35.53 6.28 -50.78
CA GLN H 151 -34.70 6.06 -51.96
C GLN H 151 -33.90 4.76 -51.94
N SER H 152 -33.38 4.44 -53.13
CA SER H 152 -32.70 3.18 -53.34
C SER H 152 -31.60 3.22 -54.38
N GLY H 153 -30.61 2.35 -54.17
CA GLY H 153 -29.54 2.03 -55.09
C GLY H 153 -28.40 3.00 -55.26
N ASN H 154 -28.40 4.15 -54.57
CA ASN H 154 -27.31 5.09 -54.78
C ASN H 154 -26.39 5.30 -53.58
N SER H 155 -26.55 4.53 -52.52
CA SER H 155 -25.74 4.73 -51.33
C SER H 155 -24.91 3.48 -51.01
N GLN H 156 -23.87 3.68 -50.22
CA GLN H 156 -22.97 2.61 -49.82
C GLN H 156 -22.59 2.82 -48.36
N GLU H 157 -22.53 1.74 -47.59
CA GLU H 157 -22.20 1.80 -46.17
C GLU H 157 -20.80 1.23 -45.93
N SER H 158 -20.07 1.87 -45.03
CA SER H 158 -18.83 1.35 -44.51
C SER H 158 -18.84 1.48 -42.98
N VAL H 159 -18.31 0.47 -42.29
CA VAL H 159 -18.36 0.40 -40.83
C VAL H 159 -16.94 0.16 -40.33
N THR H 160 -16.52 0.92 -39.32
CA THR H 160 -15.23 0.68 -38.71
C THR H 160 -15.23 -0.62 -37.91
N GLU H 161 -14.03 -1.12 -37.63
CA GLU H 161 -13.89 -2.18 -36.64
C GLU H 161 -14.17 -1.61 -35.25
N GLN H 162 -14.53 -2.50 -34.33
CA GLN H 162 -14.81 -2.10 -32.95
C GLN H 162 -13.63 -1.30 -32.38
N ASP H 163 -13.95 -0.20 -31.71
CA ASP H 163 -12.89 0.67 -31.22
C ASP H 163 -12.14 0.01 -30.07
N SER H 164 -10.81 0.15 -30.07
CA SER H 164 -9.98 -0.56 -29.11
C SER H 164 -10.09 0.01 -27.69
N LYS H 165 -10.64 1.20 -27.53
CA LYS H 165 -10.78 1.80 -26.22
C LYS H 165 -12.20 1.81 -25.69
N ASP H 166 -13.19 2.17 -26.50
CA ASP H 166 -14.57 2.20 -26.02
C ASP H 166 -15.47 1.16 -26.67
N SER H 167 -14.93 0.30 -27.53
CA SER H 167 -15.65 -0.83 -28.12
C SER H 167 -16.88 -0.43 -28.91
N THR H 168 -16.94 0.80 -29.42
CA THR H 168 -18.05 1.22 -30.26
C THR H 168 -17.69 1.05 -31.73
N TYR H 169 -18.70 1.18 -32.57
CA TYR H 169 -18.57 1.25 -34.02
C TYR H 169 -18.86 2.67 -34.49
N SER H 170 -18.36 2.97 -35.68
CA SER H 170 -18.84 4.12 -36.45
C SER H 170 -19.15 3.64 -37.87
N LEU H 171 -20.08 4.33 -38.52
CA LEU H 171 -20.60 3.88 -39.80
C LEU H 171 -20.78 5.09 -40.70
N SER H 172 -20.36 4.96 -41.95
CA SER H 172 -20.64 5.99 -42.95
C SER H 172 -21.66 5.44 -43.93
N SER H 173 -22.64 6.26 -44.29
CA SER H 173 -23.53 5.99 -45.42
C SER H 173 -23.37 7.15 -46.38
N THR H 174 -22.91 6.85 -47.59
CA THR H 174 -22.57 7.87 -48.56
C THR H 174 -23.47 7.75 -49.77
N LEU H 175 -24.26 8.78 -50.01
CA LEU H 175 -25.09 8.90 -51.22
C LEU H 175 -24.26 9.62 -52.29
N THR H 176 -23.98 8.93 -53.38
CA THR H 176 -23.13 9.48 -54.44
C THR H 176 -23.96 9.62 -55.70
N LEU H 177 -24.06 10.86 -56.21
CA LEU H 177 -24.81 11.17 -57.41
C LEU H 177 -24.00 12.07 -58.33
N SER H 178 -24.42 12.12 -59.59
CA SER H 178 -23.99 13.21 -60.46
C SER H 178 -24.43 14.54 -59.86
N LYS H 179 -23.65 15.59 -60.13
CA LYS H 179 -24.07 16.91 -59.72
C LYS H 179 -25.45 17.25 -60.28
N ALA H 180 -25.73 16.80 -61.50
CA ALA H 180 -27.04 17.03 -62.11
C ALA H 180 -28.15 16.38 -61.29
N ASP H 181 -27.95 15.14 -60.86
CA ASP H 181 -29.00 14.46 -60.09
C ASP H 181 -29.15 15.05 -58.70
N TYR H 182 -28.04 15.46 -58.08
CA TYR H 182 -28.12 16.13 -56.78
C TYR H 182 -28.96 17.41 -56.84
N GLU H 183 -28.77 18.21 -57.89
CA GLU H 183 -29.49 19.48 -58.03
C GLU H 183 -30.98 19.30 -58.32
N LYS H 184 -31.41 18.09 -58.67
CA LYS H 184 -32.81 17.80 -58.92
C LYS H 184 -33.68 17.85 -57.67
N HIS H 185 -33.10 17.71 -56.47
CA HIS H 185 -33.90 17.67 -55.25
C HIS H 185 -33.42 18.70 -54.23
N LYS H 186 -34.27 18.99 -53.24
CA LYS H 186 -33.98 20.00 -52.22
C LYS H 186 -33.58 19.51 -50.83
N VAL H 187 -34.36 18.64 -50.20
CA VAL H 187 -34.09 18.20 -48.84
C VAL H 187 -33.40 16.84 -48.84
N TYR H 188 -32.21 16.78 -48.26
CA TYR H 188 -31.46 15.54 -48.16
C TYR H 188 -31.43 15.14 -46.69
N ALA H 189 -31.99 13.97 -46.39
CA ALA H 189 -32.21 13.55 -45.01
C ALA H 189 -31.65 12.15 -44.79
N CYS H 190 -30.99 11.97 -43.65
CA CYS H 190 -30.48 10.68 -43.21
C CYS H 190 -31.26 10.25 -41.97
N GLU H 191 -32.02 9.17 -42.08
CA GLU H 191 -32.87 8.68 -40.99
C GLU H 191 -32.28 7.41 -40.42
N VAL H 192 -31.97 7.44 -39.12
CA VAL H 192 -31.20 6.40 -38.45
C VAL H 192 -32.08 5.73 -37.40
N THR H 193 -32.14 4.41 -37.42
CA THR H 193 -32.83 3.64 -36.39
C THR H 193 -31.83 2.72 -35.68
N HIS H 194 -31.89 2.70 -34.35
CA HIS H 194 -30.91 1.99 -33.53
C HIS H 194 -31.51 1.75 -32.16
N GLN H 195 -31.02 0.68 -31.50
CA GLN H 195 -31.54 0.31 -30.18
C GLN H 195 -31.36 1.40 -29.15
N GLY H 196 -30.29 2.19 -29.24
CA GLY H 196 -30.04 3.25 -28.28
C GLY H 196 -30.93 4.47 -28.43
N LEU H 197 -31.76 4.53 -29.47
CA LEU H 197 -32.60 5.69 -29.77
C LEU H 197 -34.07 5.40 -29.44
N SER H 198 -34.71 6.35 -28.74
CA SER H 198 -36.13 6.18 -28.42
C SER H 198 -36.98 6.08 -29.69
N SER H 199 -36.72 6.94 -30.65
CA SER H 199 -37.39 6.96 -31.95
C SER H 199 -36.35 7.35 -32.97
N PRO H 200 -36.55 6.98 -34.24
CA PRO H 200 -35.51 7.24 -35.25
C PRO H 200 -35.14 8.73 -35.28
N VAL H 201 -33.85 8.99 -35.45
CA VAL H 201 -33.32 10.34 -35.57
C VAL H 201 -33.08 10.63 -37.05
N THR H 202 -33.50 11.82 -37.48
CA THR H 202 -33.29 12.27 -38.86
C THR H 202 -32.45 13.54 -38.83
N LYS H 203 -31.35 13.52 -39.58
CA LYS H 203 -30.51 14.69 -39.78
C LYS H 203 -30.65 15.09 -41.24
N SER H 204 -30.84 16.39 -41.51
CA SER H 204 -31.11 16.81 -42.88
C SER H 204 -30.58 18.21 -43.12
N PHE H 205 -30.55 18.58 -44.40
CA PHE H 205 -30.18 19.92 -44.82
C PHE H 205 -30.90 20.24 -46.12
N ASN H 206 -30.92 21.52 -46.46
CA ASN H 206 -31.48 22.00 -47.72
C ASN H 206 -30.35 22.34 -48.68
N ARG H 207 -30.41 21.77 -49.90
CA ARG H 207 -29.33 21.91 -50.88
C ARG H 207 -28.87 23.35 -51.04
N GLY H 208 -29.81 24.30 -51.04
CA GLY H 208 -29.46 25.70 -51.20
C GLY H 208 -28.59 26.25 -50.09
#